data_3R7L
#
_entry.id   3R7L
#
_cell.length_a   189.649
_cell.length_b   141.432
_cell.length_c   114.829
_cell.angle_alpha   90.000
_cell.angle_beta   109.960
_cell.angle_gamma   90.000
#
_symmetry.space_group_name_H-M   'C 1 2 1'
#
loop_
_entity.id
_entity.type
_entity.pdbx_description
1 polymer 'Aspartate carbamoyltransferase'
2 non-polymer 'N-(PHOSPHONACETYL)-L-ASPARTIC ACID'
3 non-polymer 'PHOSPHATE ION'
4 water water
#
_entity_poly.entity_id   1
_entity_poly.type   'polypeptide(L)'
_entity_poly.pdbx_seq_one_letter_code
;MKHLTTMSELSTEEIKDLLQTAQELKSGKTDNQLTGKFAANLFFEPSTRTRFSFEVAEKKLGMNVLNLDGTSTSVQKGET
LYDTIRTLESIGVDVCVIRHSEDEYYEELVSQVNIPILNAGDGCGQHPTQSLLDLMTIYEEFNTFKGLTVSIHGDIKHSR
VARSNAEVLTRLGARVLFSGPSEWQDEENTFGTYVSMDEAVESSDVVMLLRIQNERHQSAVSQEGYLNKYGLTVERAERM
KRHAIIMHPAPVNRGVEIDDSLVESEKSRIFKQMKNGVFIRMAVIQRALQTNVKRGEAAYVISH
;
_entity_poly.pdbx_strand_id   A,B,C,D,E,F
#
# COMPACT_ATOMS: atom_id res chain seq x y z
N MET A 1 -14.26 22.36 13.18
CA MET A 1 -14.44 21.61 14.42
C MET A 1 -15.88 21.67 14.90
N LYS A 2 -16.51 20.51 15.02
CA LYS A 2 -17.87 20.42 15.52
C LYS A 2 -18.01 19.29 16.51
N HIS A 3 -18.18 19.65 17.78
CA HIS A 3 -18.48 18.66 18.80
C HIS A 3 -19.83 18.01 18.53
N LEU A 4 -20.09 16.90 19.21
CA LEU A 4 -21.41 16.29 19.22
C LEU A 4 -21.70 15.79 20.63
N THR A 5 -22.41 16.60 21.39
CA THR A 5 -22.58 16.34 22.82
C THR A 5 -24.02 15.98 23.17
N THR A 6 -24.95 16.88 22.85
CA THR A 6 -26.36 16.65 23.15
C THR A 6 -27.19 16.75 21.88
N MET A 7 -28.15 15.84 21.74
CA MET A 7 -29.00 15.79 20.57
C MET A 7 -29.86 17.05 20.45
N SER A 8 -30.20 17.64 21.60
CA SER A 8 -31.08 18.80 21.63
C SER A 8 -30.45 20.06 21.01
N GLU A 9 -29.14 20.03 20.81
CA GLU A 9 -28.45 21.18 20.20
C GLU A 9 -28.08 20.90 18.76
N LEU A 10 -28.62 19.83 18.21
CA LEU A 10 -28.38 19.48 16.82
C LEU A 10 -29.58 19.88 15.98
N SER A 11 -29.37 20.81 15.05
CA SER A 11 -30.48 21.34 14.26
C SER A 11 -31.11 20.27 13.38
N THR A 12 -32.37 20.48 13.03
CA THR A 12 -33.07 19.57 12.13
C THR A 12 -32.31 19.45 10.81
N GLU A 13 -31.72 20.55 10.35
CA GLU A 13 -30.96 20.55 9.10
C GLU A 13 -29.72 19.69 9.20
N GLU A 14 -28.98 19.85 10.29
CA GLU A 14 -27.78 19.06 10.52
C GLU A 14 -28.11 17.57 10.62
N ILE A 15 -29.21 17.26 11.30
CA ILE A 15 -29.67 15.88 11.43
C ILE A 15 -29.91 15.26 10.05
N LYS A 16 -30.67 15.95 9.22
CA LYS A 16 -31.00 15.47 7.89
C LYS A 16 -29.74 15.25 7.06
N ASP A 17 -28.79 16.17 7.17
CA ASP A 17 -27.53 16.03 6.44
C ASP A 17 -26.74 14.81 6.90
N LEU A 18 -26.65 14.62 8.22
CA LEU A 18 -25.95 13.45 8.75
C LEU A 18 -26.59 12.15 8.29
N LEU A 19 -27.91 12.11 8.27
CA LEU A 19 -28.61 10.92 7.79
C LEU A 19 -28.33 10.66 6.30
N GLN A 20 -28.28 11.73 5.51
CA GLN A 20 -28.02 11.61 4.07
C GLN A 20 -26.59 11.13 3.82
N THR A 21 -25.64 11.73 4.54
CA THR A 21 -24.24 11.32 4.46
C THR A 21 -24.07 9.86 4.84
N ALA A 22 -24.78 9.45 5.90
CA ALA A 22 -24.72 8.08 6.37
C ALA A 22 -25.18 7.13 5.28
N GLN A 23 -26.26 7.51 4.58
CA GLN A 23 -26.81 6.69 3.52
C GLN A 23 -25.82 6.52 2.37
N GLU A 24 -25.15 7.62 2.02
CA GLU A 24 -24.15 7.59 0.96
C GLU A 24 -22.99 6.68 1.34
N LEU A 25 -22.53 6.81 2.59
CA LEU A 25 -21.42 5.99 3.08
C LEU A 25 -21.82 4.52 3.11
N LYS A 26 -23.07 4.28 3.47
CA LYS A 26 -23.61 2.92 3.54
C LYS A 26 -23.58 2.30 2.15
N SER A 27 -23.85 3.12 1.14
CA SER A 27 -23.93 2.65 -0.23
C SER A 27 -22.58 2.69 -0.94
N GLY A 28 -21.50 2.83 -0.17
CA GLY A 28 -20.16 2.65 -0.70
C GLY A 28 -19.30 3.89 -0.91
N LYS A 29 -19.88 5.07 -0.79
CA LYS A 29 -19.13 6.31 -0.97
C LYS A 29 -17.91 6.31 -0.05
N THR A 30 -16.78 6.79 -0.56
CA THR A 30 -15.55 6.83 0.22
C THR A 30 -14.61 7.91 -0.27
N ASP A 31 -13.67 8.30 0.60
CA ASP A 31 -12.57 9.17 0.20
C ASP A 31 -11.47 9.13 1.25
N ASN A 32 -10.31 9.68 0.92
CA ASN A 32 -9.14 9.59 1.79
C ASN A 32 -8.87 10.86 2.57
N GLN A 33 -9.90 11.69 2.73
CA GLN A 33 -9.76 12.96 3.45
C GLN A 33 -9.18 12.79 4.86
N LEU A 34 -9.51 11.67 5.50
CA LEU A 34 -9.16 11.46 6.90
C LEU A 34 -8.04 10.44 7.08
N THR A 35 -7.54 9.91 5.96
CA THR A 35 -6.53 8.86 6.02
C THR A 35 -5.29 9.30 6.79
N GLY A 36 -4.88 8.48 7.75
CA GLY A 36 -3.68 8.74 8.52
C GLY A 36 -3.89 9.63 9.74
N LYS A 37 -5.04 10.28 9.80
CA LYS A 37 -5.36 11.08 10.98
C LYS A 37 -5.61 10.16 12.17
N PHE A 38 -5.49 10.71 13.37
CA PHE A 38 -5.63 9.91 14.58
C PHE A 38 -6.96 10.17 15.29
N ALA A 39 -7.62 9.09 15.68
CA ALA A 39 -8.82 9.18 16.52
C ALA A 39 -8.56 8.45 17.83
N ALA A 40 -8.99 9.04 18.94
CA ALA A 40 -8.84 8.42 20.25
C ALA A 40 -10.20 8.05 20.83
N ASN A 41 -10.33 6.80 21.27
CA ASN A 41 -11.56 6.32 21.89
C ASN A 41 -11.38 6.16 23.40
N LEU A 42 -11.98 7.08 24.16
CA LEU A 42 -11.91 7.05 25.62
C LEU A 42 -13.20 6.49 26.22
N PHE A 43 -13.18 5.22 26.58
CA PHE A 43 -14.38 4.60 27.15
C PHE A 43 -14.22 4.26 28.63
N PHE A 44 -14.96 4.95 29.48
CA PHE A 44 -14.89 4.75 30.91
C PHE A 44 -16.07 3.92 31.42
N GLU A 45 -17.00 3.61 30.52
CA GLU A 45 -18.06 2.66 30.82
C GLU A 45 -17.98 1.53 29.82
N PRO A 46 -18.51 0.36 30.19
CA PRO A 46 -18.51 -0.77 29.25
C PRO A 46 -19.26 -0.43 27.96
N SER A 47 -18.89 -1.08 26.86
CA SER A 47 -19.50 -0.82 25.57
C SER A 47 -19.05 -1.86 24.54
N THR A 48 -19.97 -2.26 23.66
CA THR A 48 -19.61 -3.12 22.55
C THR A 48 -19.95 -2.46 21.21
N ARG A 49 -21.21 -2.08 21.04
CA ARG A 49 -21.65 -1.42 19.82
C ARG A 49 -20.96 -0.08 19.60
N THR A 50 -21.16 0.84 20.53
CA THR A 50 -20.72 2.21 20.33
C THR A 50 -19.22 2.31 20.16
N ARG A 51 -18.47 1.66 21.06
CA ARG A 51 -17.02 1.68 21.00
C ARG A 51 -16.51 1.11 19.68
N PHE A 52 -16.90 -0.12 19.38
CA PHE A 52 -16.33 -0.84 18.25
C PHE A 52 -16.93 -0.44 16.91
N SER A 53 -18.16 0.06 16.90
CA SER A 53 -18.71 0.61 15.67
C SER A 53 -17.93 1.87 15.34
N PHE A 54 -17.52 2.61 16.37
CA PHE A 54 -16.67 3.78 16.17
C PHE A 54 -15.30 3.37 15.62
N GLU A 55 -14.71 2.33 16.19
CA GLU A 55 -13.40 1.87 15.72
C GLU A 55 -13.49 1.44 14.26
N VAL A 56 -14.51 0.65 13.95
CA VAL A 56 -14.77 0.26 12.56
C VAL A 56 -14.94 1.50 11.68
N ALA A 57 -15.73 2.46 12.17
CA ALA A 57 -15.96 3.69 11.42
C ALA A 57 -14.64 4.42 11.15
N GLU A 58 -13.85 4.58 12.20
CA GLU A 58 -12.57 5.27 12.10
C GLU A 58 -11.63 4.59 11.10
N LYS A 59 -11.65 3.25 11.11
CA LYS A 59 -10.76 2.50 10.24
C LYS A 59 -11.23 2.45 8.79
N LYS A 60 -12.54 2.49 8.58
CA LYS A 60 -13.07 2.60 7.23
C LYS A 60 -12.76 3.98 6.67
N LEU A 61 -12.53 4.95 7.55
CA LEU A 61 -12.15 6.29 7.12
C LEU A 61 -10.62 6.37 6.96
N GLY A 62 -9.95 5.27 7.27
CA GLY A 62 -8.51 5.18 7.11
C GLY A 62 -7.73 5.85 8.23
N MET A 63 -8.35 6.00 9.39
CA MET A 63 -7.69 6.66 10.52
C MET A 63 -6.90 5.66 11.36
N ASN A 64 -5.88 6.17 12.05
CA ASN A 64 -5.21 5.40 13.10
C ASN A 64 -6.01 5.56 14.38
N VAL A 65 -6.12 4.49 15.16
CA VAL A 65 -6.94 4.49 16.36
C VAL A 65 -6.14 4.28 17.65
N LEU A 66 -6.45 5.10 18.65
CA LEU A 66 -5.93 4.90 20.00
C LEU A 66 -7.09 4.57 20.92
N ASN A 67 -6.94 3.51 21.71
CA ASN A 67 -8.01 3.08 22.61
C ASN A 67 -7.62 3.23 24.09
N LEU A 68 -8.37 4.07 24.82
CA LEU A 68 -8.10 4.33 26.23
C LEU A 68 -9.30 3.96 27.11
N ASP A 69 -9.03 3.37 28.28
CA ASP A 69 -10.12 2.90 29.13
C ASP A 69 -10.32 3.65 30.46
N GLY A 70 -9.24 4.12 31.07
CA GLY A 70 -9.37 4.79 32.36
C GLY A 70 -8.75 4.05 33.54
N THR A 71 -8.64 2.73 33.46
CA THR A 71 -7.95 1.99 34.51
C THR A 71 -6.47 1.77 34.15
N SER A 72 -6.15 1.86 32.87
CA SER A 72 -4.78 1.68 32.41
C SER A 72 -4.10 3.00 32.04
N THR A 73 -4.89 4.07 32.01
CA THR A 73 -4.36 5.40 31.67
C THR A 73 -3.90 6.13 32.93
N SER A 74 -3.38 7.34 32.73
CA SER A 74 -2.85 8.12 33.84
C SER A 74 -3.93 8.87 34.61
N VAL A 75 -5.18 8.66 34.20
CA VAL A 75 -6.32 9.05 35.01
C VAL A 75 -6.15 8.38 36.36
N GLN A 76 -5.51 7.23 36.34
CA GLN A 76 -5.23 6.46 37.55
C GLN A 76 -4.29 7.22 38.49
N LYS A 77 -3.53 8.16 37.92
CA LYS A 77 -2.61 8.99 38.72
C LYS A 77 -3.26 10.30 39.11
N GLY A 78 -4.52 10.48 38.73
CA GLY A 78 -5.28 11.65 39.12
C GLY A 78 -5.49 12.66 38.01
N GLU A 79 -5.12 12.31 36.79
CA GLU A 79 -5.25 13.24 35.68
C GLU A 79 -6.72 13.52 35.37
N THR A 80 -7.03 14.79 35.14
CA THR A 80 -8.39 15.18 34.82
C THR A 80 -8.74 14.80 33.39
N LEU A 81 -10.03 14.76 33.09
CA LEU A 81 -10.46 14.47 31.73
C LEU A 81 -9.94 15.54 30.79
N TYR A 82 -10.02 16.80 31.22
CA TYR A 82 -9.54 17.92 30.41
C TYR A 82 -8.07 17.75 30.04
N ASP A 83 -7.23 17.50 31.03
CA ASP A 83 -5.80 17.31 30.78
C ASP A 83 -5.54 16.10 29.89
N THR A 84 -6.41 15.10 29.99
CA THR A 84 -6.31 13.94 29.12
C THR A 84 -6.55 14.32 27.67
N ILE A 85 -7.57 15.14 27.41
CA ILE A 85 -7.86 15.57 26.04
C ILE A 85 -6.73 16.43 25.48
N ARG A 86 -6.24 17.35 26.29
CA ARG A 86 -5.15 18.22 25.88
C ARG A 86 -3.88 17.42 25.60
N THR A 87 -3.67 16.38 26.41
CA THR A 87 -2.56 15.47 26.19
C THR A 87 -2.70 14.81 24.83
N LEU A 88 -3.90 14.31 24.53
CA LEU A 88 -4.15 13.68 23.24
C LEU A 88 -3.94 14.66 22.09
N GLU A 89 -4.41 15.89 22.25
CA GLU A 89 -4.14 16.93 21.25
C GLU A 89 -2.65 17.06 21.00
N SER A 90 -1.88 17.19 22.08
CA SER A 90 -0.44 17.42 21.99
C SER A 90 0.30 16.32 21.24
N ILE A 91 -0.18 15.08 21.33
CA ILE A 91 0.51 13.97 20.68
C ILE A 91 -0.02 13.70 19.28
N GLY A 92 -1.03 14.47 18.87
CA GLY A 92 -1.47 14.45 17.48
C GLY A 92 -2.83 13.83 17.21
N VAL A 93 -3.65 13.70 18.24
CA VAL A 93 -4.99 13.18 18.05
C VAL A 93 -5.90 14.28 17.48
N ASP A 94 -6.70 13.92 16.49
CA ASP A 94 -7.56 14.91 15.81
C ASP A 94 -8.99 14.93 16.34
N VAL A 95 -9.45 13.80 16.87
CA VAL A 95 -10.81 13.71 17.41
C VAL A 95 -10.88 12.73 18.58
N CYS A 96 -11.77 13.02 19.53
CA CYS A 96 -11.93 12.18 20.71
C CYS A 96 -13.36 11.70 20.88
N VAL A 97 -13.52 10.40 21.09
CA VAL A 97 -14.82 9.82 21.38
C VAL A 97 -14.81 9.47 22.86
N ILE A 98 -15.82 9.92 23.59
CA ILE A 98 -15.83 9.77 25.04
C ILE A 98 -17.13 9.20 25.56
N ARG A 99 -17.02 8.15 26.38
CA ARG A 99 -18.14 7.65 27.16
C ARG A 99 -17.75 7.69 28.63
N HIS A 100 -18.58 8.34 29.43
CA HIS A 100 -18.22 8.65 30.81
C HIS A 100 -19.45 8.55 31.72
N SER A 101 -19.22 8.24 32.99
CA SER A 101 -20.33 8.07 33.93
C SER A 101 -20.97 9.38 34.36
N GLU A 102 -20.23 10.48 34.25
CA GLU A 102 -20.69 11.76 34.76
C GLU A 102 -21.55 12.51 33.76
N ASP A 103 -22.81 12.76 34.14
CA ASP A 103 -23.71 13.53 33.31
C ASP A 103 -23.09 14.88 32.92
N GLU A 104 -23.15 15.20 31.63
CA GLU A 104 -22.69 16.49 31.14
C GLU A 104 -21.21 16.76 31.40
N TYR A 105 -20.40 15.71 31.48
CA TYR A 105 -18.96 15.87 31.62
C TYR A 105 -18.42 16.82 30.55
N TYR A 106 -19.16 16.93 29.46
CA TYR A 106 -18.68 17.63 28.28
C TYR A 106 -18.91 19.14 28.34
N GLU A 107 -19.78 19.59 29.24
CA GLU A 107 -20.09 21.00 29.35
C GLU A 107 -18.83 21.80 29.64
N GLU A 108 -18.01 21.27 30.54
CA GLU A 108 -16.74 21.88 30.88
C GLU A 108 -15.78 21.84 29.68
N LEU A 109 -15.72 20.68 29.01
CA LEU A 109 -14.76 20.47 27.93
C LEU A 109 -14.92 21.36 26.71
N VAL A 110 -16.14 21.43 26.17
CA VAL A 110 -16.37 22.00 24.83
C VAL A 110 -15.89 23.44 24.66
N SER A 111 -15.93 24.20 25.75
CA SER A 111 -15.50 25.59 25.70
C SER A 111 -13.99 25.74 25.87
N GLN A 112 -13.32 24.65 26.22
CA GLN A 112 -11.92 24.70 26.60
C GLN A 112 -10.96 23.99 25.63
N VAL A 113 -11.41 22.89 25.02
CA VAL A 113 -10.51 22.08 24.19
C VAL A 113 -10.49 22.51 22.72
N ASN A 114 -9.49 22.03 21.99
CA ASN A 114 -9.25 22.48 20.63
C ASN A 114 -9.47 21.40 19.58
N ILE A 115 -10.04 20.27 20.00
CA ILE A 115 -10.40 19.22 19.05
C ILE A 115 -11.82 18.76 19.32
N PRO A 116 -12.50 18.28 18.28
CA PRO A 116 -13.89 17.81 18.37
C PRO A 116 -14.06 16.72 19.41
N ILE A 117 -15.12 16.83 20.21
CA ILE A 117 -15.49 15.81 21.17
C ILE A 117 -16.77 15.15 20.70
N LEU A 118 -16.73 13.83 20.53
CA LEU A 118 -17.93 13.09 20.20
C LEU A 118 -18.41 12.31 21.42
N ASN A 119 -19.52 12.74 21.99
CA ASN A 119 -20.08 12.10 23.17
C ASN A 119 -20.67 10.72 22.88
N ALA A 120 -20.03 9.68 23.41
CA ALA A 120 -20.55 8.34 23.22
C ALA A 120 -21.46 7.96 24.40
N GLY A 121 -21.79 8.93 25.23
CA GLY A 121 -22.67 8.72 26.36
C GLY A 121 -22.16 9.33 27.65
N ASP A 122 -23.03 10.10 28.31
CA ASP A 122 -22.71 10.68 29.62
C ASP A 122 -23.73 10.24 30.65
N GLY A 123 -23.37 9.28 31.48
CA GLY A 123 -24.24 8.77 32.52
C GLY A 123 -25.66 8.53 32.05
N CYS A 124 -26.59 9.37 32.51
CA CYS A 124 -27.98 9.27 32.11
C CYS A 124 -28.36 10.41 31.18
N GLY A 125 -27.34 11.13 30.70
CA GLY A 125 -27.55 12.33 29.91
C GLY A 125 -27.98 12.11 28.47
N GLN A 126 -27.03 12.22 27.56
CA GLN A 126 -27.32 12.12 26.13
C GLN A 126 -26.57 10.96 25.48
N HIS A 127 -27.08 10.51 24.34
CA HIS A 127 -26.42 9.48 23.55
C HIS A 127 -26.73 9.75 22.08
N PRO A 128 -26.09 10.79 21.52
CA PRO A 128 -26.40 11.39 20.22
C PRO A 128 -26.24 10.45 19.02
N THR A 129 -25.18 9.65 18.98
CA THR A 129 -24.97 8.78 17.83
C THR A 129 -26.00 7.66 17.83
N GLN A 130 -26.46 7.28 19.02
CA GLN A 130 -27.54 6.30 19.13
C GLN A 130 -28.81 6.89 18.56
N SER A 131 -29.13 8.11 18.98
CA SER A 131 -30.29 8.82 18.48
C SER A 131 -30.24 8.95 16.96
N LEU A 132 -29.09 9.38 16.44
CA LEU A 132 -28.93 9.54 14.99
C LEU A 132 -29.15 8.24 14.23
N LEU A 133 -28.61 7.14 14.74
CA LEU A 133 -28.75 5.86 14.04
C LEU A 133 -30.17 5.31 14.22
N ASP A 134 -30.81 5.70 15.31
CA ASP A 134 -32.20 5.33 15.53
C ASP A 134 -33.10 6.07 14.53
N LEU A 135 -32.85 7.37 14.37
CA LEU A 135 -33.57 8.16 13.38
C LEU A 135 -33.37 7.62 11.98
N MET A 136 -32.13 7.29 11.65
CA MET A 136 -31.80 6.75 10.33
C MET A 136 -32.60 5.48 10.06
N THR A 137 -32.63 4.59 11.04
CA THR A 137 -33.30 3.31 10.90
C THR A 137 -34.80 3.48 10.73
N ILE A 138 -35.38 4.38 11.53
CA ILE A 138 -36.80 4.70 11.40
C ILE A 138 -37.09 5.32 10.04
N TYR A 139 -36.21 6.21 9.61
CA TYR A 139 -36.42 6.91 8.35
C TYR A 139 -36.32 5.95 7.17
N GLU A 140 -35.40 4.98 7.27
CA GLU A 140 -35.29 3.97 6.22
C GLU A 140 -36.57 3.16 6.11
N GLU A 141 -37.29 3.04 7.22
CA GLU A 141 -38.50 2.22 7.26
C GLU A 141 -39.73 2.95 6.72
N PHE A 142 -39.88 4.22 7.06
CA PHE A 142 -41.10 4.96 6.72
C PHE A 142 -40.87 6.19 5.84
N ASN A 143 -39.60 6.48 5.55
CA ASN A 143 -39.27 7.68 4.77
C ASN A 143 -39.91 8.96 5.29
N THR A 144 -40.21 8.99 6.59
CA THR A 144 -40.75 10.19 7.21
C THR A 144 -40.76 10.05 8.73
N PHE A 145 -40.86 11.19 9.42
CA PHE A 145 -41.03 11.19 10.87
C PHE A 145 -42.38 11.79 11.24
N LYS A 146 -42.90 12.65 10.37
CA LYS A 146 -44.16 13.33 10.61
C LYS A 146 -45.33 12.36 10.68
N GLY A 147 -46.04 12.35 11.81
CA GLY A 147 -47.21 11.53 11.97
C GLY A 147 -46.92 10.19 12.61
N LEU A 148 -45.64 9.82 12.65
CA LEU A 148 -45.23 8.57 13.27
C LEU A 148 -45.53 8.59 14.76
N THR A 149 -45.91 7.43 15.28
CA THR A 149 -46.09 7.27 16.72
C THR A 149 -45.01 6.34 17.24
N VAL A 150 -44.14 6.87 18.09
CA VAL A 150 -43.04 6.10 18.64
C VAL A 150 -43.21 5.99 20.15
N SER A 151 -43.18 4.76 20.65
CA SER A 151 -43.25 4.54 22.10
C SER A 151 -41.93 4.01 22.64
N ILE A 152 -41.51 4.56 23.78
CA ILE A 152 -40.25 4.17 24.41
C ILE A 152 -40.55 3.58 25.79
N HIS A 153 -40.05 2.38 26.04
CA HIS A 153 -40.52 1.57 27.16
C HIS A 153 -39.47 1.20 28.20
N GLY A 154 -39.87 1.22 29.47
CA GLY A 154 -39.06 0.67 30.54
C GLY A 154 -38.44 1.70 31.45
N ASP A 155 -37.15 1.54 31.71
CA ASP A 155 -36.41 2.39 32.63
C ASP A 155 -36.02 3.72 31.98
N ILE A 156 -37.00 4.61 31.84
CA ILE A 156 -36.80 5.89 31.18
C ILE A 156 -35.87 6.80 31.98
N LYS A 157 -36.12 6.87 33.28
CA LYS A 157 -35.38 7.72 34.22
C LYS A 157 -33.87 7.73 33.97
N HIS A 158 -33.27 6.54 33.93
CA HIS A 158 -31.82 6.40 33.82
C HIS A 158 -31.35 6.22 32.39
N SER A 159 -32.14 6.66 31.42
CA SER A 159 -31.85 6.37 30.01
C SER A 159 -31.43 7.58 29.20
N ARG A 160 -30.15 7.64 28.87
CA ARG A 160 -29.64 8.68 27.98
C ARG A 160 -30.19 8.50 26.56
N VAL A 161 -30.62 7.28 26.24
CA VAL A 161 -31.23 7.02 24.94
C VAL A 161 -32.61 7.66 24.88
N ALA A 162 -33.42 7.45 25.92
CA ALA A 162 -34.76 8.00 25.98
C ALA A 162 -34.69 9.52 25.99
N ARG A 163 -33.74 10.05 26.73
CA ARG A 163 -33.60 11.50 26.84
C ARG A 163 -33.32 12.10 25.48
N SER A 164 -32.41 11.48 24.72
CA SER A 164 -32.06 11.98 23.40
C SER A 164 -33.21 11.83 22.41
N ASN A 165 -33.77 10.63 22.33
CA ASN A 165 -34.81 10.31 21.35
C ASN A 165 -36.13 11.08 21.52
N ALA A 166 -36.58 11.26 22.76
CA ALA A 166 -37.87 11.87 23.02
C ALA A 166 -37.98 13.29 22.46
N GLU A 167 -37.11 14.18 22.92
CA GLU A 167 -37.12 15.56 22.45
C GLU A 167 -37.04 15.64 20.92
N VAL A 168 -36.06 14.92 20.35
CA VAL A 168 -35.80 15.07 18.93
C VAL A 168 -36.91 14.50 18.04
N LEU A 169 -37.54 13.40 18.48
CA LEU A 169 -38.62 12.82 17.70
C LEU A 169 -39.83 13.74 17.63
N THR A 170 -40.22 14.31 18.78
CA THR A 170 -41.34 15.24 18.79
C THR A 170 -40.98 16.47 17.99
N ARG A 171 -39.74 16.90 18.11
CA ARG A 171 -39.23 18.03 17.35
C ARG A 171 -39.32 17.76 15.85
N LEU A 172 -39.20 16.48 15.47
CA LEU A 172 -39.26 16.10 14.06
C LEU A 172 -40.70 15.81 13.62
N GLY A 173 -41.65 16.01 14.53
CA GLY A 173 -43.05 15.85 14.21
C GLY A 173 -43.63 14.48 14.51
N ALA A 174 -42.98 13.74 15.41
CA ALA A 174 -43.49 12.43 15.81
C ALA A 174 -44.20 12.52 17.15
N ARG A 175 -45.10 11.59 17.40
CA ARG A 175 -45.78 11.51 18.68
C ARG A 175 -45.08 10.45 19.52
N VAL A 176 -44.63 10.83 20.71
CA VAL A 176 -43.87 9.93 21.58
C VAL A 176 -44.70 9.45 22.77
N LEU A 177 -44.62 8.15 23.04
CA LEU A 177 -45.28 7.56 24.19
C LEU A 177 -44.27 6.90 25.14
N PHE A 178 -44.50 7.05 26.43
CA PHE A 178 -43.68 6.39 27.45
C PHE A 178 -44.47 5.29 28.13
N SER A 179 -43.77 4.30 28.65
CA SER A 179 -44.38 3.24 29.45
C SER A 179 -43.35 2.69 30.42
N GLY A 180 -43.77 1.73 31.24
CA GLY A 180 -42.87 1.12 32.20
C GLY A 180 -43.17 1.53 33.62
N PRO A 181 -42.49 0.93 34.60
CA PRO A 181 -42.71 1.20 36.02
C PRO A 181 -42.78 2.70 36.30
N SER A 182 -43.86 3.12 36.97
CA SER A 182 -44.05 4.54 37.26
C SER A 182 -42.88 5.10 38.07
N GLU A 183 -42.25 4.22 38.84
CA GLU A 183 -41.13 4.58 39.68
C GLU A 183 -39.93 5.00 38.83
N TRP A 184 -39.85 4.46 37.62
CA TRP A 184 -38.72 4.70 36.72
C TRP A 184 -39.01 5.75 35.66
N GLN A 185 -40.09 6.50 35.81
CA GLN A 185 -40.40 7.57 34.87
C GLN A 185 -39.59 8.82 35.18
N ASP A 186 -39.52 9.72 34.21
CA ASP A 186 -38.61 10.86 34.28
C ASP A 186 -39.38 12.17 34.20
N GLU A 187 -39.43 12.90 35.31
CA GLU A 187 -40.15 14.17 35.36
C GLU A 187 -39.45 15.26 34.56
N GLU A 188 -38.15 15.08 34.33
CA GLU A 188 -37.37 16.01 33.53
C GLU A 188 -37.31 15.57 32.08
N ASN A 189 -38.16 14.60 31.73
CA ASN A 189 -38.35 14.18 30.36
C ASN A 189 -39.84 14.20 30.04
N THR A 190 -40.34 15.39 29.72
CA THR A 190 -41.77 15.62 29.54
C THR A 190 -42.20 15.54 28.07
N PHE A 191 -41.33 15.01 27.23
CA PHE A 191 -41.58 15.01 25.79
C PHE A 191 -42.37 13.81 25.29
N GLY A 192 -43.15 13.20 26.17
CA GLY A 192 -43.96 12.07 25.79
C GLY A 192 -45.17 11.86 26.70
N THR A 193 -46.12 11.08 26.22
CA THR A 193 -47.31 10.76 27.01
C THR A 193 -47.10 9.41 27.70
N TYR A 194 -47.25 9.39 29.02
CA TYR A 194 -47.12 8.15 29.76
C TYR A 194 -48.39 7.30 29.62
N VAL A 195 -48.22 6.08 29.14
CA VAL A 195 -49.32 5.13 29.03
C VAL A 195 -48.82 3.74 29.42
N SER A 196 -49.64 2.72 29.17
CA SER A 196 -49.24 1.35 29.45
C SER A 196 -48.76 0.66 28.18
N MET A 197 -47.85 -0.30 28.34
CA MET A 197 -47.31 -1.05 27.22
C MET A 197 -48.43 -1.61 26.35
N ASP A 198 -49.45 -2.15 26.99
CA ASP A 198 -50.56 -2.80 26.30
C ASP A 198 -51.32 -1.83 25.38
N GLU A 199 -51.38 -0.56 25.78
CA GLU A 199 -52.02 0.45 24.96
C GLU A 199 -51.10 0.86 23.82
N ALA A 200 -49.85 1.19 24.15
CA ALA A 200 -48.90 1.70 23.18
C ALA A 200 -48.58 0.71 22.06
N VAL A 201 -48.63 -0.58 22.38
CA VAL A 201 -48.20 -1.62 21.45
C VAL A 201 -49.10 -1.72 20.21
N GLU A 202 -50.31 -1.16 20.30
CA GLU A 202 -51.24 -1.20 19.18
C GLU A 202 -51.28 0.15 18.48
N SER A 203 -50.89 1.19 19.20
CA SER A 203 -50.90 2.54 18.66
C SER A 203 -49.59 2.92 17.99
N SER A 204 -48.54 2.14 18.23
CA SER A 204 -47.19 2.53 17.82
C SER A 204 -46.79 2.05 16.43
N ASP A 205 -46.05 2.91 15.74
CA ASP A 205 -45.41 2.56 14.48
C ASP A 205 -44.03 2.02 14.80
N VAL A 206 -43.49 2.48 15.92
CA VAL A 206 -42.20 2.02 16.41
C VAL A 206 -42.29 1.68 17.90
N VAL A 207 -41.90 0.45 18.24
CA VAL A 207 -41.82 0.04 19.64
C VAL A 207 -40.37 -0.01 20.06
N MET A 208 -39.92 0.97 20.83
CA MET A 208 -38.53 1.04 21.25
C MET A 208 -38.36 0.55 22.69
N LEU A 209 -37.66 -0.58 22.83
CA LEU A 209 -37.43 -1.18 24.14
C LEU A 209 -36.14 -0.68 24.77
N LEU A 210 -36.14 -0.56 26.09
CA LEU A 210 -34.94 -0.15 26.82
C LEU A 210 -34.48 -1.27 27.77
N ARG A 211 -33.17 -1.38 27.93
CA ARG A 211 -32.61 -2.25 28.95
C ARG A 211 -32.77 -1.56 30.31
N ILE A 212 -32.95 -2.34 31.36
CA ILE A 212 -32.96 -1.79 32.71
C ILE A 212 -31.53 -1.39 33.10
N GLN A 213 -31.34 -0.12 33.44
CA GLN A 213 -30.02 0.37 33.80
C GLN A 213 -29.63 -0.05 35.22
N ASN A 214 -29.55 -1.36 35.44
CA ASN A 214 -29.23 -1.91 36.76
C ASN A 214 -28.02 -1.23 37.42
N GLU A 215 -26.99 -0.98 36.63
CA GLU A 215 -25.74 -0.46 37.16
C GLU A 215 -25.82 1.03 37.52
N ARG A 216 -26.95 1.66 37.22
CA ARG A 216 -27.10 3.09 37.47
C ARG A 216 -28.06 3.44 38.61
N HIS A 217 -28.78 2.44 39.12
CA HIS A 217 -29.78 2.68 40.17
C HIS A 217 -29.13 2.91 41.53
N GLN A 218 -29.72 3.79 42.32
CA GLN A 218 -29.21 4.07 43.66
C GLN A 218 -29.25 2.82 44.53
N SER A 219 -30.34 2.07 44.41
CA SER A 219 -30.48 0.81 45.14
C SER A 219 -31.19 -0.24 44.28
N ALA A 220 -30.80 -1.49 44.46
CA ALA A 220 -31.36 -2.58 43.68
C ALA A 220 -32.77 -2.93 44.14
N VAL A 221 -33.69 -3.04 43.18
CA VAL A 221 -35.06 -3.43 43.45
C VAL A 221 -35.39 -4.70 42.67
N SER A 222 -36.27 -5.52 43.22
CA SER A 222 -36.70 -6.73 42.53
C SER A 222 -37.27 -6.39 41.15
N GLN A 223 -37.13 -7.33 40.22
CA GLN A 223 -37.67 -7.16 38.89
C GLN A 223 -38.22 -8.49 38.40
N GLU A 224 -38.77 -9.26 39.33
CA GLU A 224 -39.39 -10.54 38.99
C GLU A 224 -40.64 -10.30 38.15
N GLY A 225 -40.81 -11.12 37.11
CA GLY A 225 -41.95 -11.01 36.23
C GLY A 225 -41.98 -9.71 35.47
N TYR A 226 -40.81 -9.12 35.22
CA TYR A 226 -40.74 -7.87 34.47
C TYR A 226 -41.26 -8.06 33.05
N LEU A 227 -40.83 -9.13 32.39
CA LEU A 227 -41.27 -9.39 31.03
C LEU A 227 -42.79 -9.33 30.93
N ASN A 228 -43.45 -10.17 31.71
CA ASN A 228 -44.90 -10.27 31.68
C ASN A 228 -45.59 -8.95 32.04
N LYS A 229 -45.02 -8.22 33.00
CA LYS A 229 -45.63 -6.96 33.45
C LYS A 229 -45.36 -5.77 32.54
N TYR A 230 -44.10 -5.58 32.17
CA TYR A 230 -43.67 -4.36 31.48
C TYR A 230 -43.04 -4.61 30.12
N GLY A 231 -42.65 -5.86 29.86
CA GLY A 231 -41.85 -6.15 28.68
C GLY A 231 -42.64 -6.43 27.44
N LEU A 232 -41.94 -6.61 26.32
CA LEU A 232 -42.58 -6.99 25.07
C LEU A 232 -42.72 -8.51 25.02
N THR A 233 -43.91 -8.99 25.36
CA THR A 233 -44.20 -10.41 25.32
C THR A 233 -44.56 -10.81 23.90
N VAL A 234 -44.56 -12.11 23.62
CA VAL A 234 -44.98 -12.61 22.33
C VAL A 234 -46.42 -12.17 22.05
N GLU A 235 -47.27 -12.29 23.06
CA GLU A 235 -48.67 -11.93 22.93
C GLU A 235 -48.82 -10.44 22.58
N ARG A 236 -48.06 -9.60 23.26
CA ARG A 236 -48.08 -8.17 22.95
C ARG A 236 -47.55 -7.86 21.55
N ALA A 237 -46.46 -8.50 21.16
CA ALA A 237 -45.87 -8.27 19.84
C ALA A 237 -46.83 -8.65 18.71
N GLU A 238 -47.66 -9.65 18.96
CA GLU A 238 -48.62 -10.10 17.96
C GLU A 238 -49.76 -9.11 17.76
N ARG A 239 -49.84 -8.11 18.63
CA ARG A 239 -50.88 -7.10 18.50
C ARG A 239 -50.36 -5.81 17.88
N MET A 240 -49.12 -5.82 17.43
CA MET A 240 -48.50 -4.67 16.80
C MET A 240 -49.06 -4.44 15.39
N LYS A 241 -49.01 -3.19 14.94
CA LYS A 241 -49.38 -2.86 13.56
C LYS A 241 -48.57 -3.69 12.58
N ARG A 242 -49.19 -4.07 11.46
CA ARG A 242 -48.54 -4.89 10.45
C ARG A 242 -47.22 -4.29 9.96
N HIS A 243 -47.13 -2.97 9.95
CA HIS A 243 -45.94 -2.30 9.42
C HIS A 243 -45.06 -1.71 10.52
N ALA A 244 -45.39 -2.00 11.77
CA ALA A 244 -44.62 -1.48 12.90
C ALA A 244 -43.31 -2.26 13.09
N ILE A 245 -42.33 -1.62 13.71
CA ILE A 245 -41.05 -2.27 13.93
C ILE A 245 -40.63 -2.24 15.40
N ILE A 246 -39.78 -3.19 15.76
CA ILE A 246 -39.24 -3.29 17.12
C ILE A 246 -37.80 -2.80 17.15
N MET A 247 -37.52 -1.86 18.04
CA MET A 247 -36.16 -1.34 18.19
C MET A 247 -35.66 -1.46 19.62
N HIS A 248 -34.34 -1.41 19.78
CA HIS A 248 -33.69 -1.57 21.07
C HIS A 248 -32.23 -1.16 20.90
N PRO A 249 -31.72 -0.30 21.81
CA PRO A 249 -30.36 0.21 21.70
C PRO A 249 -29.33 -0.90 21.91
N ALA A 250 -29.75 -1.95 22.62
CA ALA A 250 -28.86 -3.05 22.99
C ALA A 250 -27.82 -2.61 24.03
N PRO A 251 -27.23 -3.57 24.75
CA PRO A 251 -27.48 -5.00 24.62
C PRO A 251 -28.88 -5.36 25.09
N VAL A 252 -29.42 -6.45 24.56
CA VAL A 252 -30.72 -6.92 24.99
C VAL A 252 -30.57 -7.85 26.19
N ASN A 253 -31.47 -7.71 27.16
CA ASN A 253 -31.58 -8.70 28.22
C ASN A 253 -32.75 -9.63 27.91
N ARG A 254 -32.45 -10.70 27.17
CA ARG A 254 -33.49 -11.63 26.74
C ARG A 254 -34.23 -12.21 27.95
N GLY A 255 -35.56 -12.08 27.93
CA GLY A 255 -36.38 -12.59 29.01
C GLY A 255 -36.81 -11.51 29.99
N VAL A 256 -36.17 -10.35 29.90
CA VAL A 256 -36.53 -9.22 30.75
C VAL A 256 -37.45 -8.25 30.02
N GLU A 257 -36.87 -7.34 29.23
CA GLU A 257 -37.67 -6.34 28.54
C GLU A 257 -38.24 -6.88 27.23
N ILE A 258 -37.78 -8.05 26.80
CA ILE A 258 -38.25 -8.64 25.55
C ILE A 258 -38.16 -10.16 25.58
N ASP A 259 -39.15 -10.82 24.99
CA ASP A 259 -39.15 -12.28 24.91
C ASP A 259 -38.06 -12.77 23.98
N ASP A 260 -37.38 -13.83 24.38
CA ASP A 260 -36.24 -14.37 23.63
C ASP A 260 -36.50 -14.57 22.13
N SER A 261 -37.72 -14.96 21.79
CA SER A 261 -38.05 -15.28 20.40
C SER A 261 -38.30 -14.06 19.52
N LEU A 262 -38.31 -12.88 20.12
CA LEU A 262 -38.67 -11.66 19.38
C LEU A 262 -37.45 -10.90 18.88
N VAL A 263 -36.32 -11.05 19.56
CA VAL A 263 -35.12 -10.29 19.23
C VAL A 263 -34.84 -10.32 17.73
N GLU A 264 -35.00 -11.49 17.13
CA GLU A 264 -34.75 -11.64 15.69
C GLU A 264 -36.01 -12.08 14.94
N SER A 265 -37.15 -11.50 15.33
CA SER A 265 -38.41 -11.75 14.64
C SER A 265 -38.57 -10.83 13.45
N GLU A 266 -39.63 -11.04 12.67
CA GLU A 266 -39.83 -10.30 11.42
C GLU A 266 -39.84 -8.78 11.58
N LYS A 267 -40.45 -8.32 12.67
CA LYS A 267 -40.64 -6.89 12.86
C LYS A 267 -39.45 -6.22 13.55
N SER A 268 -38.44 -7.02 13.89
CA SER A 268 -37.28 -6.50 14.60
C SER A 268 -36.27 -5.79 13.69
N ARG A 269 -35.82 -4.62 14.14
CA ARG A 269 -34.79 -3.86 13.43
C ARG A 269 -33.58 -3.68 14.33
N ILE A 270 -33.56 -4.45 15.42
CA ILE A 270 -32.51 -4.33 16.43
C ILE A 270 -31.09 -4.43 15.86
N PHE A 271 -30.85 -5.44 15.02
CA PHE A 271 -29.53 -5.62 14.44
C PHE A 271 -29.28 -4.66 13.27
N LYS A 272 -30.34 -4.24 12.60
CA LYS A 272 -30.21 -3.24 11.55
C LYS A 272 -29.70 -1.94 12.16
N GLN A 273 -30.13 -1.66 13.39
CA GLN A 273 -29.64 -0.49 14.12
C GLN A 273 -28.13 -0.51 14.28
N MET A 274 -27.58 -1.65 14.69
CA MET A 274 -26.15 -1.77 14.91
C MET A 274 -25.40 -1.57 13.60
N LYS A 275 -25.98 -2.10 12.52
CA LYS A 275 -25.44 -1.93 11.18
C LYS A 275 -25.33 -0.45 10.83
N ASN A 276 -26.42 0.29 10.94
CA ASN A 276 -26.41 1.71 10.65
C ASN A 276 -25.46 2.49 11.55
N GLY A 277 -25.21 1.97 12.74
CA GLY A 277 -24.35 2.64 13.70
C GLY A 277 -23.01 3.05 13.13
N VAL A 278 -22.40 2.15 12.36
CA VAL A 278 -21.10 2.42 11.76
C VAL A 278 -21.13 3.65 10.86
N PHE A 279 -22.08 3.67 9.92
CA PHE A 279 -22.14 4.74 8.94
C PHE A 279 -22.54 6.08 9.56
N ILE A 280 -23.47 6.04 10.50
CA ILE A 280 -23.82 7.22 11.27
C ILE A 280 -22.58 7.78 11.94
N ARG A 281 -21.75 6.90 12.48
CA ARG A 281 -20.57 7.33 13.20
C ARG A 281 -19.46 7.84 12.28
N MET A 282 -19.34 7.22 11.10
CA MET A 282 -18.47 7.76 10.06
C MET A 282 -18.89 9.19 9.72
N ALA A 283 -20.19 9.36 9.46
CA ALA A 283 -20.72 10.67 9.08
C ALA A 283 -20.45 11.72 10.16
N VAL A 284 -20.65 11.33 11.42
CA VAL A 284 -20.39 12.22 12.55
C VAL A 284 -18.92 12.63 12.62
N ILE A 285 -18.02 11.68 12.38
CA ILE A 285 -16.60 11.99 12.38
C ILE A 285 -16.25 12.94 11.23
N GLN A 286 -16.83 12.68 10.06
CA GLN A 286 -16.62 13.55 8.91
C GLN A 286 -17.10 14.96 9.20
N ARG A 287 -18.21 15.07 9.94
CA ARG A 287 -18.75 16.35 10.33
C ARG A 287 -17.81 17.08 11.28
N ALA A 288 -17.26 16.33 12.24
CA ALA A 288 -16.38 16.90 13.25
C ALA A 288 -15.10 17.48 12.66
N LEU A 289 -14.59 16.84 11.60
CA LEU A 289 -13.28 17.20 11.05
C LEU A 289 -13.37 17.96 9.73
N GLN A 290 -14.57 18.37 9.34
CA GLN A 290 -14.75 19.10 8.08
C GLN A 290 -14.04 20.46 8.13
N MET B 1 -17.41 -20.62 4.86
CA MET B 1 -17.42 -20.50 6.31
C MET B 1 -17.16 -21.83 6.99
N LYS B 2 -15.93 -22.01 7.47
CA LYS B 2 -15.59 -23.20 8.24
C LYS B 2 -15.18 -22.80 9.66
N HIS B 3 -15.99 -23.18 10.63
CA HIS B 3 -15.65 -22.98 12.03
C HIS B 3 -14.42 -23.82 12.39
N LEU B 4 -13.80 -23.50 13.51
CA LEU B 4 -12.81 -24.38 14.12
C LEU B 4 -13.08 -24.44 15.61
N THR B 5 -13.67 -25.55 16.05
CA THR B 5 -14.11 -25.68 17.43
C THR B 5 -13.35 -26.76 18.21
N THR B 6 -13.43 -28.00 17.71
CA THR B 6 -12.77 -29.13 18.34
C THR B 6 -11.94 -29.92 17.33
N MET B 7 -10.82 -30.48 17.78
CA MET B 7 -9.96 -31.27 16.91
C MET B 7 -10.65 -32.53 16.39
N SER B 8 -11.49 -33.13 17.22
CA SER B 8 -12.13 -34.39 16.88
C SER B 8 -13.08 -34.29 15.67
N GLU B 9 -13.48 -33.08 15.33
CA GLU B 9 -14.35 -32.88 14.16
C GLU B 9 -13.56 -32.34 12.97
N LEU B 10 -12.23 -32.38 13.08
CA LEU B 10 -11.35 -31.95 12.01
C LEU B 10 -10.67 -33.16 11.38
N SER B 11 -11.03 -33.46 10.13
CA SER B 11 -10.58 -34.68 9.48
C SER B 11 -9.07 -34.70 9.28
N THR B 12 -8.52 -35.88 9.07
CA THR B 12 -7.08 -36.03 8.86
C THR B 12 -6.63 -35.28 7.61
N GLU B 13 -7.49 -35.25 6.60
CA GLU B 13 -7.18 -34.57 5.35
C GLU B 13 -7.14 -33.05 5.53
N GLU B 14 -8.14 -32.51 6.22
CA GLU B 14 -8.17 -31.09 6.56
C GLU B 14 -6.92 -30.70 7.34
N ILE B 15 -6.48 -31.60 8.23
CA ILE B 15 -5.30 -31.34 9.05
C ILE B 15 -4.04 -31.24 8.21
N LYS B 16 -3.84 -32.22 7.34
CA LYS B 16 -2.65 -32.26 6.50
C LYS B 16 -2.60 -31.02 5.62
N ASP B 17 -3.76 -30.56 5.17
CA ASP B 17 -3.86 -29.38 4.33
C ASP B 17 -3.48 -28.11 5.08
N LEU B 18 -4.02 -27.94 6.29
CA LEU B 18 -3.67 -26.79 7.12
C LEU B 18 -2.17 -26.77 7.36
N LEU B 19 -1.58 -27.95 7.56
CA LEU B 19 -0.14 -28.02 7.82
C LEU B 19 0.70 -27.67 6.60
N GLN B 20 0.27 -28.07 5.41
CA GLN B 20 0.95 -27.69 4.17
C GLN B 20 0.82 -26.19 3.95
N THR B 21 -0.37 -25.66 4.20
CA THR B 21 -0.62 -24.24 4.04
C THR B 21 0.23 -23.41 5.00
N ALA B 22 0.31 -23.86 6.24
CA ALA B 22 1.11 -23.15 7.25
C ALA B 22 2.58 -23.15 6.86
N GLN B 23 3.03 -24.24 6.24
CA GLN B 23 4.41 -24.34 5.76
C GLN B 23 4.70 -23.32 4.67
N GLU B 24 3.79 -23.22 3.70
CA GLU B 24 3.94 -22.26 2.62
C GLU B 24 3.89 -20.84 3.17
N LEU B 25 2.96 -20.59 4.08
CA LEU B 25 2.87 -19.30 4.74
C LEU B 25 4.16 -19.01 5.50
N LYS B 26 4.64 -20.00 6.24
CA LYS B 26 5.86 -19.86 7.03
C LYS B 26 7.08 -19.56 6.17
N SER B 27 7.03 -19.94 4.90
CA SER B 27 8.15 -19.73 4.00
C SER B 27 8.11 -18.36 3.32
N GLY B 28 7.02 -17.63 3.51
CA GLY B 28 6.93 -16.26 3.01
C GLY B 28 5.77 -16.01 2.06
N LYS B 29 5.13 -17.07 1.61
CA LYS B 29 3.99 -16.95 0.71
C LYS B 29 2.84 -16.19 1.37
N THR B 30 2.21 -15.31 0.61
CA THR B 30 1.01 -14.61 1.04
C THR B 30 0.12 -14.32 -0.16
N ASP B 31 -1.08 -13.82 0.11
CA ASP B 31 -1.94 -13.28 -0.94
C ASP B 31 -2.80 -12.15 -0.38
N ASN B 32 -3.59 -11.53 -1.24
CA ASN B 32 -4.34 -10.33 -0.86
C ASN B 32 -5.84 -10.53 -0.73
N GLN B 33 -6.27 -11.78 -0.60
CA GLN B 33 -7.71 -12.07 -0.60
C GLN B 33 -8.44 -11.54 0.63
N LEU B 34 -7.69 -11.26 1.70
CA LEU B 34 -8.30 -10.87 2.96
C LEU B 34 -8.01 -9.42 3.35
N THR B 35 -7.22 -8.74 2.53
CA THR B 35 -6.87 -7.35 2.77
C THR B 35 -8.12 -6.51 3.08
N GLY B 36 -8.11 -5.83 4.22
CA GLY B 36 -9.19 -4.92 4.58
C GLY B 36 -10.38 -5.52 5.32
N LYS B 37 -10.46 -6.85 5.38
CA LYS B 37 -11.53 -7.47 6.13
C LYS B 37 -11.30 -7.34 7.64
N PHE B 38 -12.35 -7.53 8.43
CA PHE B 38 -12.24 -7.34 9.87
C PHE B 38 -12.22 -8.65 10.64
N ALA B 39 -11.24 -8.78 11.54
CA ALA B 39 -11.18 -9.90 12.47
C ALA B 39 -11.42 -9.37 13.88
N ALA B 40 -12.15 -10.14 14.68
CA ALA B 40 -12.37 -9.77 16.07
C ALA B 40 -11.80 -10.83 17.00
N ASN B 41 -11.05 -10.39 18.01
CA ASN B 41 -10.50 -11.28 19.00
C ASN B 41 -11.17 -11.08 20.36
N LEU B 42 -12.10 -11.98 20.70
CA LEU B 42 -12.79 -11.93 21.99
C LEU B 42 -12.11 -12.84 23.00
N PHE B 43 -11.28 -12.25 23.87
CA PHE B 43 -10.61 -13.05 24.88
C PHE B 43 -11.13 -12.77 26.30
N PHE B 44 -11.80 -13.77 26.86
CA PHE B 44 -12.37 -13.68 28.20
C PHE B 44 -11.47 -14.35 29.23
N GLU B 45 -10.41 -14.98 28.75
CA GLU B 45 -9.39 -15.55 29.62
C GLU B 45 -8.05 -14.93 29.28
N PRO B 46 -7.10 -14.94 30.23
CA PRO B 46 -5.77 -14.42 29.96
C PRO B 46 -5.09 -15.23 28.86
N SER B 47 -4.15 -14.59 28.17
CA SER B 47 -3.49 -15.20 27.02
C SER B 47 -2.39 -14.29 26.49
N THR B 48 -1.31 -14.89 26.02
CA THR B 48 -0.25 -14.13 25.36
C THR B 48 0.02 -14.67 23.95
N ARG B 49 0.40 -15.94 23.87
CA ARG B 49 0.69 -16.57 22.58
C ARG B 49 -0.53 -16.57 21.66
N THR B 50 -1.61 -17.19 22.11
CA THR B 50 -2.77 -17.40 21.26
C THR B 50 -3.39 -16.09 20.76
N ARG B 51 -3.65 -15.18 21.68
CA ARG B 51 -4.26 -13.89 21.34
C ARG B 51 -3.40 -13.07 20.37
N PHE B 52 -2.12 -12.91 20.69
CA PHE B 52 -1.27 -12.02 19.91
C PHE B 52 -0.68 -12.66 18.66
N SER B 53 -0.58 -13.98 18.65
CA SER B 53 -0.19 -14.66 17.43
C SER B 53 -1.35 -14.53 16.44
N PHE B 54 -2.58 -14.58 16.96
CA PHE B 54 -3.76 -14.35 16.12
C PHE B 54 -3.78 -12.93 15.57
N GLU B 55 -3.50 -11.95 16.41
CA GLU B 55 -3.44 -10.57 15.94
C GLU B 55 -2.37 -10.43 14.86
N VAL B 56 -1.19 -10.99 15.12
CA VAL B 56 -0.11 -10.96 14.15
C VAL B 56 -0.53 -11.63 12.85
N ALA B 57 -1.07 -12.84 12.96
CA ALA B 57 -1.54 -13.56 11.79
C ALA B 57 -2.50 -12.68 11.00
N GLU B 58 -3.49 -12.14 11.70
CA GLU B 58 -4.47 -11.26 11.07
C GLU B 58 -3.82 -10.09 10.33
N LYS B 59 -2.91 -9.38 11.01
CA LYS B 59 -2.25 -8.23 10.41
C LYS B 59 -1.45 -8.66 9.19
N LYS B 60 -0.75 -9.78 9.29
CA LYS B 60 0.02 -10.30 8.17
C LYS B 60 -0.87 -10.65 6.98
N LEU B 61 -2.14 -10.92 7.24
CA LEU B 61 -3.11 -11.21 6.17
C LEU B 61 -3.71 -9.92 5.61
N GLY B 62 -3.34 -8.79 6.19
CA GLY B 62 -3.84 -7.49 5.74
C GLY B 62 -5.20 -7.14 6.29
N MET B 63 -5.58 -7.76 7.41
CA MET B 63 -6.89 -7.52 8.02
C MET B 63 -6.87 -6.42 9.07
N ASN B 64 -8.02 -5.79 9.28
CA ASN B 64 -8.22 -4.91 10.41
C ASN B 64 -8.61 -5.73 11.63
N VAL B 65 -8.16 -5.30 12.80
CA VAL B 65 -8.37 -6.08 14.01
C VAL B 65 -9.16 -5.33 15.08
N LEU B 66 -10.10 -6.03 15.69
CA LEU B 66 -10.82 -5.51 16.84
C LEU B 66 -10.53 -6.42 18.03
N ASN B 67 -10.10 -5.82 19.13
CA ASN B 67 -9.76 -6.59 20.33
C ASN B 67 -10.74 -6.34 21.48
N LEU B 68 -11.52 -7.37 21.82
CA LEU B 68 -12.51 -7.28 22.89
C LEU B 68 -12.15 -8.19 24.06
N ASP B 69 -12.32 -7.68 25.28
CA ASP B 69 -12.17 -8.52 26.47
C ASP B 69 -13.53 -8.77 27.12
N GLY B 70 -13.51 -9.19 28.39
CA GLY B 70 -14.75 -9.49 29.08
C GLY B 70 -15.26 -8.38 29.96
N THR B 71 -14.36 -7.56 30.47
CA THR B 71 -14.72 -6.56 31.47
C THR B 71 -15.09 -5.19 30.90
N SER B 72 -14.70 -4.93 29.66
CA SER B 72 -14.94 -3.62 29.07
C SER B 72 -16.08 -3.63 28.04
N THR B 73 -16.51 -4.81 27.65
CA THR B 73 -17.59 -4.95 26.67
C THR B 73 -18.94 -4.96 27.37
N SER B 74 -20.01 -5.01 26.56
CA SER B 74 -21.36 -4.97 27.11
C SER B 74 -21.81 -6.33 27.64
N VAL B 75 -20.92 -7.30 27.60
CA VAL B 75 -21.11 -8.54 28.35
C VAL B 75 -21.36 -8.14 29.81
N GLN B 76 -20.76 -7.03 30.20
CA GLN B 76 -20.95 -6.43 31.53
C GLN B 76 -22.40 -6.02 31.77
N LYS B 77 -23.13 -5.79 30.69
CA LYS B 77 -24.53 -5.39 30.79
C LYS B 77 -25.45 -6.60 30.64
N GLY B 78 -24.86 -7.78 30.58
CA GLY B 78 -25.63 -9.01 30.54
C GLY B 78 -25.79 -9.59 29.14
N GLU B 79 -25.02 -9.07 28.19
CA GLU B 79 -25.14 -9.53 26.81
C GLU B 79 -24.59 -10.93 26.66
N THR B 80 -25.36 -11.78 25.99
CA THR B 80 -24.93 -13.14 25.73
C THR B 80 -23.82 -13.18 24.70
N LEU B 81 -23.05 -14.27 24.70
CA LEU B 81 -21.99 -14.45 23.74
C LEU B 81 -22.55 -14.43 22.32
N TYR B 82 -23.71 -15.06 22.15
CA TYR B 82 -24.34 -15.09 20.83
C TYR B 82 -24.66 -13.69 20.32
N ASP B 83 -25.33 -12.89 21.15
CA ASP B 83 -25.66 -11.53 20.75
C ASP B 83 -24.41 -10.71 20.48
N THR B 84 -23.34 -11.01 21.21
CA THR B 84 -22.06 -10.36 20.95
C THR B 84 -21.57 -10.67 19.53
N ILE B 85 -21.60 -11.94 19.15
CA ILE B 85 -21.15 -12.34 17.82
C ILE B 85 -22.00 -11.69 16.74
N ARG B 86 -23.31 -11.71 16.92
CA ARG B 86 -24.24 -11.13 15.94
C ARG B 86 -24.00 -9.63 15.81
N THR B 87 -23.72 -8.98 16.93
CA THR B 87 -23.39 -7.56 16.94
C THR B 87 -22.16 -7.28 16.08
N LEU B 88 -21.13 -8.09 16.25
CA LEU B 88 -19.90 -7.95 15.47
C LEU B 88 -20.14 -8.17 13.98
N GLU B 89 -20.97 -9.14 13.63
CA GLU B 89 -21.37 -9.34 12.25
C GLU B 89 -21.98 -8.06 11.68
N SER B 90 -22.89 -7.46 12.46
CA SER B 90 -23.61 -6.28 12.00
C SER B 90 -22.72 -5.07 11.73
N ILE B 91 -21.63 -4.94 12.48
CA ILE B 91 -20.74 -3.80 12.30
C ILE B 91 -19.63 -4.07 11.28
N GLY B 92 -19.57 -5.29 10.77
CA GLY B 92 -18.70 -5.60 9.65
C GLY B 92 -17.58 -6.59 9.90
N VAL B 93 -17.69 -7.37 10.98
CA VAL B 93 -16.68 -8.35 11.31
C VAL B 93 -16.89 -9.64 10.51
N ASP B 94 -15.79 -10.14 9.92
CA ASP B 94 -15.86 -11.29 9.01
C ASP B 94 -15.53 -12.63 9.69
N VAL B 95 -14.81 -12.56 10.81
CA VAL B 95 -14.41 -13.77 11.54
C VAL B 95 -14.14 -13.45 13.01
N CYS B 96 -14.51 -14.37 13.90
CA CYS B 96 -14.33 -14.18 15.34
C CYS B 96 -13.42 -15.22 15.98
N VAL B 97 -12.49 -14.75 16.80
CA VAL B 97 -11.65 -15.63 17.61
C VAL B 97 -12.10 -15.52 19.06
N ILE B 98 -12.30 -16.66 19.72
CA ILE B 98 -12.86 -16.65 21.07
C ILE B 98 -12.16 -17.60 22.04
N ARG B 99 -11.76 -17.06 23.18
CA ARG B 99 -11.30 -17.89 24.31
C ARG B 99 -12.22 -17.62 25.49
N HIS B 100 -12.83 -18.68 26.02
CA HIS B 100 -13.86 -18.54 27.03
C HIS B 100 -13.70 -19.61 28.11
N SER B 101 -14.21 -19.31 29.31
CA SER B 101 -14.06 -20.22 30.44
C SER B 101 -15.02 -21.40 30.39
N GLU B 102 -16.09 -21.27 29.62
CA GLU B 102 -17.14 -22.29 29.60
C GLU B 102 -16.91 -23.36 28.56
N ASP B 103 -16.68 -24.60 29.02
CA ASP B 103 -16.49 -25.74 28.12
C ASP B 103 -17.62 -25.82 27.11
N GLU B 104 -17.24 -25.96 25.84
CA GLU B 104 -18.19 -26.12 24.75
C GLU B 104 -19.18 -24.95 24.60
N TYR B 105 -18.69 -23.73 24.87
CA TYR B 105 -19.50 -22.53 24.69
C TYR B 105 -19.99 -22.43 23.25
N TYR B 106 -19.25 -23.06 22.34
CA TYR B 106 -19.42 -22.84 20.91
C TYR B 106 -20.53 -23.67 20.27
N GLU B 107 -21.02 -24.69 20.97
CA GLU B 107 -22.00 -25.59 20.36
C GLU B 107 -23.38 -24.96 20.20
N GLU B 108 -23.66 -23.93 20.99
CA GLU B 108 -24.89 -23.16 20.80
C GLU B 108 -24.72 -22.11 19.70
N LEU B 109 -23.48 -21.90 19.28
CA LEU B 109 -23.17 -20.85 18.31
C LEU B 109 -23.08 -21.35 16.87
N VAL B 110 -22.37 -22.46 16.67
CA VAL B 110 -22.06 -22.94 15.33
C VAL B 110 -23.28 -23.07 14.42
N SER B 111 -24.41 -23.43 15.02
CA SER B 111 -25.63 -23.62 14.24
C SER B 111 -26.44 -22.34 14.09
N GLN B 112 -25.96 -21.25 14.68
CA GLN B 112 -26.74 -20.01 14.74
C GLN B 112 -26.07 -18.79 14.12
N VAL B 113 -24.77 -18.65 14.33
CA VAL B 113 -24.04 -17.48 13.82
C VAL B 113 -23.79 -17.59 12.32
N ASN B 114 -23.46 -16.47 11.69
CA ASN B 114 -23.31 -16.41 10.24
C ASN B 114 -21.88 -16.14 9.78
N ILE B 115 -20.97 -16.05 10.72
CA ILE B 115 -19.56 -15.88 10.39
C ILE B 115 -18.74 -16.96 11.09
N PRO B 116 -17.56 -17.27 10.55
CA PRO B 116 -16.71 -18.32 11.12
C PRO B 116 -16.30 -18.00 12.54
N ILE B 117 -16.29 -19.03 13.39
CA ILE B 117 -15.82 -18.89 14.76
C ILE B 117 -14.59 -19.75 14.93
N LEU B 118 -13.54 -19.16 15.50
CA LEU B 118 -12.31 -19.88 15.76
C LEU B 118 -12.08 -19.98 17.27
N ASN B 119 -12.19 -21.19 17.79
CA ASN B 119 -12.03 -21.44 19.21
C ASN B 119 -10.59 -21.32 19.68
N ALA B 120 -10.31 -20.26 20.43
CA ALA B 120 -8.97 -20.06 20.98
C ALA B 120 -8.83 -20.73 22.35
N GLY B 121 -9.83 -21.54 22.71
CA GLY B 121 -9.82 -22.25 23.97
C GLY B 121 -11.14 -22.18 24.71
N ASP B 122 -11.69 -23.33 25.08
CA ASP B 122 -12.95 -23.37 25.83
C ASP B 122 -12.79 -24.14 27.15
N GLY B 123 -12.53 -23.41 28.22
CA GLY B 123 -12.35 -24.00 29.53
C GLY B 123 -11.34 -25.15 29.53
N CYS B 124 -11.78 -26.32 29.97
CA CYS B 124 -10.94 -27.51 29.96
C CYS B 124 -11.22 -28.37 28.73
N GLY B 125 -11.92 -27.81 27.75
CA GLY B 125 -12.36 -28.55 26.59
C GLY B 125 -11.32 -28.72 25.48
N GLN B 126 -11.38 -27.85 24.48
CA GLN B 126 -10.54 -27.99 23.30
C GLN B 126 -9.64 -26.77 23.08
N HIS B 127 -8.56 -27.00 22.35
CA HIS B 127 -7.65 -25.94 21.95
C HIS B 127 -7.06 -26.31 20.59
N PRO B 128 -7.87 -26.16 19.54
CA PRO B 128 -7.59 -26.66 18.19
C PRO B 128 -6.32 -26.08 17.56
N THR B 129 -6.12 -24.77 17.64
CA THR B 129 -4.95 -24.17 17.00
C THR B 129 -3.67 -24.56 17.71
N GLN B 130 -3.75 -24.76 19.02
CA GLN B 130 -2.59 -25.22 19.77
C GLN B 130 -2.19 -26.60 19.26
N SER B 131 -3.18 -27.47 19.14
CA SER B 131 -2.97 -28.83 18.65
C SER B 131 -2.32 -28.84 17.27
N LEU B 132 -2.81 -27.97 16.39
CA LEU B 132 -2.25 -27.84 15.05
C LEU B 132 -0.79 -27.35 15.09
N LEU B 133 -0.52 -26.36 15.94
CA LEU B 133 0.85 -25.94 16.24
C LEU B 133 1.70 -27.15 16.56
N ASP B 134 1.19 -27.96 17.48
CA ASP B 134 1.95 -29.09 18.00
C ASP B 134 2.22 -30.09 16.89
N LEU B 135 1.18 -30.44 16.14
CA LEU B 135 1.32 -31.37 15.03
C LEU B 135 2.34 -30.87 14.02
N MET B 136 2.29 -29.57 13.73
CA MET B 136 3.22 -28.96 12.78
C MET B 136 4.65 -29.11 13.25
N THR B 137 4.91 -28.70 14.49
CA THR B 137 6.25 -28.76 15.05
C THR B 137 6.75 -30.20 15.09
N ILE B 138 5.87 -31.12 15.47
CA ILE B 138 6.21 -32.53 15.51
C ILE B 138 6.52 -33.06 14.11
N TYR B 139 5.71 -32.67 13.12
CA TYR B 139 5.92 -33.13 11.76
C TYR B 139 7.19 -32.54 11.16
N GLU B 140 7.51 -31.31 11.55
CA GLU B 140 8.74 -30.69 11.09
C GLU B 140 9.96 -31.46 11.60
N GLU B 141 9.80 -32.09 12.76
CA GLU B 141 10.91 -32.76 13.41
C GLU B 141 11.17 -34.15 12.83
N PHE B 142 10.10 -34.93 12.68
CA PHE B 142 10.24 -36.34 12.34
C PHE B 142 9.67 -36.70 10.97
N ASN B 143 8.95 -35.76 10.37
CA ASN B 143 8.41 -35.96 9.03
C ASN B 143 7.38 -37.09 8.98
N THR B 144 6.73 -37.37 10.10
CA THR B 144 5.70 -38.40 10.17
C THR B 144 5.06 -38.43 11.55
N PHE B 145 3.90 -39.09 11.67
CA PHE B 145 3.25 -39.26 12.97
C PHE B 145 3.20 -40.73 13.34
N LYS B 146 3.16 -41.59 12.33
CA LYS B 146 3.04 -43.04 12.53
C LYS B 146 4.27 -43.60 13.24
N GLY B 147 4.02 -44.38 14.29
CA GLY B 147 5.11 -45.03 15.01
C GLY B 147 5.73 -44.15 16.08
N LEU B 148 5.36 -42.88 16.10
CA LEU B 148 5.86 -41.96 17.12
C LEU B 148 5.25 -42.28 18.47
N THR B 149 6.04 -42.11 19.53
CA THR B 149 5.51 -42.18 20.89
C THR B 149 5.52 -40.78 21.47
N VAL B 150 4.35 -40.27 21.79
CA VAL B 150 4.22 -38.95 22.37
C VAL B 150 3.69 -39.03 23.80
N SER B 151 4.45 -38.51 24.76
CA SER B 151 4.00 -38.48 26.14
C SER B 151 3.59 -37.08 26.59
N ILE B 152 2.45 -37.01 27.28
CA ILE B 152 1.89 -35.76 27.78
C ILE B 152 1.79 -35.83 29.30
N HIS B 153 2.34 -34.84 29.98
CA HIS B 153 2.61 -34.95 31.41
C HIS B 153 1.91 -33.90 32.29
N GLY B 154 1.48 -34.35 33.46
CA GLY B 154 0.97 -33.45 34.49
C GLY B 154 -0.53 -33.36 34.65
N ASP B 155 -1.04 -32.12 34.66
CA ASP B 155 -2.43 -31.83 34.96
C ASP B 155 -3.32 -32.10 33.74
N ILE B 156 -3.52 -33.37 33.43
CA ILE B 156 -4.29 -33.78 32.26
C ILE B 156 -5.76 -33.39 32.39
N LYS B 157 -6.29 -33.59 33.58
CA LYS B 157 -7.71 -33.40 33.89
C LYS B 157 -8.24 -32.04 33.42
N HIS B 158 -7.44 -30.99 33.61
CA HIS B 158 -7.87 -29.63 33.32
C HIS B 158 -7.25 -29.06 32.06
N SER B 159 -6.79 -29.93 31.16
CA SER B 159 -6.04 -29.47 29.98
C SER B 159 -6.81 -29.64 28.67
N ARG B 160 -7.18 -28.51 28.06
CA ARG B 160 -7.79 -28.52 26.75
C ARG B 160 -6.75 -28.85 25.69
N VAL B 161 -5.48 -28.66 26.04
CA VAL B 161 -4.38 -29.04 25.16
C VAL B 161 -4.27 -30.56 25.09
N ALA B 162 -4.20 -31.20 26.25
CA ALA B 162 -4.10 -32.65 26.30
C ALA B 162 -5.31 -33.29 25.63
N ARG B 163 -6.48 -32.69 25.81
CA ARG B 163 -7.71 -33.24 25.24
C ARG B 163 -7.72 -33.16 23.71
N SER B 164 -7.24 -32.04 23.17
CA SER B 164 -7.14 -31.90 21.71
C SER B 164 -6.06 -32.83 21.14
N ASN B 165 -4.92 -32.90 21.83
CA ASN B 165 -3.77 -33.63 21.32
C ASN B 165 -3.86 -35.16 21.42
N ALA B 166 -4.43 -35.66 22.49
CA ALA B 166 -4.45 -37.10 22.75
C ALA B 166 -5.11 -37.90 21.63
N GLU B 167 -6.38 -37.59 21.36
CA GLU B 167 -7.10 -38.32 20.32
C GLU B 167 -6.48 -38.16 18.94
N VAL B 168 -6.25 -36.93 18.52
CA VAL B 168 -5.77 -36.67 17.17
C VAL B 168 -4.40 -37.32 16.92
N LEU B 169 -3.57 -37.40 17.95
CA LEU B 169 -2.28 -38.06 17.83
C LEU B 169 -2.43 -39.55 17.52
N THR B 170 -3.21 -40.25 18.34
CA THR B 170 -3.43 -41.68 18.12
C THR B 170 -4.10 -41.90 16.78
N ARG B 171 -5.02 -40.99 16.43
CA ARG B 171 -5.70 -41.04 15.16
C ARG B 171 -4.71 -40.93 13.97
N LEU B 172 -3.64 -40.18 14.17
CA LEU B 172 -2.63 -40.02 13.12
C LEU B 172 -1.60 -41.14 13.15
N GLY B 173 -1.79 -42.09 14.05
CA GLY B 173 -0.95 -43.28 14.11
C GLY B 173 0.14 -43.25 15.15
N ALA B 174 0.09 -42.26 16.04
CA ALA B 174 1.08 -42.17 17.12
C ALA B 174 0.54 -42.82 18.39
N ARG B 175 1.44 -43.25 19.26
CA ARG B 175 1.04 -43.77 20.57
C ARG B 175 1.22 -42.71 21.64
N VAL B 176 0.19 -42.50 22.44
CA VAL B 176 0.21 -41.48 23.49
C VAL B 176 0.37 -42.07 24.88
N LEU B 177 1.30 -41.50 25.64
CA LEU B 177 1.48 -41.87 27.04
C LEU B 177 1.08 -40.72 27.96
N PHE B 178 0.42 -41.05 29.07
CA PHE B 178 0.03 -40.05 30.07
C PHE B 178 0.89 -40.18 31.32
N SER B 179 0.99 -39.10 32.08
CA SER B 179 1.83 -39.07 33.27
C SER B 179 1.36 -37.98 34.24
N GLY B 180 1.89 -38.01 35.47
CA GLY B 180 1.59 -36.98 36.46
C GLY B 180 0.71 -37.44 37.60
N PRO B 181 0.36 -36.52 38.51
CA PRO B 181 -0.46 -36.81 39.69
C PRO B 181 -1.74 -37.58 39.34
N SER B 182 -1.96 -38.70 40.01
CA SER B 182 -3.11 -39.56 39.71
C SER B 182 -4.44 -38.87 39.92
N GLU B 183 -4.48 -37.89 40.82
CA GLU B 183 -5.69 -37.11 41.06
C GLU B 183 -6.04 -36.21 39.87
N TRP B 184 -5.03 -35.82 39.10
CA TRP B 184 -5.22 -34.92 37.97
C TRP B 184 -5.35 -35.69 36.65
N GLN B 185 -5.63 -36.98 36.74
CA GLN B 185 -5.83 -37.78 35.54
C GLN B 185 -7.26 -37.70 35.04
N ASP B 186 -7.45 -37.93 33.75
CA ASP B 186 -8.75 -37.71 33.11
C ASP B 186 -9.35 -39.02 32.64
N GLU B 187 -10.53 -39.34 33.16
CA GLU B 187 -11.26 -40.54 32.74
C GLU B 187 -12.00 -40.28 31.44
N GLU B 188 -12.21 -39.01 31.13
CA GLU B 188 -12.85 -38.62 29.88
C GLU B 188 -11.82 -38.45 28.76
N ASN B 189 -10.63 -39.00 28.98
CA ASN B 189 -9.57 -38.97 27.99
C ASN B 189 -8.74 -40.26 28.04
N THR B 190 -9.20 -41.26 27.29
CA THR B 190 -8.61 -42.60 27.35
C THR B 190 -7.83 -42.93 26.09
N PHE B 191 -7.23 -41.92 25.48
CA PHE B 191 -6.48 -42.13 24.24
C PHE B 191 -4.99 -42.26 24.52
N GLY B 192 -4.66 -42.58 25.76
CA GLY B 192 -3.28 -42.75 26.15
C GLY B 192 -3.11 -43.78 27.23
N THR B 193 -1.86 -44.09 27.55
CA THR B 193 -1.57 -45.05 28.60
C THR B 193 -0.88 -44.35 29.75
N TYR B 194 -1.51 -44.39 30.92
CA TYR B 194 -0.92 -43.79 32.10
C TYR B 194 0.34 -44.55 32.47
N VAL B 195 1.42 -43.80 32.66
CA VAL B 195 2.70 -44.37 33.10
C VAL B 195 3.42 -43.33 33.94
N SER B 196 4.61 -43.66 34.42
CA SER B 196 5.37 -42.72 35.22
C SER B 196 6.29 -41.90 34.33
N MET B 197 6.54 -40.66 34.73
CA MET B 197 7.42 -39.77 33.98
C MET B 197 8.75 -40.46 33.67
N ASP B 198 9.34 -41.08 34.69
CA ASP B 198 10.66 -41.71 34.55
C ASP B 198 10.70 -42.77 33.45
N GLU B 199 9.58 -43.43 33.22
CA GLU B 199 9.47 -44.40 32.13
C GLU B 199 9.33 -43.69 30.79
N ALA B 200 8.33 -42.81 30.69
CA ALA B 200 8.01 -42.14 29.44
C ALA B 200 9.18 -41.37 28.85
N VAL B 201 10.00 -40.79 29.71
CA VAL B 201 11.09 -39.93 29.26
C VAL B 201 12.13 -40.71 28.45
N GLU B 202 12.07 -42.04 28.52
CA GLU B 202 13.03 -42.88 27.80
C GLU B 202 12.42 -43.55 26.57
N SER B 203 11.09 -43.64 26.54
CA SER B 203 10.42 -44.28 25.41
C SER B 203 9.75 -43.26 24.47
N SER B 204 9.90 -41.97 24.77
CA SER B 204 9.18 -40.95 24.02
C SER B 204 10.01 -40.28 22.94
N ASP B 205 9.40 -40.08 21.78
CA ASP B 205 9.99 -39.29 20.72
C ASP B 205 9.69 -37.83 21.00
N VAL B 206 8.54 -37.59 21.61
CA VAL B 206 8.14 -36.26 22.04
C VAL B 206 7.73 -36.29 23.51
N VAL B 207 8.34 -35.42 24.30
CA VAL B 207 7.94 -35.23 25.69
C VAL B 207 7.24 -33.88 25.82
N MET B 208 5.90 -33.92 25.96
CA MET B 208 5.12 -32.70 26.04
C MET B 208 4.70 -32.39 27.47
N LEU B 209 5.18 -31.26 27.99
CA LEU B 209 4.87 -30.86 29.35
C LEU B 209 3.67 -29.92 29.41
N LEU B 210 2.91 -30.00 30.49
CA LEU B 210 1.77 -29.12 30.70
C LEU B 210 1.94 -28.24 31.94
N ARG B 211 1.41 -27.02 31.88
CA ARG B 211 1.36 -26.13 33.03
C ARG B 211 0.26 -26.62 33.95
N ILE B 212 0.44 -26.45 35.26
CA ILE B 212 -0.63 -26.77 36.19
C ILE B 212 -1.72 -25.71 36.09
N GLN B 213 -2.95 -26.14 35.86
CA GLN B 213 -4.07 -25.22 35.68
C GLN B 213 -4.61 -24.75 37.03
N ASN B 214 -3.76 -24.09 37.81
CA ASN B 214 -4.14 -23.61 39.14
C ASN B 214 -5.45 -22.82 39.15
N GLU B 215 -5.62 -21.94 38.17
CA GLU B 215 -6.81 -21.10 38.12
C GLU B 215 -8.08 -21.89 37.83
N ARG B 216 -7.94 -23.17 37.48
CA ARG B 216 -9.09 -23.97 37.10
C ARG B 216 -9.47 -25.03 38.14
N HIS B 217 -8.69 -25.12 39.21
CA HIS B 217 -8.93 -26.15 40.22
C HIS B 217 -10.03 -25.76 41.21
N GLN B 218 -10.96 -26.67 41.45
CA GLN B 218 -12.04 -26.42 42.41
C GLN B 218 -11.47 -26.19 43.80
N SER B 219 -10.34 -26.82 44.08
CA SER B 219 -9.67 -26.65 45.35
C SER B 219 -8.16 -26.63 45.15
N ALA B 220 -7.50 -25.68 45.81
CA ALA B 220 -6.05 -25.60 45.76
C ALA B 220 -5.44 -26.67 46.65
N VAL B 221 -4.35 -27.26 46.20
CA VAL B 221 -3.63 -28.25 46.99
C VAL B 221 -2.15 -27.95 46.91
N SER B 222 -1.37 -28.54 47.81
CA SER B 222 0.07 -28.34 47.77
C SER B 222 0.66 -28.91 46.49
N GLN B 223 1.73 -28.28 46.02
CA GLN B 223 2.49 -28.80 44.90
C GLN B 223 3.96 -28.69 45.22
N GLU B 224 4.29 -28.83 46.50
CA GLU B 224 5.69 -28.86 46.94
C GLU B 224 6.43 -30.00 46.27
N GLY B 225 7.66 -29.73 45.84
CA GLY B 225 8.49 -30.73 45.20
C GLY B 225 7.90 -31.30 43.92
N TYR B 226 7.03 -30.55 43.27
CA TYR B 226 6.38 -31.03 42.06
C TYR B 226 7.39 -31.37 40.98
N LEU B 227 8.42 -30.54 40.85
CA LEU B 227 9.44 -30.76 39.83
C LEU B 227 10.07 -32.15 40.00
N ASN B 228 10.67 -32.37 41.16
CA ASN B 228 11.33 -33.63 41.45
C ASN B 228 10.40 -34.83 41.34
N LYS B 229 9.13 -34.66 41.71
CA LYS B 229 8.19 -35.77 41.65
C LYS B 229 7.65 -36.04 40.25
N TYR B 230 7.05 -35.01 39.64
CA TYR B 230 6.28 -35.21 38.42
C TYR B 230 6.86 -34.50 37.19
N GLY B 231 7.75 -33.54 37.40
CA GLY B 231 8.21 -32.69 36.32
C GLY B 231 9.41 -33.19 35.54
N LEU B 232 9.81 -32.42 34.53
CA LEU B 232 10.97 -32.75 33.73
C LEU B 232 12.23 -32.18 34.37
N THR B 233 12.90 -33.01 35.17
CA THR B 233 14.13 -32.62 35.82
C THR B 233 15.29 -32.73 34.85
N VAL B 234 16.41 -32.11 35.19
CA VAL B 234 17.62 -32.22 34.39
C VAL B 234 18.01 -33.68 34.27
N GLU B 235 18.00 -34.38 35.40
CA GLU B 235 18.33 -35.79 35.45
C GLU B 235 17.48 -36.60 34.48
N ARG B 236 16.19 -36.28 34.41
CA ARG B 236 15.27 -37.00 33.53
C ARG B 236 15.49 -36.67 32.06
N ALA B 237 15.80 -35.42 31.77
CA ALA B 237 16.02 -34.96 30.40
C ALA B 237 17.25 -35.61 29.79
N GLU B 238 18.24 -35.91 30.63
CA GLU B 238 19.47 -36.55 30.18
C GLU B 238 19.20 -37.97 29.67
N ARG B 239 18.09 -38.56 30.09
CA ARG B 239 17.76 -39.92 29.70
C ARG B 239 16.80 -39.98 28.51
N MET B 240 16.63 -38.85 27.83
CA MET B 240 15.77 -38.80 26.64
C MET B 240 16.47 -39.39 25.43
N LYS B 241 15.70 -39.92 24.50
CA LYS B 241 16.25 -40.38 23.23
C LYS B 241 17.01 -39.24 22.55
N ARG B 242 18.07 -39.60 21.82
CA ARG B 242 18.91 -38.61 21.16
C ARG B 242 18.12 -37.65 20.26
N HIS B 243 17.12 -38.20 19.58
CA HIS B 243 16.37 -37.47 18.56
C HIS B 243 15.06 -36.86 19.09
N ALA B 244 14.78 -37.09 20.38
CA ALA B 244 13.53 -36.65 20.97
C ALA B 244 13.49 -35.13 21.22
N ILE B 245 12.30 -34.58 21.34
CA ILE B 245 12.15 -33.15 21.62
C ILE B 245 11.26 -32.87 22.82
N ILE B 246 11.47 -31.71 23.43
CA ILE B 246 10.64 -31.22 24.53
C ILE B 246 9.64 -30.18 24.00
N MET B 247 8.37 -30.36 24.34
CA MET B 247 7.34 -29.41 23.96
C MET B 247 6.51 -28.97 25.16
N HIS B 248 5.88 -27.80 25.03
CA HIS B 248 5.12 -27.20 26.12
C HIS B 248 4.29 -26.06 25.53
N PRO B 249 2.97 -26.10 25.72
CA PRO B 249 2.11 -25.10 25.06
C PRO B 249 2.35 -23.71 25.63
N ALA B 250 3.06 -23.65 26.75
CA ALA B 250 3.36 -22.37 27.40
C ALA B 250 2.12 -21.70 27.98
N PRO B 251 2.32 -20.75 28.91
CA PRO B 251 3.64 -20.35 29.42
C PRO B 251 4.17 -21.42 30.35
N VAL B 252 5.49 -21.47 30.52
CA VAL B 252 6.08 -22.44 31.43
C VAL B 252 6.19 -21.83 32.82
N ASN B 253 5.94 -22.65 33.84
CA ASN B 253 6.27 -22.25 35.19
C ASN B 253 7.63 -22.85 35.56
N ARG B 254 8.67 -22.07 35.30
CA ARG B 254 10.04 -22.52 35.52
C ARG B 254 10.22 -22.95 36.98
N GLY B 255 10.65 -24.18 37.18
CA GLY B 255 10.86 -24.71 38.53
C GLY B 255 9.74 -25.62 38.99
N VAL B 256 8.63 -25.63 38.24
CA VAL B 256 7.52 -26.50 38.57
C VAL B 256 7.52 -27.74 37.68
N GLU B 257 6.99 -27.62 36.47
CA GLU B 257 6.88 -28.76 35.56
C GLU B 257 8.14 -28.98 34.74
N ILE B 258 9.05 -28.02 34.78
CA ILE B 258 10.31 -28.16 34.05
C ILE B 258 11.44 -27.40 34.73
N ASP B 259 12.63 -27.97 34.70
CA ASP B 259 13.78 -27.29 35.28
C ASP B 259 14.10 -26.04 34.46
N ASP B 260 14.46 -24.98 35.18
CA ASP B 260 14.74 -23.69 34.56
C ASP B 260 15.73 -23.78 33.38
N SER B 261 16.69 -24.69 33.48
CA SER B 261 17.75 -24.77 32.48
C SER B 261 17.35 -25.53 31.22
N LEU B 262 16.17 -26.12 31.22
CA LEU B 262 15.76 -26.96 30.09
C LEU B 262 14.91 -26.21 29.06
N VAL B 263 14.26 -25.14 29.49
CA VAL B 263 13.32 -24.43 28.61
C VAL B 263 13.95 -24.10 27.26
N GLU B 264 15.20 -23.64 27.29
CA GLU B 264 15.89 -23.31 26.04
C GLU B 264 17.11 -24.21 25.83
N SER B 265 16.93 -25.50 26.04
CA SER B 265 18.00 -26.47 25.82
C SER B 265 17.90 -27.11 24.44
N GLU B 266 18.97 -27.81 24.05
CA GLU B 266 19.11 -28.40 22.72
C GLU B 266 17.87 -29.12 22.19
N LYS B 267 17.17 -29.83 23.06
CA LYS B 267 16.05 -30.65 22.61
C LYS B 267 14.70 -29.94 22.72
N SER B 268 14.72 -28.71 23.22
CA SER B 268 13.48 -27.95 23.37
C SER B 268 12.99 -27.36 22.05
N ARG B 269 11.69 -27.50 21.81
CA ARG B 269 11.06 -26.90 20.64
C ARG B 269 9.95 -25.96 21.09
N ILE B 270 10.00 -25.56 22.35
CA ILE B 270 8.94 -24.74 22.94
C ILE B 270 8.77 -23.40 22.23
N PHE B 271 9.86 -22.71 21.96
CA PHE B 271 9.76 -21.41 21.30
C PHE B 271 9.51 -21.55 19.80
N LYS B 272 9.89 -22.70 19.25
CA LYS B 272 9.56 -22.98 17.87
C LYS B 272 8.05 -23.17 17.73
N GLN B 273 7.43 -23.73 18.76
CA GLN B 273 5.98 -23.88 18.80
C GLN B 273 5.30 -22.52 18.63
N MET B 274 5.81 -21.53 19.34
CA MET B 274 5.23 -20.19 19.31
C MET B 274 5.39 -19.56 17.92
N LYS B 275 6.52 -19.82 17.27
CA LYS B 275 6.74 -19.35 15.89
C LYS B 275 5.66 -19.90 14.96
N ASN B 276 5.51 -21.21 14.95
CA ASN B 276 4.56 -21.85 14.05
C ASN B 276 3.12 -21.43 14.33
N GLY B 277 2.87 -21.00 15.56
CA GLY B 277 1.54 -20.57 15.98
C GLY B 277 0.92 -19.55 15.04
N VAL B 278 1.74 -18.59 14.62
CA VAL B 278 1.29 -17.53 13.73
C VAL B 278 0.80 -18.08 12.38
N PHE B 279 1.64 -18.88 11.74
CA PHE B 279 1.33 -19.37 10.40
C PHE B 279 0.20 -20.40 10.41
N ILE B 280 0.14 -21.21 11.46
CA ILE B 280 -0.99 -22.11 11.67
C ILE B 280 -2.28 -21.30 11.79
N ARG B 281 -2.19 -20.20 12.52
CA ARG B 281 -3.36 -19.34 12.74
C ARG B 281 -3.75 -18.56 11.48
N MET B 282 -2.75 -18.18 10.68
CA MET B 282 -3.02 -17.60 9.36
C MET B 282 -3.80 -18.61 8.51
N ALA B 283 -3.28 -19.84 8.45
CA ALA B 283 -3.88 -20.90 7.66
C ALA B 283 -5.31 -21.14 8.08
N VAL B 284 -5.53 -21.19 9.39
CA VAL B 284 -6.86 -21.43 9.94
C VAL B 284 -7.84 -20.31 9.55
N ILE B 285 -7.37 -19.08 9.53
CA ILE B 285 -8.20 -17.95 9.11
C ILE B 285 -8.51 -18.01 7.62
N GLN B 286 -7.52 -18.39 6.82
CA GLN B 286 -7.74 -18.53 5.38
C GLN B 286 -8.80 -19.60 5.11
N ARG B 287 -8.76 -20.68 5.89
CA ARG B 287 -9.72 -21.76 5.78
C ARG B 287 -11.13 -21.31 6.18
N ALA B 288 -11.20 -20.52 7.24
CA ALA B 288 -12.48 -20.05 7.77
C ALA B 288 -13.24 -19.16 6.79
N LEU B 289 -12.50 -18.35 6.02
CA LEU B 289 -13.10 -17.40 5.09
C LEU B 289 -12.97 -17.84 3.65
N GLN B 290 -12.82 -19.15 3.43
CA GLN B 290 -12.55 -19.67 2.09
C GLN B 290 -11.34 -18.94 1.49
N MET C 1 20.50 -3.03 16.51
CA MET C 1 19.79 -3.23 17.76
C MET C 1 20.44 -2.48 18.92
N LYS C 2 19.71 -1.53 19.49
CA LYS C 2 20.19 -0.79 20.65
C LYS C 2 19.09 -0.65 21.70
N HIS C 3 19.37 -1.14 22.90
CA HIS C 3 18.45 -0.95 24.01
C HIS C 3 18.46 0.50 24.46
N LEU C 4 17.36 0.93 25.05
CA LEU C 4 17.33 2.18 25.78
C LEU C 4 16.78 1.89 27.18
N THR C 5 17.69 1.72 28.13
CA THR C 5 17.31 1.31 29.47
C THR C 5 17.50 2.41 30.50
N THR C 6 18.74 2.86 30.64
CA THR C 6 19.08 3.88 31.63
C THR C 6 19.74 5.07 30.97
N MET C 7 19.45 6.26 31.49
CA MET C 7 19.96 7.50 30.91
C MET C 7 21.46 7.65 31.15
N SER C 8 21.96 7.06 32.22
CA SER C 8 23.37 7.18 32.57
C SER C 8 24.30 6.40 31.63
N GLU C 9 23.76 5.41 30.92
CA GLU C 9 24.58 4.62 29.99
C GLU C 9 24.46 5.12 28.56
N LEU C 10 23.80 6.26 28.38
CA LEU C 10 23.67 6.87 27.06
C LEU C 10 24.65 8.04 26.92
N SER C 11 25.52 7.99 25.92
CA SER C 11 26.57 9.00 25.77
C SER C 11 26.02 10.34 25.31
N THR C 12 26.81 11.40 25.53
CA THR C 12 26.44 12.75 25.12
C THR C 12 26.22 12.85 23.61
N GLU C 13 27.04 12.14 22.84
CA GLU C 13 26.91 12.15 21.39
C GLU C 13 25.58 11.53 20.97
N GLU C 14 25.24 10.39 21.55
CA GLU C 14 23.99 9.70 21.24
C GLU C 14 22.79 10.56 21.60
N ILE C 15 22.89 11.27 22.73
CA ILE C 15 21.84 12.19 23.14
C ILE C 15 21.70 13.31 22.12
N LYS C 16 22.85 13.83 21.70
CA LYS C 16 22.91 14.91 20.71
C LYS C 16 22.30 14.45 19.38
N ASP C 17 22.60 13.22 18.99
CA ASP C 17 22.07 12.67 17.74
C ASP C 17 20.57 12.44 17.84
N LEU C 18 20.12 11.89 18.96
CA LEU C 18 18.70 11.64 19.17
C LEU C 18 17.90 12.94 19.13
N LEU C 19 18.43 13.98 19.74
CA LEU C 19 17.78 15.29 19.71
C LEU C 19 17.69 15.88 18.30
N GLN C 20 18.75 15.75 17.50
CA GLN C 20 18.74 16.25 16.13
C GLN C 20 17.69 15.53 15.30
N THR C 21 17.68 14.21 15.42
CA THR C 21 16.74 13.39 14.68
C THR C 21 15.31 13.79 15.04
N ALA C 22 15.06 13.90 16.34
CA ALA C 22 13.73 14.25 16.83
C ALA C 22 13.31 15.61 16.28
N GLN C 23 14.26 16.54 16.26
CA GLN C 23 13.98 17.88 15.77
C GLN C 23 13.66 17.88 14.28
N GLU C 24 14.37 17.05 13.52
CA GLU C 24 14.11 16.91 12.09
C GLU C 24 12.73 16.32 11.83
N LEU C 25 12.40 15.24 12.53
CA LEU C 25 11.09 14.62 12.40
C LEU C 25 9.99 15.60 12.77
N LYS C 26 10.23 16.37 13.83
CA LYS C 26 9.28 17.41 14.23
C LYS C 26 9.15 18.44 13.11
N SER C 27 10.24 18.67 12.38
CA SER C 27 10.25 19.62 11.27
C SER C 27 9.42 19.16 10.08
N GLY C 28 9.22 17.86 9.95
CA GLY C 28 8.41 17.32 8.87
C GLY C 28 9.06 16.16 8.15
N LYS C 29 10.38 16.01 8.32
CA LYS C 29 11.10 14.88 7.75
C LYS C 29 10.38 13.57 8.09
N THR C 30 10.30 12.68 7.12
CA THR C 30 9.63 11.40 7.32
C THR C 30 10.54 10.24 6.95
N ASP C 31 10.12 9.03 7.31
CA ASP C 31 10.86 7.82 6.99
C ASP C 31 9.96 6.61 7.14
N ASN C 32 10.04 5.71 6.17
CA ASN C 32 9.11 4.57 6.09
C ASN C 32 9.80 3.23 6.28
N GLN C 33 11.11 3.26 6.43
CA GLN C 33 11.91 2.03 6.46
C GLN C 33 11.34 0.94 7.36
N LEU C 34 10.62 1.34 8.41
CA LEU C 34 10.13 0.40 9.40
C LEU C 34 8.69 -0.03 9.15
N THR C 35 8.16 0.32 7.98
CA THR C 35 6.79 -0.04 7.63
C THR C 35 6.61 -1.56 7.63
N GLY C 36 5.59 -2.04 8.32
CA GLY C 36 5.28 -3.47 8.36
C GLY C 36 5.86 -4.22 9.53
N LYS C 37 6.95 -3.70 10.10
CA LYS C 37 7.55 -4.31 11.29
C LYS C 37 6.62 -4.20 12.50
N PHE C 38 6.90 -5.00 13.52
CA PHE C 38 6.03 -5.07 14.69
C PHE C 38 6.67 -4.49 15.95
N ALA C 39 5.94 -3.62 16.63
CA ALA C 39 6.34 -3.12 17.94
C ALA C 39 5.33 -3.60 18.96
N ALA C 40 5.81 -3.95 20.15
CA ALA C 40 4.92 -4.36 21.23
C ALA C 40 5.06 -3.41 22.40
N ASN C 41 3.93 -2.90 22.87
CA ASN C 41 3.90 -2.05 24.06
C ASN C 41 3.41 -2.84 25.26
N LEU C 42 4.30 -3.12 26.20
CA LEU C 42 3.97 -3.84 27.43
C LEU C 42 3.94 -2.87 28.60
N PHE C 43 2.74 -2.49 29.03
CA PHE C 43 2.60 -1.56 30.14
C PHE C 43 1.95 -2.19 31.37
N PHE C 44 2.78 -2.46 32.38
CA PHE C 44 2.31 -3.06 33.62
C PHE C 44 2.02 -1.99 34.67
N GLU C 45 2.25 -0.72 34.31
CA GLU C 45 1.85 0.40 35.14
C GLU C 45 0.96 1.33 34.33
N PRO C 46 0.15 2.15 35.00
CA PRO C 46 -0.70 3.07 34.25
C PRO C 46 0.13 4.11 33.48
N SER C 47 -0.40 4.53 32.34
CA SER C 47 0.29 5.49 31.49
C SER C 47 -0.68 6.12 30.49
N THR C 48 -0.39 7.35 30.09
CA THR C 48 -1.11 7.99 28.98
C THR C 48 -0.12 8.54 27.95
N ARG C 49 0.70 9.50 28.36
CA ARG C 49 1.68 10.11 27.46
C ARG C 49 2.65 9.09 26.89
N THR C 50 3.40 8.43 27.77
CA THR C 50 4.45 7.53 27.33
C THR C 50 3.91 6.43 26.43
N ARG C 51 2.90 5.74 26.91
CA ARG C 51 2.30 4.64 26.17
C ARG C 51 1.77 5.08 24.80
N PHE C 52 0.90 6.09 24.79
CA PHE C 52 0.22 6.47 23.55
C PHE C 52 1.09 7.33 22.62
N SER C 53 2.08 8.02 23.17
CA SER C 53 3.02 8.72 22.30
C SER C 53 3.86 7.69 21.55
N PHE C 54 4.20 6.60 22.22
CA PHE C 54 4.92 5.51 21.57
C PHE C 54 4.07 4.90 20.45
N GLU C 55 2.79 4.71 20.71
CA GLU C 55 1.90 4.13 19.72
C GLU C 55 1.78 5.04 18.50
N VAL C 56 1.61 6.34 18.75
CA VAL C 56 1.59 7.32 17.68
C VAL C 56 2.91 7.28 16.92
N ALA C 57 4.02 7.31 17.65
CA ALA C 57 5.34 7.27 17.04
C ALA C 57 5.50 6.02 16.15
N GLU C 58 5.06 4.88 16.67
CA GLU C 58 5.16 3.61 15.95
C GLU C 58 4.36 3.63 14.66
N LYS C 59 3.13 4.14 14.73
CA LYS C 59 2.26 4.19 13.57
C LYS C 59 2.70 5.24 12.55
N LYS C 60 3.29 6.33 13.01
CA LYS C 60 3.88 7.30 12.09
C LYS C 60 5.06 6.68 11.35
N LEU C 61 5.73 5.73 11.99
CA LEU C 61 6.84 5.01 11.34
C LEU C 61 6.31 3.85 10.50
N GLY C 62 4.99 3.75 10.39
CA GLY C 62 4.36 2.72 9.57
C GLY C 62 4.38 1.32 10.15
N MET C 63 4.54 1.21 11.46
CA MET C 63 4.66 -0.09 12.11
C MET C 63 3.32 -0.65 12.58
N ASN C 64 3.21 -1.97 12.61
CA ASN C 64 2.09 -2.62 13.27
C ASN C 64 2.33 -2.62 14.77
N VAL C 65 1.26 -2.53 15.54
CA VAL C 65 1.39 -2.39 16.98
C VAL C 65 0.58 -3.41 17.78
N LEU C 66 1.26 -4.08 18.70
CA LEU C 66 0.59 -4.95 19.66
C LEU C 66 0.66 -4.30 21.03
N ASN C 67 -0.46 -4.28 21.73
CA ASN C 67 -0.54 -3.66 23.04
C ASN C 67 -0.86 -4.67 24.14
N LEU C 68 0.07 -4.84 25.08
CA LEU C 68 -0.09 -5.79 26.17
C LEU C 68 -0.27 -5.14 27.54
N ASP C 69 -1.29 -5.61 28.26
CA ASP C 69 -1.52 -5.22 29.64
C ASP C 69 -0.94 -6.29 30.54
N GLY C 70 -0.96 -6.08 31.85
CA GLY C 70 -0.42 -7.08 32.76
C GLY C 70 -1.48 -8.03 33.30
N THR C 71 -2.75 -7.67 33.15
CA THR C 71 -3.84 -8.44 33.72
C THR C 71 -4.52 -9.34 32.69
N SER C 72 -4.31 -9.05 31.40
CA SER C 72 -4.96 -9.81 30.35
C SER C 72 -4.02 -10.82 29.69
N THR C 73 -2.73 -10.67 29.94
CA THR C 73 -1.72 -11.54 29.34
C THR C 73 -1.47 -12.77 30.20
N SER C 74 -0.64 -13.68 29.69
CA SER C 74 -0.34 -14.91 30.38
C SER C 74 0.62 -14.73 31.56
N VAL C 75 0.95 -13.48 31.86
CA VAL C 75 1.67 -13.16 33.08
C VAL C 75 0.80 -13.59 34.26
N GLN C 76 -0.52 -13.58 34.04
CA GLN C 76 -1.49 -14.06 35.02
C GLN C 76 -1.30 -15.55 35.29
N LYS C 77 -0.68 -16.25 34.35
CA LYS C 77 -0.44 -17.69 34.52
C LYS C 77 0.98 -17.92 35.07
N GLY C 78 1.66 -16.83 35.40
CA GLY C 78 2.97 -16.91 36.03
C GLY C 78 4.13 -16.76 35.07
N GLU C 79 3.87 -16.32 33.85
CA GLU C 79 4.96 -16.15 32.89
C GLU C 79 5.87 -15.02 33.32
N THR C 80 7.17 -15.24 33.16
CA THR C 80 8.16 -14.22 33.49
C THR C 80 8.25 -13.17 32.39
N LEU C 81 8.85 -12.03 32.71
CA LEU C 81 9.03 -10.97 31.74
C LEU C 81 9.89 -11.47 30.57
N TYR C 82 10.99 -12.15 30.90
CA TYR C 82 11.89 -12.68 29.88
C TYR C 82 11.18 -13.58 28.89
N ASP C 83 10.35 -14.49 29.40
CA ASP C 83 9.62 -15.41 28.55
C ASP C 83 8.62 -14.68 27.67
N THR C 84 8.03 -13.63 28.22
CA THR C 84 7.12 -12.76 27.47
C THR C 84 7.86 -12.13 26.29
N ILE C 85 9.07 -11.63 26.54
CA ILE C 85 9.87 -11.04 25.47
C ILE C 85 10.25 -12.07 24.41
N ARG C 86 10.74 -13.23 24.85
CA ARG C 86 11.11 -14.29 23.93
C ARG C 86 9.91 -14.77 23.13
N THR C 87 8.75 -14.82 23.79
CA THR C 87 7.51 -15.16 23.12
C THR C 87 7.22 -14.15 22.01
N LEU C 88 7.34 -12.87 22.34
CA LEU C 88 7.08 -11.82 21.36
C LEU C 88 8.04 -11.87 20.18
N GLU C 89 9.32 -12.18 20.44
CA GLU C 89 10.28 -12.39 19.37
C GLU C 89 9.80 -13.51 18.46
N SER C 90 9.29 -14.58 19.05
CA SER C 90 8.92 -15.77 18.31
C SER C 90 7.77 -15.54 17.34
N ILE C 91 6.85 -14.63 17.68
CA ILE C 91 5.71 -14.38 16.83
C ILE C 91 5.93 -13.22 15.87
N GLY C 92 7.12 -12.62 15.92
CA GLY C 92 7.52 -11.65 14.92
C GLY C 92 7.71 -10.21 15.37
N VAL C 93 7.70 -9.97 16.68
CA VAL C 93 7.91 -8.63 17.20
C VAL C 93 9.37 -8.20 17.04
N ASP C 94 9.57 -6.95 16.60
CA ASP C 94 10.92 -6.46 16.32
C ASP C 94 11.48 -5.56 17.41
N VAL C 95 10.61 -4.99 18.25
CA VAL C 95 11.03 -4.12 19.33
C VAL C 95 9.97 -4.08 20.42
N CYS C 96 10.40 -3.98 21.68
CA CYS C 96 9.48 -3.97 22.81
C CYS C 96 9.65 -2.72 23.67
N VAL C 97 8.53 -2.05 23.95
CA VAL C 97 8.51 -0.95 24.89
C VAL C 97 7.93 -1.47 26.19
N ILE C 98 8.62 -1.25 27.31
CA ILE C 98 8.19 -1.82 28.58
C ILE C 98 8.13 -0.81 29.73
N ARG C 99 6.98 -0.78 30.42
CA ARG C 99 6.87 -0.09 31.69
C ARG C 99 6.54 -1.12 32.78
N HIS C 100 7.32 -1.11 33.86
CA HIS C 100 7.22 -2.16 34.86
C HIS C 100 7.53 -1.60 36.26
N SER C 101 6.88 -2.16 37.28
CA SER C 101 7.00 -1.66 38.65
C SER C 101 8.34 -2.00 39.29
N GLU C 102 9.08 -2.92 38.70
CA GLU C 102 10.31 -3.43 39.31
C GLU C 102 11.55 -2.66 38.85
N ASP C 103 12.13 -1.88 39.76
CA ASP C 103 13.36 -1.17 39.47
C ASP C 103 14.39 -2.09 38.82
N GLU C 104 14.90 -1.67 37.68
CA GLU C 104 15.97 -2.39 36.99
C GLU C 104 15.57 -3.79 36.52
N TYR C 105 14.31 -3.94 36.14
CA TYR C 105 13.81 -5.20 35.59
C TYR C 105 14.62 -5.62 34.37
N TYR C 106 15.26 -4.65 33.73
CA TYR C 106 15.87 -4.84 32.42
C TYR C 106 17.27 -5.44 32.47
N GLU C 107 17.92 -5.41 33.63
CA GLU C 107 19.28 -5.92 33.76
C GLU C 107 19.41 -7.37 33.30
N GLU C 108 18.50 -8.21 33.78
CA GLU C 108 18.47 -9.61 33.36
C GLU C 108 18.24 -9.73 31.85
N LEU C 109 17.37 -8.87 31.32
CA LEU C 109 16.92 -9.00 29.94
C LEU C 109 17.96 -8.62 28.89
N VAL C 110 18.56 -7.45 29.04
CA VAL C 110 19.42 -6.90 27.98
C VAL C 110 20.53 -7.84 27.54
N SER C 111 20.94 -8.74 28.43
CA SER C 111 22.01 -9.68 28.11
C SER C 111 21.46 -10.97 27.52
N GLN C 112 20.16 -11.18 27.65
CA GLN C 112 19.54 -12.45 27.27
C GLN C 112 18.67 -12.38 26.01
N VAL C 113 17.98 -11.27 25.82
CA VAL C 113 17.02 -11.18 24.73
C VAL C 113 17.68 -10.73 23.43
N ASN C 114 16.98 -10.94 22.31
CA ASN C 114 17.57 -10.73 20.99
C ASN C 114 16.99 -9.54 20.23
N ILE C 115 15.96 -8.90 20.78
CA ILE C 115 15.40 -7.70 20.17
C ILE C 115 15.56 -6.52 21.11
N PRO C 116 15.56 -5.30 20.55
CA PRO C 116 15.79 -4.10 21.36
C PRO C 116 14.68 -3.86 22.41
N ILE C 117 15.10 -3.47 23.60
CA ILE C 117 14.19 -3.13 24.67
C ILE C 117 14.21 -1.63 24.92
N LEU C 118 13.03 -1.03 24.95
CA LEU C 118 12.89 0.39 25.26
C LEU C 118 12.17 0.55 26.59
N ASN C 119 12.89 1.08 27.58
CA ASN C 119 12.36 1.23 28.93
C ASN C 119 11.42 2.43 29.02
N ALA C 120 10.14 2.17 29.25
CA ALA C 120 9.17 3.25 29.42
C ALA C 120 9.01 3.60 30.89
N GLY C 121 9.91 3.04 31.71
CA GLY C 121 9.90 3.30 33.14
C GLY C 121 10.04 2.04 33.97
N ASP C 122 10.98 2.05 34.92
CA ASP C 122 11.18 0.91 35.81
C ASP C 122 11.04 1.32 37.27
N GLY C 123 9.83 1.21 37.80
CA GLY C 123 9.56 1.58 39.17
C GLY C 123 10.02 2.98 39.48
N CYS C 124 10.93 3.11 40.45
CA CYS C 124 11.48 4.40 40.85
C CYS C 124 12.86 4.59 40.22
N GLY C 125 13.16 3.83 39.17
CA GLY C 125 14.50 3.82 38.60
C GLY C 125 14.78 4.84 37.52
N GLN C 126 14.60 4.43 36.26
CA GLN C 126 14.94 5.28 35.13
C GLN C 126 13.74 5.56 34.23
N HIS C 127 13.82 6.67 33.49
CA HIS C 127 12.77 7.02 32.54
C HIS C 127 13.41 7.76 31.35
N PRO C 128 14.14 7.01 30.51
CA PRO C 128 15.03 7.56 29.49
C PRO C 128 14.34 8.45 28.46
N THR C 129 13.17 8.07 27.96
CA THR C 129 12.53 8.86 26.92
C THR C 129 11.90 10.12 27.49
N GLN C 130 11.54 10.09 28.76
CA GLN C 130 11.07 11.30 29.42
C GLN C 130 12.23 12.29 29.52
N SER C 131 13.39 11.76 29.91
CA SER C 131 14.60 12.55 30.03
C SER C 131 14.94 13.21 28.70
N LEU C 132 14.96 12.40 27.64
CA LEU C 132 15.29 12.88 26.29
C LEU C 132 14.38 14.01 25.81
N LEU C 133 13.08 13.85 25.96
CA LEU C 133 12.14 14.90 25.54
C LEU C 133 12.23 16.11 26.47
N ASP C 134 12.63 15.88 27.72
CA ASP C 134 12.89 16.99 28.63
C ASP C 134 14.09 17.79 28.12
N LEU C 135 15.17 17.10 27.80
CA LEU C 135 16.36 17.75 27.27
C LEU C 135 16.02 18.52 25.99
N MET C 136 15.36 17.84 25.05
CA MET C 136 14.96 18.47 23.80
C MET C 136 14.17 19.75 24.05
N THR C 137 13.21 19.69 24.96
CA THR C 137 12.38 20.84 25.28
C THR C 137 13.21 21.99 25.85
N ILE C 138 14.18 21.64 26.70
CA ILE C 138 15.07 22.64 27.28
C ILE C 138 15.96 23.25 26.20
N TYR C 139 16.55 22.40 25.35
CA TYR C 139 17.46 22.87 24.32
C TYR C 139 16.74 23.73 23.27
N GLU C 140 15.50 23.39 22.97
CA GLU C 140 14.70 24.21 22.07
C GLU C 140 14.53 25.60 22.65
N GLU C 141 14.47 25.69 23.97
CA GLU C 141 14.21 26.96 24.65
C GLU C 141 15.46 27.83 24.77
N PHE C 142 16.57 27.23 25.19
CA PHE C 142 17.78 28.00 25.49
C PHE C 142 18.92 27.67 24.56
N ASN C 143 18.75 26.67 23.70
CA ASN C 143 19.75 26.35 22.71
C ASN C 143 21.12 26.05 23.32
N THR C 144 21.11 25.54 24.56
CA THR C 144 22.33 25.12 25.25
C THR C 144 22.01 24.57 26.63
N PHE C 145 22.88 23.72 27.16
CA PHE C 145 22.70 23.18 28.51
C PHE C 145 23.70 23.78 29.50
N LYS C 146 24.87 24.17 29.01
CA LYS C 146 25.93 24.66 29.87
C LYS C 146 25.57 26.00 30.49
N GLY C 147 25.72 26.09 31.81
CA GLY C 147 25.41 27.31 32.52
C GLY C 147 23.95 27.41 32.93
N LEU C 148 23.14 26.47 32.45
CA LEU C 148 21.74 26.45 32.85
C LEU C 148 21.62 26.02 34.31
N THR C 149 20.66 26.60 35.00
CA THR C 149 20.30 26.14 36.33
C THR C 149 18.92 25.52 36.26
N VAL C 150 18.85 24.24 36.59
CA VAL C 150 17.59 23.50 36.54
C VAL C 150 17.27 22.99 37.94
N SER C 151 16.07 23.30 38.43
CA SER C 151 15.64 22.80 39.73
C SER C 151 14.51 21.78 39.60
N ILE C 152 14.67 20.67 40.30
CA ILE C 152 13.71 19.58 40.28
C ILE C 152 13.07 19.49 41.67
N HIS C 153 11.74 19.53 41.72
CA HIS C 153 11.03 19.71 42.99
C HIS C 153 10.07 18.59 43.38
N GLY C 154 10.06 18.27 44.66
CA GLY C 154 9.04 17.42 45.24
C GLY C 154 9.50 16.05 45.69
N ASP C 155 8.70 15.04 45.34
CA ASP C 155 8.96 13.67 45.72
C ASP C 155 10.12 13.09 44.89
N ILE C 156 11.35 13.44 45.27
CA ILE C 156 12.53 13.05 44.50
C ILE C 156 12.82 11.55 44.53
N LYS C 157 12.86 10.97 45.73
CA LYS C 157 13.37 9.60 45.89
C LYS C 157 12.47 8.53 45.27
N HIS C 158 11.23 8.88 44.94
CA HIS C 158 10.33 7.95 44.26
C HIS C 158 10.24 8.24 42.76
N SER C 159 11.11 9.10 42.26
CA SER C 159 10.99 9.61 40.90
C SER C 159 12.05 9.08 39.93
N ARG C 160 11.62 8.26 38.98
CA ARG C 160 12.51 7.80 37.92
C ARG C 160 12.83 8.97 36.99
N VAL C 161 11.95 9.97 36.97
CA VAL C 161 12.20 11.18 36.18
C VAL C 161 13.40 11.96 36.73
N ALA C 162 13.35 12.28 38.02
CA ALA C 162 14.43 13.03 38.67
C ALA C 162 15.75 12.26 38.60
N ARG C 163 15.69 10.96 38.82
CA ARG C 163 16.88 10.11 38.80
C ARG C 163 17.54 10.10 37.41
N SER C 164 16.74 10.18 36.36
CA SER C 164 17.29 10.22 35.00
C SER C 164 17.82 11.61 34.68
N ASN C 165 17.04 12.63 35.05
CA ASN C 165 17.34 14.00 34.67
C ASN C 165 18.51 14.67 35.41
N ALA C 166 18.67 14.36 36.69
CA ALA C 166 19.69 15.01 37.50
C ALA C 166 21.12 14.72 37.03
N GLU C 167 21.43 13.45 36.82
CA GLU C 167 22.78 13.06 36.38
C GLU C 167 23.11 13.60 35.00
N VAL C 168 22.16 13.49 34.06
CA VAL C 168 22.44 13.87 32.68
C VAL C 168 22.53 15.40 32.50
N LEU C 169 21.75 16.14 33.25
CA LEU C 169 21.83 17.60 33.20
C LEU C 169 23.18 18.06 33.72
N THR C 170 23.63 17.45 34.80
CA THR C 170 24.95 17.73 35.35
C THR C 170 26.02 17.39 34.33
N ARG C 171 25.90 16.21 33.74
CA ARG C 171 26.83 15.77 32.72
C ARG C 171 26.91 16.72 31.53
N LEU C 172 25.76 17.30 31.16
CA LEU C 172 25.72 18.25 30.04
C LEU C 172 26.15 19.67 30.45
N GLY C 173 26.53 19.84 31.71
CA GLY C 173 27.11 21.10 32.15
C GLY C 173 26.15 22.07 32.81
N ALA C 174 24.99 21.58 33.24
CA ALA C 174 24.02 22.42 33.94
C ALA C 174 24.13 22.23 35.45
N ARG C 175 23.66 23.21 36.21
CA ARG C 175 23.56 23.06 37.66
C ARG C 175 22.16 22.58 38.04
N VAL C 176 22.11 21.52 38.83
CA VAL C 176 20.84 20.95 39.25
C VAL C 176 20.56 21.27 40.71
N LEU C 177 19.36 21.76 40.98
CA LEU C 177 18.92 22.03 42.34
C LEU C 177 17.74 21.11 42.70
N PHE C 178 17.68 20.69 43.96
CA PHE C 178 16.56 19.90 44.45
C PHE C 178 15.79 20.69 45.49
N SER C 179 14.52 20.32 45.68
CA SER C 179 13.72 20.87 46.76
C SER C 179 12.58 19.92 47.11
N GLY C 180 11.87 20.21 48.20
CA GLY C 180 10.74 19.40 48.62
C GLY C 180 10.94 18.81 50.01
N PRO C 181 9.93 18.08 50.49
CA PRO C 181 9.96 17.41 51.79
C PRO C 181 11.28 16.66 52.00
N SER C 182 11.98 16.98 53.09
CA SER C 182 13.25 16.33 53.39
C SER C 182 13.08 14.82 53.46
N GLU C 183 11.90 14.38 53.89
CA GLU C 183 11.62 12.96 54.00
C GLU C 183 11.70 12.27 52.64
N TRP C 184 11.39 13.02 51.58
CA TRP C 184 11.33 12.46 50.24
C TRP C 184 12.57 12.73 49.41
N GLN C 185 13.64 13.15 50.07
CA GLN C 185 14.89 13.37 49.35
C GLN C 185 15.62 12.06 49.10
N ASP C 186 16.52 12.06 48.13
CA ASP C 186 17.19 10.84 47.71
C ASP C 186 18.67 10.88 48.08
N GLU C 187 19.11 9.90 48.87
CA GLU C 187 20.52 9.79 49.24
C GLU C 187 21.29 9.07 48.13
N GLU C 188 20.56 8.46 47.21
CA GLU C 188 21.15 7.81 46.04
C GLU C 188 21.19 8.77 44.87
N ASN C 189 20.80 10.01 45.11
CA ASN C 189 20.84 11.04 44.07
C ASN C 189 21.55 12.30 44.54
N THR C 190 22.87 12.31 44.36
CA THR C 190 23.72 13.40 44.84
C THR C 190 23.97 14.44 43.76
N PHE C 191 23.36 14.25 42.59
CA PHE C 191 23.63 15.11 41.44
C PHE C 191 22.84 16.41 41.49
N GLY C 192 22.83 17.05 42.66
CA GLY C 192 22.10 18.29 42.83
C GLY C 192 22.16 18.79 44.25
N THR C 193 21.99 20.10 44.42
CA THR C 193 22.05 20.70 45.73
C THR C 193 20.64 20.89 46.30
N TYR C 194 20.44 20.43 47.52
CA TYR C 194 19.15 20.57 48.18
C TYR C 194 18.96 21.99 48.69
N VAL C 195 17.92 22.66 48.19
CA VAL C 195 17.57 24.00 48.65
C VAL C 195 16.06 24.06 48.80
N SER C 196 15.54 25.27 49.05
CA SER C 196 14.10 25.45 49.22
C SER C 196 13.49 25.99 47.93
N MET C 197 12.24 25.63 47.68
CA MET C 197 11.52 26.12 46.50
C MET C 197 11.67 27.63 46.31
N ASP C 198 11.51 28.39 47.40
CA ASP C 198 11.59 29.84 47.35
C ASP C 198 12.96 30.33 46.88
N GLU C 199 14.02 29.63 47.28
CA GLU C 199 15.37 29.96 46.84
C GLU C 199 15.55 29.62 45.36
N ALA C 200 15.23 28.39 44.99
CA ALA C 200 15.45 27.91 43.63
C ALA C 200 14.63 28.65 42.57
N VAL C 201 13.38 28.98 42.91
CA VAL C 201 12.47 29.58 41.95
C VAL C 201 12.98 30.91 41.41
N GLU C 202 14.02 31.45 42.02
CA GLU C 202 14.59 32.74 41.59
C GLU C 202 15.90 32.59 40.84
N SER C 203 16.61 31.50 41.07
CA SER C 203 17.89 31.26 40.41
C SER C 203 17.76 30.30 39.24
N SER C 204 16.58 29.72 39.07
CA SER C 204 16.38 28.68 38.06
C SER C 204 16.04 29.23 36.67
N ASP C 205 16.67 28.64 35.65
CA ASP C 205 16.28 28.87 34.27
C ASP C 205 15.17 27.90 33.93
N VAL C 206 15.17 26.75 34.61
CA VAL C 206 14.12 25.75 34.45
C VAL C 206 13.60 25.31 35.81
N VAL C 207 12.28 25.27 35.94
CA VAL C 207 11.64 24.82 37.16
C VAL C 207 10.82 23.56 36.87
N MET C 208 11.37 22.41 37.23
CA MET C 208 10.73 21.13 36.92
C MET C 208 9.97 20.57 38.11
N LEU C 209 8.65 20.51 38.00
CA LEU C 209 7.79 20.01 39.07
C LEU C 209 7.57 18.52 38.93
N LEU C 210 7.40 17.84 40.06
CA LEU C 210 7.12 16.41 40.06
C LEU C 210 5.79 16.11 40.73
N ARG C 211 5.11 15.10 40.24
CA ARG C 211 3.91 14.60 40.89
C ARG C 211 4.33 13.79 42.10
N ILE C 212 3.51 13.79 43.15
CA ILE C 212 3.77 12.94 44.31
C ILE C 212 3.46 11.50 43.93
N GLN C 213 4.46 10.63 44.04
CA GLN C 213 4.30 9.23 43.66
C GLN C 213 3.50 8.47 44.71
N ASN C 214 2.27 8.90 44.95
CA ASN C 214 1.42 8.29 45.99
C ASN C 214 1.40 6.76 45.92
N GLU C 215 1.28 6.23 44.71
CA GLU C 215 1.11 4.80 44.53
C GLU C 215 2.39 4.03 44.85
N ARG C 216 3.48 4.75 45.07
CA ARG C 216 4.78 4.12 45.32
C ARG C 216 5.26 4.26 46.76
N HIS C 217 4.45 4.85 47.63
CA HIS C 217 4.86 5.07 49.01
C HIS C 217 4.56 3.87 49.90
N GLN C 218 5.53 3.47 50.72
CA GLN C 218 5.33 2.38 51.67
C GLN C 218 4.10 2.67 52.52
N SER C 219 4.05 3.87 53.08
CA SER C 219 2.91 4.29 53.88
C SER C 219 2.41 5.65 53.42
N ALA C 220 1.09 5.76 53.29
CA ALA C 220 0.47 7.01 52.90
C ALA C 220 0.61 8.03 54.02
N VAL C 221 0.93 9.26 53.66
CA VAL C 221 1.11 10.34 54.64
C VAL C 221 0.30 11.55 54.23
N SER C 222 -0.08 12.36 55.22
CA SER C 222 -0.81 13.59 54.94
C SER C 222 -0.02 14.50 54.01
N GLN C 223 -0.74 15.25 53.19
CA GLN C 223 -0.12 16.23 52.31
C GLN C 223 -1.00 17.48 52.25
N GLU C 224 -1.71 17.74 53.34
CA GLU C 224 -2.48 18.97 53.46
C GLU C 224 -1.57 20.18 53.28
N GLY C 225 -2.05 21.17 52.54
CA GLY C 225 -1.29 22.40 52.33
C GLY C 225 0.03 22.20 51.61
N TYR C 226 0.13 21.14 50.82
CA TYR C 226 1.37 20.85 50.10
C TYR C 226 1.73 21.98 49.15
N LEU C 227 0.73 22.53 48.48
CA LEU C 227 0.97 23.59 47.50
C LEU C 227 1.72 24.76 48.11
N ASN C 228 1.15 25.34 49.16
CA ASN C 228 1.79 26.45 49.87
C ASN C 228 3.21 26.14 50.32
N LYS C 229 3.40 24.96 50.90
CA LYS C 229 4.69 24.60 51.46
C LYS C 229 5.73 24.25 50.40
N TYR C 230 5.39 23.37 49.48
CA TYR C 230 6.38 22.81 48.57
C TYR C 230 6.07 23.07 47.11
N GLY C 231 4.84 23.45 46.81
CA GLY C 231 4.41 23.57 45.44
C GLY C 231 4.78 24.87 44.75
N LEU C 232 4.49 24.94 43.45
CA LEU C 232 4.66 26.17 42.70
C LEU C 232 3.37 26.99 42.78
N THR C 233 3.36 27.94 43.70
CA THR C 233 2.23 28.84 43.86
C THR C 233 2.31 29.97 42.83
N VAL C 234 1.21 30.69 42.66
CA VAL C 234 1.19 31.84 41.77
C VAL C 234 2.27 32.84 42.18
N GLU C 235 2.33 33.15 43.47
CA GLU C 235 3.31 34.09 43.98
C GLU C 235 4.74 33.63 43.71
N ARG C 236 4.98 32.33 43.82
CA ARG C 236 6.31 31.79 43.53
C ARG C 236 6.65 31.86 42.05
N ALA C 237 5.67 31.58 41.20
CA ALA C 237 5.89 31.64 39.76
C ALA C 237 6.14 33.08 39.31
N GLU C 238 5.58 34.04 40.04
CA GLU C 238 5.76 35.43 39.68
C GLU C 238 7.17 35.92 39.98
N ARG C 239 7.91 35.12 40.74
CA ARG C 239 9.29 35.48 41.07
C ARG C 239 10.31 34.76 40.18
N MET C 240 9.82 34.05 39.17
CA MET C 240 10.68 33.37 38.20
C MET C 240 11.34 34.37 37.26
N LYS C 241 12.46 33.97 36.67
CA LYS C 241 13.14 34.79 35.66
C LYS C 241 12.25 34.98 34.45
N ARG C 242 12.46 36.06 33.71
CA ARG C 242 11.65 36.36 32.53
C ARG C 242 11.71 35.23 31.51
N HIS C 243 12.90 34.65 31.36
CA HIS C 243 13.14 33.64 30.33
C HIS C 243 12.95 32.23 30.87
N ALA C 244 12.71 32.12 32.18
CA ALA C 244 12.57 30.81 32.81
C ALA C 244 11.33 30.07 32.34
N ILE C 245 11.39 28.75 32.35
CA ILE C 245 10.25 27.92 31.96
C ILE C 245 9.82 26.95 33.06
N ILE C 246 8.54 26.57 33.02
CA ILE C 246 7.99 25.59 33.94
C ILE C 246 7.82 24.25 33.23
N MET C 247 8.34 23.18 33.81
CA MET C 247 8.20 21.86 33.23
C MET C 247 7.61 20.87 34.23
N HIS C 248 7.11 19.74 33.72
CA HIS C 248 6.44 18.73 34.52
C HIS C 248 6.16 17.53 33.61
N PRO C 249 6.61 16.34 34.02
CA PRO C 249 6.49 15.17 33.15
C PRO C 249 5.06 14.69 33.04
N ALA C 250 4.17 15.18 33.91
CA ALA C 250 2.76 14.82 33.90
C ALA C 250 2.53 13.36 34.33
N PRO C 251 1.29 13.03 34.72
CA PRO C 251 0.16 13.95 34.79
C PRO C 251 0.33 14.93 35.94
N VAL C 252 -0.27 16.11 35.80
CA VAL C 252 -0.25 17.11 36.85
C VAL C 252 -1.34 16.83 37.86
N ASN C 253 -1.06 17.08 39.13
CA ASN C 253 -2.10 17.12 40.14
C ASN C 253 -2.39 18.58 40.50
N ARG C 254 -3.25 19.20 39.72
CA ARG C 254 -3.57 20.61 39.90
C ARG C 254 -3.97 20.89 41.35
N GLY C 255 -3.37 21.90 41.95
CA GLY C 255 -3.67 22.27 43.32
C GLY C 255 -2.77 21.60 44.33
N VAL C 256 -1.86 20.75 43.86
CA VAL C 256 -0.91 20.06 44.73
C VAL C 256 0.51 20.57 44.50
N GLU C 257 1.16 20.08 43.46
CA GLU C 257 2.53 20.51 43.16
C GLU C 257 2.59 21.76 42.31
N ILE C 258 1.42 22.21 41.84
CA ILE C 258 1.34 23.43 41.03
C ILE C 258 -0.05 24.02 41.11
N ASP C 259 -0.13 25.35 41.14
CA ASP C 259 -1.42 26.02 41.15
C ASP C 259 -2.16 25.74 39.84
N ASP C 260 -3.48 25.65 39.92
CA ASP C 260 -4.30 25.33 38.76
C ASP C 260 -4.12 26.30 37.59
N SER C 261 -3.83 27.56 37.90
CA SER C 261 -3.73 28.60 36.88
C SER C 261 -2.40 28.62 36.15
N LEU C 262 -1.42 27.89 36.67
CA LEU C 262 -0.07 27.95 36.12
C LEU C 262 0.18 26.90 35.05
N VAL C 263 -0.59 25.82 35.08
CA VAL C 263 -0.41 24.72 34.14
C VAL C 263 -0.30 25.19 32.69
N GLU C 264 -1.13 26.16 32.31
CA GLU C 264 -1.11 26.66 30.94
C GLU C 264 -0.78 28.16 30.85
N SER C 265 0.07 28.62 31.76
CA SER C 265 0.50 30.00 31.77
C SER C 265 1.66 30.24 30.79
N GLU C 266 2.02 31.51 30.61
CA GLU C 266 3.04 31.93 29.65
C GLU C 266 4.35 31.13 29.69
N LYS C 267 4.84 30.85 30.90
CA LYS C 267 6.15 30.24 31.06
C LYS C 267 6.08 28.71 31.11
N SER C 268 4.87 28.17 30.99
CA SER C 268 4.71 26.72 31.01
C SER C 268 5.07 26.07 29.67
N ARG C 269 5.83 24.98 29.75
CA ARG C 269 6.16 24.19 28.58
C ARG C 269 5.72 22.74 28.79
N ILE C 270 4.72 22.57 29.65
CA ILE C 270 4.26 21.25 30.04
C ILE C 270 3.64 20.47 28.88
N PHE C 271 2.79 21.12 28.10
CA PHE C 271 2.18 20.45 26.96
C PHE C 271 3.12 20.36 25.76
N LYS C 272 4.02 21.32 25.63
CA LYS C 272 5.06 21.23 24.62
C LYS C 272 5.91 19.98 24.84
N GLN C 273 6.15 19.64 26.10
CA GLN C 273 6.90 18.43 26.43
C GLN C 273 6.23 17.20 25.82
N MET C 274 4.91 17.15 25.91
CA MET C 274 4.16 16.00 25.42
C MET C 274 4.26 15.90 23.91
N LYS C 275 4.25 17.05 23.23
CA LYS C 275 4.44 17.08 21.77
C LYS C 275 5.78 16.44 21.40
N ASN C 276 6.84 16.92 22.04
CA ASN C 276 8.19 16.44 21.73
C ASN C 276 8.34 14.94 22.00
N GLY C 277 7.55 14.43 22.94
CA GLY C 277 7.60 13.03 23.31
C GLY C 277 7.46 12.11 22.11
N VAL C 278 6.53 12.43 21.21
CA VAL C 278 6.28 11.61 20.04
C VAL C 278 7.53 11.49 19.17
N PHE C 279 8.14 12.63 18.86
CA PHE C 279 9.28 12.67 17.95
C PHE C 279 10.54 12.07 18.57
N ILE C 280 10.73 12.33 19.86
CA ILE C 280 11.81 11.72 20.61
C ILE C 280 11.69 10.21 20.54
N ARG C 281 10.46 9.72 20.65
CA ARG C 281 10.24 8.28 20.66
C ARG C 281 10.34 7.65 19.28
N MET C 282 9.94 8.38 18.25
CA MET C 282 10.21 7.96 16.88
C MET C 282 11.71 7.78 16.70
N ALA C 283 12.47 8.79 17.11
CA ALA C 283 13.93 8.75 17.01
C ALA C 283 14.51 7.54 17.73
N VAL C 284 14.01 7.28 18.94
CA VAL C 284 14.52 6.19 19.76
C VAL C 284 14.26 4.81 19.13
N ILE C 285 13.10 4.66 18.49
CA ILE C 285 12.79 3.41 17.80
C ILE C 285 13.68 3.20 16.57
N GLN C 286 13.96 4.28 15.86
CA GLN C 286 14.87 4.22 14.72
C GLN C 286 16.27 3.79 15.18
N ARG C 287 16.73 4.41 16.26
CA ARG C 287 18.02 4.06 16.83
C ARG C 287 18.06 2.58 17.19
N ALA C 288 16.93 2.07 17.67
CA ALA C 288 16.84 0.68 18.12
C ALA C 288 16.92 -0.32 16.98
N LEU C 289 16.36 0.04 15.83
CA LEU C 289 16.30 -0.87 14.69
C LEU C 289 17.24 -0.42 13.56
N GLN C 290 18.25 0.38 13.90
CA GLN C 290 19.23 0.88 12.95
C GLN C 290 18.67 1.99 12.05
N MET D 1 13.47 -22.39 -13.35
CA MET D 1 13.93 -22.07 -14.69
C MET D 1 13.25 -22.94 -15.75
N LYS D 2 12.20 -22.41 -16.35
CA LYS D 2 11.52 -23.08 -17.44
C LYS D 2 11.28 -22.11 -18.59
N HIS D 3 12.10 -22.22 -19.64
CA HIS D 3 11.84 -21.48 -20.86
C HIS D 3 10.55 -22.02 -21.48
N LEU D 4 9.96 -21.22 -22.37
CA LEU D 4 8.85 -21.68 -23.20
C LEU D 4 9.14 -21.21 -24.61
N THR D 5 9.66 -22.11 -25.44
CA THR D 5 10.14 -21.73 -26.75
C THR D 5 9.29 -22.35 -27.85
N THR D 6 9.29 -23.67 -27.91
CA THR D 6 8.50 -24.38 -28.90
C THR D 6 7.44 -25.25 -28.23
N MET D 7 6.27 -25.32 -28.86
CA MET D 7 5.16 -26.09 -28.35
C MET D 7 5.42 -27.59 -28.45
N SER D 8 6.27 -27.98 -29.39
CA SER D 8 6.50 -29.38 -29.69
C SER D 8 7.28 -30.11 -28.60
N GLU D 9 7.95 -29.36 -27.73
CA GLU D 9 8.68 -29.99 -26.64
C GLU D 9 8.03 -29.68 -25.29
N LEU D 10 6.73 -29.41 -25.32
CA LEU D 10 5.96 -29.22 -24.10
C LEU D 10 5.09 -30.46 -23.90
N SER D 11 5.25 -31.13 -22.77
CA SER D 11 4.62 -32.43 -22.56
C SER D 11 3.12 -32.32 -22.30
N THR D 12 2.40 -33.42 -22.55
CA THR D 12 0.99 -33.52 -22.22
C THR D 12 0.77 -33.08 -20.78
N GLU D 13 1.54 -33.66 -19.86
CA GLU D 13 1.47 -33.32 -18.45
C GLU D 13 1.60 -31.82 -18.20
N GLU D 14 2.62 -31.21 -18.79
CA GLU D 14 2.86 -29.78 -18.63
C GLU D 14 1.72 -28.95 -19.22
N ILE D 15 1.23 -29.38 -20.37
CA ILE D 15 0.11 -28.70 -21.01
C ILE D 15 -1.12 -28.71 -20.11
N LYS D 16 -1.43 -29.88 -19.57
CA LYS D 16 -2.61 -30.02 -18.70
C LYS D 16 -2.43 -29.20 -17.43
N ASP D 17 -1.21 -29.14 -16.93
CA ASP D 17 -0.96 -28.38 -15.71
C ASP D 17 -1.14 -26.87 -15.93
N LEU D 18 -0.63 -26.36 -17.05
CA LEU D 18 -0.78 -24.95 -17.38
C LEU D 18 -2.25 -24.58 -17.58
N LEU D 19 -3.00 -25.44 -18.25
CA LEU D 19 -4.43 -25.21 -18.45
C LEU D 19 -5.18 -25.19 -17.12
N GLN D 20 -4.81 -26.09 -16.22
CA GLN D 20 -5.43 -26.16 -14.90
C GLN D 20 -5.11 -24.88 -14.11
N THR D 21 -3.83 -24.54 -14.05
CA THR D 21 -3.40 -23.31 -13.39
C THR D 21 -4.11 -22.09 -13.98
N ALA D 22 -4.25 -22.09 -15.30
CA ALA D 22 -4.86 -20.97 -16.00
C ALA D 22 -6.31 -20.82 -15.59
N GLN D 23 -6.99 -21.95 -15.43
CA GLN D 23 -8.39 -21.96 -15.05
C GLN D 23 -8.55 -21.46 -13.62
N GLU D 24 -7.62 -21.82 -12.75
CA GLU D 24 -7.66 -21.37 -11.37
C GLU D 24 -7.43 -19.87 -11.28
N LEU D 25 -6.45 -19.37 -12.04
CA LEU D 25 -6.19 -17.94 -12.08
C LEU D 25 -7.41 -17.19 -12.60
N LYS D 26 -8.04 -17.75 -13.63
CA LYS D 26 -9.25 -17.18 -14.21
C LYS D 26 -10.38 -17.16 -13.17
N SER D 27 -10.26 -18.02 -12.16
CA SER D 27 -11.28 -18.13 -11.12
C SER D 27 -11.00 -17.21 -9.95
N GLY D 28 -9.95 -16.40 -10.06
CA GLY D 28 -9.62 -15.43 -9.03
C GLY D 28 -8.43 -15.79 -8.15
N LYS D 29 -7.99 -17.04 -8.21
CA LYS D 29 -6.83 -17.47 -7.45
C LYS D 29 -5.68 -16.47 -7.63
N THR D 30 -4.87 -16.30 -6.59
CA THR D 30 -3.79 -15.33 -6.62
C THR D 30 -2.87 -15.45 -5.41
N ASP D 31 -1.62 -15.01 -5.59
CA ASP D 31 -0.67 -14.91 -4.49
C ASP D 31 0.40 -13.88 -4.82
N ASN D 32 1.28 -13.62 -3.86
CA ASN D 32 2.28 -12.57 -4.00
C ASN D 32 3.70 -13.08 -4.26
N GLN D 33 3.81 -14.33 -4.70
CA GLN D 33 5.11 -14.96 -4.93
C GLN D 33 6.02 -14.13 -5.83
N LEU D 34 5.44 -13.44 -6.80
CA LEU D 34 6.22 -12.73 -7.82
C LEU D 34 6.20 -11.21 -7.62
N THR D 35 5.51 -10.76 -6.59
CA THR D 35 5.40 -9.33 -6.33
C THR D 35 6.77 -8.66 -6.23
N GLY D 36 6.95 -7.56 -6.98
CA GLY D 36 8.18 -6.81 -6.94
C GLY D 36 9.26 -7.29 -7.89
N LYS D 37 9.05 -8.47 -8.48
CA LYS D 37 10.00 -9.00 -9.45
C LYS D 37 9.84 -8.28 -10.78
N PHE D 38 10.89 -8.29 -11.59
CA PHE D 38 10.87 -7.58 -12.87
C PHE D 38 10.69 -8.52 -14.06
N ALA D 39 9.78 -8.14 -14.95
CA ALA D 39 9.61 -8.83 -16.24
C ALA D 39 9.93 -7.85 -17.35
N ALA D 40 10.63 -8.33 -18.37
CA ALA D 40 10.96 -7.50 -19.52
C ALA D 40 10.26 -8.01 -20.76
N ASN D 41 9.57 -7.10 -21.47
CA ASN D 41 8.91 -7.45 -22.71
C ASN D 41 9.67 -6.89 -23.92
N LEU D 42 10.30 -7.78 -24.67
CA LEU D 42 11.08 -7.42 -25.85
C LEU D 42 10.36 -7.74 -27.14
N PHE D 43 9.64 -6.77 -27.69
CA PHE D 43 8.87 -6.99 -28.91
C PHE D 43 9.47 -6.30 -30.13
N PHE D 44 9.97 -7.12 -31.05
CA PHE D 44 10.61 -6.62 -32.26
C PHE D 44 9.65 -6.65 -33.45
N GLU D 45 8.51 -7.29 -33.28
CA GLU D 45 7.44 -7.27 -34.28
C GLU D 45 6.20 -6.62 -33.66
N PRO D 46 5.28 -6.13 -34.49
CA PRO D 46 4.07 -5.53 -33.93
C PRO D 46 3.23 -6.56 -33.18
N SER D 47 2.43 -6.09 -32.22
CA SER D 47 1.62 -6.97 -31.39
C SER D 47 0.66 -6.15 -30.55
N THR D 48 -0.54 -6.68 -30.33
CA THR D 48 -1.47 -6.07 -29.39
C THR D 48 -1.87 -7.05 -28.30
N ARG D 49 -2.43 -8.20 -28.69
CA ARG D 49 -2.84 -9.21 -27.74
C ARG D 49 -1.68 -9.76 -26.92
N THR D 50 -0.69 -10.33 -27.59
CA THR D 50 0.36 -11.04 -26.90
C THR D 50 1.16 -10.09 -26.01
N ARG D 51 1.58 -8.98 -26.59
CA ARG D 51 2.38 -7.99 -25.88
C ARG D 51 1.67 -7.45 -24.65
N PHE D 52 0.42 -7.02 -24.82
CA PHE D 52 -0.31 -6.39 -23.72
C PHE D 52 -1.02 -7.38 -22.79
N SER D 53 -1.37 -8.55 -23.29
CA SER D 53 -1.92 -9.57 -22.40
C SER D 53 -0.83 -10.01 -21.42
N PHE D 54 0.41 -10.03 -21.90
CA PHE D 54 1.54 -10.33 -21.03
C PHE D 54 1.72 -9.25 -19.97
N GLU D 55 1.66 -7.99 -20.38
CA GLU D 55 1.81 -6.89 -19.44
C GLU D 55 0.73 -6.96 -18.37
N VAL D 56 -0.50 -7.20 -18.80
CA VAL D 56 -1.60 -7.36 -17.84
C VAL D 56 -1.30 -8.53 -16.91
N ALA D 57 -0.90 -9.65 -17.50
CA ALA D 57 -0.56 -10.84 -16.72
C ALA D 57 0.52 -10.51 -15.69
N GLU D 58 1.56 -9.81 -16.13
CA GLU D 58 2.68 -9.47 -15.27
C GLU D 58 2.24 -8.57 -14.11
N LYS D 59 1.38 -7.60 -14.39
CA LYS D 59 0.92 -6.68 -13.37
C LYS D 59 -0.07 -7.33 -12.40
N LYS D 60 -0.89 -8.24 -12.89
CA LYS D 60 -1.78 -8.99 -12.02
C LYS D 60 -0.97 -9.86 -11.07
N LEU D 61 0.23 -10.24 -11.50
CA LEU D 61 1.14 -11.03 -10.65
C LEU D 61 1.97 -10.13 -9.74
N GLY D 62 1.79 -8.82 -9.87
CA GLY D 62 2.44 -7.85 -9.02
C GLY D 62 3.86 -7.53 -9.44
N MET D 63 4.19 -7.77 -10.70
CA MET D 63 5.54 -7.56 -11.18
C MET D 63 5.74 -6.14 -11.70
N ASN D 64 6.99 -5.72 -11.75
CA ASN D 64 7.35 -4.50 -12.45
C ASN D 64 7.67 -4.84 -13.90
N VAL D 65 7.28 -3.96 -14.81
CA VAL D 65 7.43 -4.24 -16.23
C VAL D 65 8.36 -3.26 -16.94
N LEU D 66 9.29 -3.81 -17.72
CA LEU D 66 10.10 -3.02 -18.62
C LEU D 66 9.67 -3.36 -20.04
N ASN D 67 9.46 -2.32 -20.85
CA ASN D 67 9.02 -2.54 -22.23
C ASN D 67 10.07 -2.09 -23.24
N LEU D 68 10.58 -3.04 -24.02
CA LEU D 68 11.62 -2.78 -25.00
C LEU D 68 11.15 -3.09 -26.42
N ASP D 69 11.41 -2.17 -27.34
CA ASP D 69 11.27 -2.45 -28.77
C ASP D 69 12.67 -2.53 -29.37
N GLY D 70 12.75 -2.65 -30.69
CA GLY D 70 14.05 -2.77 -31.34
C GLY D 70 14.55 -1.44 -31.85
N THR D 71 13.66 -0.46 -31.86
CA THR D 71 13.95 0.86 -32.43
C THR D 71 14.64 1.79 -31.45
N SER D 72 14.29 1.67 -30.17
CA SER D 72 14.73 2.64 -29.17
C SER D 72 15.81 2.10 -28.24
N THR D 73 16.10 0.81 -28.34
CA THR D 73 17.12 0.20 -27.50
C THR D 73 18.48 0.18 -28.20
N SER D 74 19.48 -0.37 -27.53
CA SER D 74 20.85 -0.35 -28.03
C SER D 74 21.15 -1.44 -29.04
N VAL D 75 20.12 -2.17 -29.44
CA VAL D 75 20.25 -3.06 -30.59
C VAL D 75 20.57 -2.17 -31.80
N GLN D 76 20.13 -0.91 -31.73
CA GLN D 76 20.45 0.10 -32.73
C GLN D 76 21.94 0.36 -32.82
N LYS D 77 22.66 0.06 -31.75
CA LYS D 77 24.10 0.25 -31.72
C LYS D 77 24.83 -1.06 -32.07
N GLY D 78 24.05 -2.05 -32.48
CA GLY D 78 24.61 -3.33 -32.91
C GLY D 78 24.60 -4.42 -31.85
N GLU D 79 23.95 -4.16 -30.72
CA GLU D 79 23.91 -5.14 -29.64
C GLU D 79 23.11 -6.38 -30.04
N THR D 80 23.66 -7.55 -29.72
CA THR D 80 23.01 -8.82 -30.02
C THR D 80 21.87 -9.10 -29.07
N LEU D 81 20.98 -10.01 -29.47
CA LEU D 81 19.91 -10.44 -28.60
C LEU D 81 20.46 -11.08 -27.33
N TYR D 82 21.54 -11.85 -27.47
CA TYR D 82 22.16 -12.49 -26.31
C TYR D 82 22.64 -11.47 -25.27
N ASP D 83 23.35 -10.45 -25.72
CA ASP D 83 23.87 -9.42 -24.82
C ASP D 83 22.73 -8.61 -24.20
N THR D 84 21.68 -8.36 -24.99
CA THR D 84 20.51 -7.66 -24.48
C THR D 84 19.94 -8.40 -23.27
N ILE D 85 19.78 -9.71 -23.40
CA ILE D 85 19.20 -10.50 -22.32
C ILE D 85 20.12 -10.57 -21.11
N ARG D 86 21.42 -10.78 -21.36
CA ARG D 86 22.40 -10.80 -20.28
C ARG D 86 22.43 -9.45 -19.57
N THR D 87 22.24 -8.38 -20.34
CA THR D 87 22.15 -7.03 -19.79
C THR D 87 20.96 -6.92 -18.86
N LEU D 88 19.79 -7.38 -19.31
CA LEU D 88 18.59 -7.34 -18.49
C LEU D 88 18.77 -8.17 -17.21
N GLU D 89 19.41 -9.33 -17.32
CA GLU D 89 19.75 -10.12 -16.16
C GLU D 89 20.50 -9.26 -15.14
N SER D 90 21.52 -8.56 -15.63
CA SER D 90 22.43 -7.81 -14.77
C SER D 90 21.75 -6.68 -14.01
N ILE D 91 20.68 -6.12 -14.58
CA ILE D 91 20.01 -5.00 -13.94
C ILE D 91 18.79 -5.43 -13.11
N GLY D 92 18.54 -6.74 -13.05
CA GLY D 92 17.54 -7.26 -12.13
C GLY D 92 16.33 -7.95 -12.74
N VAL D 93 16.36 -8.17 -14.05
CA VAL D 93 15.22 -8.81 -14.71
C VAL D 93 15.16 -10.31 -14.45
N ASP D 94 13.97 -10.79 -14.09
CA ASP D 94 13.79 -12.19 -13.71
C ASP D 94 13.26 -13.05 -14.86
N VAL D 95 12.62 -12.42 -15.83
CA VAL D 95 12.02 -13.13 -16.95
C VAL D 95 11.91 -12.25 -18.20
N CYS D 96 12.10 -12.84 -19.36
CA CYS D 96 12.04 -12.12 -20.63
C CYS D 96 10.99 -12.70 -21.56
N VAL D 97 10.13 -11.84 -22.08
CA VAL D 97 9.17 -12.22 -23.11
C VAL D 97 9.68 -11.63 -24.42
N ILE D 98 9.87 -12.48 -25.42
CA ILE D 98 10.47 -12.03 -26.68
C ILE D 98 9.62 -12.40 -27.89
N ARG D 99 9.36 -11.41 -28.74
CA ARG D 99 8.84 -11.66 -30.08
C ARG D 99 9.85 -11.12 -31.08
N HIS D 100 10.20 -11.95 -32.06
CA HIS D 100 11.26 -11.61 -32.99
C HIS D 100 10.94 -12.20 -34.36
N SER D 101 11.44 -11.58 -35.40
CA SER D 101 11.11 -12.01 -36.76
C SER D 101 11.99 -13.17 -37.24
N GLU D 102 13.09 -13.42 -36.53
CA GLU D 102 14.01 -14.48 -36.92
C GLU D 102 13.62 -15.84 -36.33
N ASP D 103 13.22 -16.76 -37.20
CA ASP D 103 12.82 -18.11 -36.77
C ASP D 103 13.86 -18.74 -35.85
N GLU D 104 13.38 -19.31 -34.74
CA GLU D 104 14.24 -20.04 -33.80
C GLU D 104 15.37 -19.20 -33.23
N TYR D 105 15.14 -17.90 -33.08
CA TYR D 105 16.12 -17.02 -32.47
C TYR D 105 16.57 -17.56 -31.12
N TYR D 106 15.73 -18.42 -30.52
CA TYR D 106 15.93 -18.85 -29.14
C TYR D 106 16.87 -20.05 -29.01
N GLU D 107 17.23 -20.64 -30.15
CA GLU D 107 18.16 -21.78 -30.17
C GLU D 107 19.46 -21.47 -29.45
N GLU D 108 20.03 -20.31 -29.75
CA GLU D 108 21.25 -19.87 -29.10
C GLU D 108 20.99 -19.61 -27.62
N LEU D 109 20.00 -18.76 -27.36
CA LEU D 109 19.74 -18.24 -26.02
C LEU D 109 19.58 -19.29 -24.93
N VAL D 110 18.66 -20.23 -25.13
CA VAL D 110 18.29 -21.16 -24.06
C VAL D 110 19.45 -21.90 -23.43
N SER D 111 20.49 -22.14 -24.22
CA SER D 111 21.67 -22.84 -23.73
C SER D 111 22.66 -21.88 -23.06
N GLN D 112 22.46 -20.59 -23.28
CA GLN D 112 23.43 -19.58 -22.83
C GLN D 112 22.93 -18.67 -21.70
N VAL D 113 21.65 -18.32 -21.72
CA VAL D 113 21.13 -17.34 -20.76
C VAL D 113 20.76 -17.99 -19.43
N ASN D 114 20.56 -17.16 -18.42
CA ASN D 114 20.40 -17.61 -17.04
C ASN D 114 19.04 -17.27 -16.44
N ILE D 115 18.18 -16.67 -17.25
CA ILE D 115 16.80 -16.42 -16.85
C ILE D 115 15.87 -16.98 -17.90
N PRO D 116 14.62 -17.26 -17.52
CA PRO D 116 13.67 -17.88 -18.45
C PRO D 116 13.32 -16.99 -19.63
N ILE D 117 13.27 -17.59 -20.81
CA ILE D 117 12.83 -16.91 -22.02
C ILE D 117 11.44 -17.43 -22.35
N LEU D 118 10.51 -16.51 -22.58
CA LEU D 118 9.17 -16.89 -23.02
C LEU D 118 8.95 -16.39 -24.44
N ASN D 119 8.82 -17.33 -25.37
CA ASN D 119 8.71 -17.01 -26.78
C ASN D 119 7.31 -16.48 -27.15
N ALA D 120 7.23 -15.20 -27.46
CA ALA D 120 5.96 -14.60 -27.87
C ALA D 120 5.80 -14.64 -29.39
N GLY D 121 6.70 -15.35 -30.07
CA GLY D 121 6.65 -15.49 -31.51
C GLY D 121 8.01 -15.38 -32.17
N ASP D 122 8.37 -16.38 -32.96
CA ASP D 122 9.62 -16.35 -33.73
C ASP D 122 9.34 -16.56 -35.21
N GLY D 123 9.35 -15.46 -35.96
CA GLY D 123 9.11 -15.50 -37.40
C GLY D 123 7.88 -16.30 -37.76
N CYS D 124 8.07 -17.33 -38.58
CA CYS D 124 7.00 -18.25 -38.95
C CYS D 124 7.13 -19.54 -38.13
N GLY D 125 7.89 -19.47 -37.04
CA GLY D 125 8.23 -20.65 -36.27
C GLY D 125 7.16 -21.12 -35.30
N GLN D 126 7.26 -20.66 -34.06
CA GLN D 126 6.36 -21.13 -33.01
C GLN D 126 5.66 -19.97 -32.27
N HIS D 127 4.58 -20.30 -31.59
CA HIS D 127 3.80 -19.32 -30.82
C HIS D 127 3.10 -20.05 -29.68
N PRO D 128 3.89 -20.50 -28.68
CA PRO D 128 3.46 -21.42 -27.63
C PRO D 128 2.26 -20.92 -26.82
N THR D 129 2.25 -19.63 -26.46
CA THR D 129 1.18 -19.13 -25.61
C THR D 129 -0.13 -18.97 -26.38
N GLN D 130 -0.04 -18.72 -27.68
CA GLN D 130 -1.22 -18.71 -28.53
C GLN D 130 -1.82 -20.11 -28.56
N SER D 131 -0.96 -21.10 -28.74
CA SER D 131 -1.38 -22.49 -28.78
C SER D 131 -2.00 -22.92 -27.46
N LEU D 132 -1.36 -22.53 -26.35
CA LEU D 132 -1.86 -22.87 -25.03
C LEU D 132 -3.26 -22.29 -24.78
N LEU D 133 -3.44 -21.01 -25.10
CA LEU D 133 -4.75 -20.37 -24.92
C LEU D 133 -5.76 -20.94 -25.92
N ASP D 134 -5.27 -21.38 -27.06
CA ASP D 134 -6.14 -22.04 -28.03
C ASP D 134 -6.66 -23.36 -27.48
N LEU D 135 -5.77 -24.16 -26.91
CA LEU D 135 -6.16 -25.43 -26.28
C LEU D 135 -7.14 -25.19 -25.15
N MET D 136 -6.85 -24.22 -24.30
CA MET D 136 -7.71 -23.88 -23.17
C MET D 136 -9.13 -23.58 -23.64
N THR D 137 -9.23 -22.72 -24.64
CA THR D 137 -10.52 -22.29 -25.18
C THR D 137 -11.29 -23.46 -25.77
N ILE D 138 -10.58 -24.35 -26.45
CA ILE D 138 -11.17 -25.56 -26.99
C ILE D 138 -11.63 -26.49 -25.87
N TYR D 139 -10.80 -26.63 -24.83
CA TYR D 139 -11.12 -27.50 -23.72
C TYR D 139 -12.34 -26.99 -22.94
N GLU D 140 -12.43 -25.69 -22.78
CA GLU D 140 -13.58 -25.12 -22.08
C GLU D 140 -14.87 -25.39 -22.85
N GLU D 141 -14.76 -25.48 -24.17
CA GLU D 141 -15.92 -25.72 -25.02
C GLU D 141 -16.38 -27.18 -24.99
N PHE D 142 -15.43 -28.11 -25.14
CA PHE D 142 -15.79 -29.52 -25.32
C PHE D 142 -15.31 -30.44 -24.19
N ASN D 143 -14.45 -29.93 -23.32
CA ASN D 143 -14.02 -30.70 -22.17
C ASN D 143 -13.21 -31.94 -22.57
N THR D 144 -12.68 -31.91 -23.79
CA THR D 144 -11.81 -32.98 -24.27
C THR D 144 -11.12 -32.56 -25.57
N PHE D 145 -10.09 -33.30 -25.97
CA PHE D 145 -9.44 -33.10 -27.25
C PHE D 145 -9.61 -34.35 -28.11
N LYS D 146 -9.70 -35.50 -27.46
CA LYS D 146 -9.84 -36.78 -28.15
C LYS D 146 -11.07 -36.78 -29.05
N GLY D 147 -10.87 -37.08 -30.34
CA GLY D 147 -11.98 -37.21 -31.26
C GLY D 147 -12.43 -35.90 -31.91
N LEU D 148 -11.96 -34.78 -31.39
CA LEU D 148 -12.27 -33.50 -31.99
C LEU D 148 -11.67 -33.42 -33.38
N THR D 149 -12.36 -32.73 -34.29
CA THR D 149 -11.82 -32.43 -35.61
C THR D 149 -11.65 -30.92 -35.71
N VAL D 150 -10.39 -30.50 -35.86
CA VAL D 150 -10.04 -29.10 -35.90
C VAL D 150 -9.48 -28.77 -37.28
N SER D 151 -10.07 -27.79 -37.95
CA SER D 151 -9.55 -27.35 -39.23
C SER D 151 -8.88 -25.97 -39.13
N ILE D 152 -7.71 -25.86 -39.75
CA ILE D 152 -6.92 -24.63 -39.74
C ILE D 152 -6.79 -24.15 -41.18
N HIS D 153 -7.13 -22.88 -41.44
CA HIS D 153 -7.34 -22.40 -42.80
C HIS D 153 -6.49 -21.19 -43.23
N GLY D 154 -6.08 -21.19 -44.49
CA GLY D 154 -5.46 -20.03 -45.09
C GLY D 154 -3.96 -20.13 -45.29
N ASP D 155 -3.26 -19.08 -44.89
CA ASP D 155 -1.82 -18.97 -45.09
C ASP D 155 -1.05 -19.79 -44.05
N ILE D 156 -1.06 -21.11 -44.24
CA ILE D 156 -0.43 -22.04 -43.29
C ILE D 156 1.09 -21.91 -43.27
N LYS D 157 1.68 -21.87 -44.45
CA LYS D 157 3.13 -21.80 -44.62
C LYS D 157 3.79 -20.75 -43.74
N HIS D 158 3.14 -19.59 -43.62
CA HIS D 158 3.73 -18.46 -42.92
C HIS D 158 3.25 -18.32 -41.48
N SER D 159 2.63 -19.37 -40.94
CA SER D 159 1.94 -19.27 -39.65
C SER D 159 2.61 -20.03 -38.51
N ARG D 160 3.19 -19.28 -37.57
CA ARG D 160 3.73 -19.88 -36.36
C ARG D 160 2.58 -20.43 -35.50
N VAL D 161 1.38 -19.91 -35.71
CA VAL D 161 0.21 -20.38 -34.98
C VAL D 161 -0.16 -21.79 -35.45
N ALA D 162 -0.19 -21.98 -36.77
CA ALA D 162 -0.51 -23.28 -37.34
C ALA D 162 0.57 -24.30 -37.01
N ARG D 163 1.83 -23.88 -37.03
CA ARG D 163 2.92 -24.80 -36.76
C ARG D 163 2.80 -25.36 -35.34
N SER D 164 2.48 -24.49 -34.38
CA SER D 164 2.33 -24.92 -33.00
C SER D 164 1.09 -25.79 -32.83
N ASN D 165 -0.04 -25.34 -33.36
CA ASN D 165 -1.32 -26.00 -33.10
C ASN D 165 -1.47 -27.39 -33.72
N ALA D 166 -1.01 -27.55 -34.96
CA ALA D 166 -1.22 -28.79 -35.69
C ALA D 166 -0.60 -29.98 -34.98
N GLU D 167 0.70 -29.89 -34.69
CA GLU D 167 1.39 -30.97 -34.00
C GLU D 167 0.72 -31.31 -32.68
N VAL D 168 0.58 -30.31 -31.81
CA VAL D 168 0.08 -30.56 -30.45
C VAL D 168 -1.37 -31.06 -30.41
N LEU D 169 -2.22 -30.54 -31.28
CA LEU D 169 -3.60 -31.02 -31.36
C LEU D 169 -3.64 -32.48 -31.80
N THR D 170 -2.79 -32.84 -32.77
CA THR D 170 -2.67 -34.22 -33.21
C THR D 170 -2.19 -35.07 -32.05
N ARG D 171 -1.16 -34.57 -31.37
CA ARG D 171 -0.59 -35.27 -30.23
C ARG D 171 -1.61 -35.50 -29.10
N LEU D 172 -2.58 -34.60 -28.99
CA LEU D 172 -3.59 -34.73 -27.94
C LEU D 172 -4.79 -35.56 -28.39
N GLY D 173 -4.76 -36.02 -29.64
CA GLY D 173 -5.76 -36.94 -30.14
C GLY D 173 -6.86 -36.33 -31.00
N ALA D 174 -6.62 -35.13 -31.52
CA ALA D 174 -7.58 -34.51 -32.42
C ALA D 174 -7.19 -34.77 -33.86
N ARG D 175 -8.17 -34.75 -34.76
CA ARG D 175 -7.89 -34.82 -36.18
C ARG D 175 -7.82 -33.40 -36.73
N VAL D 176 -6.70 -33.08 -37.38
CA VAL D 176 -6.47 -31.73 -37.89
C VAL D 176 -6.62 -31.65 -39.41
N LEU D 177 -7.37 -30.66 -39.87
CA LEU D 177 -7.55 -30.41 -41.30
C LEU D 177 -6.95 -29.07 -41.72
N PHE D 178 -6.37 -29.03 -42.92
CA PHE D 178 -5.84 -27.80 -43.50
C PHE D 178 -6.67 -27.39 -44.71
N SER D 179 -6.66 -26.11 -45.02
CA SER D 179 -7.27 -25.60 -46.25
C SER D 179 -6.63 -24.27 -46.62
N GLY D 180 -6.98 -23.76 -47.79
CA GLY D 180 -6.43 -22.51 -48.26
C GLY D 180 -5.61 -22.67 -49.53
N PRO D 181 -5.11 -21.56 -50.07
CA PRO D 181 -4.30 -21.56 -51.30
C PRO D 181 -3.21 -22.62 -51.25
N SER D 182 -3.21 -23.50 -52.25
CA SER D 182 -2.23 -24.58 -52.29
C SER D 182 -0.81 -24.02 -52.25
N GLU D 183 -0.65 -22.82 -52.80
CA GLU D 183 0.64 -22.15 -52.83
C GLU D 183 1.10 -21.82 -51.42
N TRP D 184 0.16 -21.73 -50.48
CA TRP D 184 0.48 -21.34 -49.11
C TRP D 184 0.47 -22.51 -48.14
N GLN D 185 0.41 -23.73 -48.67
CA GLN D 185 0.49 -24.92 -47.82
C GLN D 185 1.93 -25.19 -47.41
N ASP D 186 2.11 -26.02 -46.38
CA ASP D 186 3.41 -26.18 -45.75
C ASP D 186 3.91 -27.61 -45.84
N GLU D 187 5.09 -27.77 -46.43
CA GLU D 187 5.73 -29.08 -46.55
C GLU D 187 6.34 -29.50 -45.23
N GLU D 188 6.74 -28.52 -44.42
CA GLU D 188 7.37 -28.78 -43.13
C GLU D 188 6.32 -28.89 -42.04
N ASN D 189 5.05 -28.77 -42.41
CA ASN D 189 3.95 -28.97 -41.47
C ASN D 189 2.89 -29.91 -42.04
N THR D 190 3.01 -31.20 -41.72
CA THR D 190 2.17 -32.23 -42.30
C THR D 190 1.31 -32.92 -41.26
N PHE D 191 1.06 -32.24 -40.15
CA PHE D 191 0.22 -32.79 -39.10
C PHE D 191 -1.25 -32.48 -39.37
N GLY D 192 -1.65 -32.60 -40.62
CA GLY D 192 -3.02 -32.34 -41.00
C GLY D 192 -3.33 -32.83 -42.41
N THR D 193 -4.61 -33.10 -42.65
CA THR D 193 -5.05 -33.51 -43.97
C THR D 193 -5.55 -32.30 -44.74
N TYR D 194 -4.91 -32.03 -45.88
CA TYR D 194 -5.31 -30.91 -46.74
C TYR D 194 -6.65 -31.20 -47.43
N VAL D 195 -7.58 -30.26 -47.31
CA VAL D 195 -8.88 -30.36 -47.95
C VAL D 195 -9.34 -28.96 -48.33
N SER D 196 -10.57 -28.85 -48.81
CA SER D 196 -11.12 -27.54 -49.14
C SER D 196 -11.91 -27.01 -47.95
N MET D 197 -12.00 -25.68 -47.85
CA MET D 197 -12.75 -25.05 -46.78
C MET D 197 -14.19 -25.59 -46.73
N ASP D 198 -14.80 -25.74 -47.89
CA ASP D 198 -16.19 -26.17 -47.97
C ASP D 198 -16.42 -27.56 -47.37
N GLU D 199 -15.42 -28.42 -47.51
CA GLU D 199 -15.48 -29.75 -46.91
C GLU D 199 -15.27 -29.63 -45.40
N ALA D 200 -14.19 -28.95 -45.02
CA ALA D 200 -13.81 -28.85 -43.61
C ALA D 200 -14.89 -28.23 -42.74
N VAL D 201 -15.63 -27.28 -43.30
CA VAL D 201 -16.57 -26.49 -42.52
C VAL D 201 -17.78 -27.29 -42.01
N GLU D 202 -17.98 -28.49 -42.55
CA GLU D 202 -19.11 -29.32 -42.13
C GLU D 202 -18.70 -30.50 -41.23
N SER D 203 -17.42 -30.85 -41.27
CA SER D 203 -16.91 -31.94 -40.46
C SER D 203 -16.12 -31.46 -39.25
N SER D 204 -16.05 -30.14 -39.08
CA SER D 204 -15.22 -29.57 -38.03
C SER D 204 -15.97 -29.28 -36.72
N ASP D 205 -15.30 -29.53 -35.61
CA ASP D 205 -15.77 -29.10 -34.30
C ASP D 205 -15.22 -27.71 -34.02
N VAL D 206 -14.09 -27.40 -34.63
CA VAL D 206 -13.44 -26.10 -34.50
C VAL D 206 -12.98 -25.60 -35.86
N VAL D 207 -13.44 -24.40 -36.23
CA VAL D 207 -12.96 -23.76 -37.44
C VAL D 207 -12.00 -22.64 -37.06
N MET D 208 -10.71 -22.90 -37.26
CA MET D 208 -9.68 -21.91 -36.90
C MET D 208 -9.21 -21.17 -38.13
N LEU D 209 -9.52 -19.88 -38.18
CA LEU D 209 -9.13 -19.02 -39.28
C LEU D 209 -7.77 -18.38 -39.04
N LEU D 210 -7.04 -18.09 -40.11
CA LEU D 210 -5.76 -17.42 -40.02
C LEU D 210 -5.76 -16.13 -40.84
N ARG D 211 -5.00 -15.15 -40.37
CA ARG D 211 -4.75 -13.93 -41.12
C ARG D 211 -3.68 -14.20 -42.17
N ILE D 212 -3.80 -13.55 -43.33
CA ILE D 212 -2.75 -13.65 -44.33
C ILE D 212 -1.51 -12.91 -43.85
N GLN D 213 -0.41 -13.63 -43.71
CA GLN D 213 0.83 -13.05 -43.21
C GLN D 213 1.50 -12.19 -44.29
N ASN D 214 0.79 -11.17 -44.73
CA ASN D 214 1.28 -10.27 -45.77
C ASN D 214 2.72 -9.81 -45.56
N GLU D 215 3.04 -9.42 -44.33
CA GLU D 215 4.35 -8.84 -44.05
C GLU D 215 5.48 -9.88 -44.07
N ARG D 216 5.13 -11.15 -44.25
CA ARG D 216 6.12 -12.22 -44.25
C ARG D 216 6.39 -12.84 -45.63
N HIS D 217 5.56 -12.49 -46.62
CA HIS D 217 5.70 -13.06 -47.97
C HIS D 217 6.90 -12.47 -48.70
N GLN D 218 7.58 -13.30 -49.50
CA GLN D 218 8.71 -12.81 -50.30
C GLN D 218 8.23 -11.81 -51.33
N SER D 219 7.08 -12.09 -51.93
CA SER D 219 6.50 -11.20 -52.92
C SER D 219 4.98 -11.18 -52.80
N ALA D 220 4.40 -10.00 -52.96
CA ALA D 220 2.95 -9.84 -52.82
C ALA D 220 2.22 -10.39 -54.03
N VAL D 221 1.20 -11.19 -53.76
CA VAL D 221 0.32 -11.69 -54.82
C VAL D 221 -1.06 -11.11 -54.58
N SER D 222 -1.94 -11.23 -55.57
CA SER D 222 -3.30 -10.71 -55.43
C SER D 222 -4.11 -11.52 -54.41
N GLN D 223 -5.08 -10.85 -53.79
CA GLN D 223 -6.00 -11.52 -52.87
C GLN D 223 -7.44 -11.25 -53.28
N GLU D 224 -7.64 -10.83 -54.52
CA GLU D 224 -8.99 -10.51 -54.96
C GLU D 224 -9.91 -11.71 -54.72
N GLY D 225 -11.02 -11.45 -54.04
CA GLY D 225 -12.02 -12.46 -53.78
C GLY D 225 -11.56 -13.58 -52.87
N TYR D 226 -10.66 -13.26 -51.94
CA TYR D 226 -10.15 -14.26 -51.01
C TYR D 226 -11.27 -14.80 -50.13
N LEU D 227 -12.13 -13.91 -49.65
CA LEU D 227 -13.23 -14.31 -48.78
C LEU D 227 -14.03 -15.42 -49.46
N ASN D 228 -14.52 -15.15 -50.66
CA ASN D 228 -15.33 -16.11 -51.39
C ASN D 228 -14.60 -17.40 -51.71
N LYS D 229 -13.34 -17.28 -52.12
CA LYS D 229 -12.58 -18.47 -52.49
C LYS D 229 -12.14 -19.31 -51.30
N TYR D 230 -11.62 -18.65 -50.26
CA TYR D 230 -10.90 -19.34 -49.20
C TYR D 230 -11.41 -19.04 -47.79
N GLY D 231 -12.16 -17.96 -47.64
CA GLY D 231 -12.52 -17.50 -46.31
C GLY D 231 -13.77 -18.10 -45.75
N LEU D 232 -14.09 -17.72 -44.51
CA LEU D 232 -15.33 -18.15 -43.89
C LEU D 232 -16.43 -17.16 -44.26
N THR D 233 -17.22 -17.54 -45.26
CA THR D 233 -18.35 -16.73 -45.69
C THR D 233 -19.55 -16.98 -44.79
N VAL D 234 -20.55 -16.13 -44.89
CA VAL D 234 -21.78 -16.32 -44.13
C VAL D 234 -22.42 -17.66 -44.49
N GLU D 235 -22.36 -17.99 -45.78
CA GLU D 235 -22.93 -19.22 -46.29
C GLU D 235 -22.25 -20.45 -45.70
N ARG D 236 -20.92 -20.42 -45.64
CA ARG D 236 -20.17 -21.54 -45.08
C ARG D 236 -20.39 -21.68 -43.57
N ALA D 237 -20.43 -20.55 -42.88
CA ALA D 237 -20.66 -20.56 -41.43
C ALA D 237 -21.99 -21.21 -41.11
N GLU D 238 -22.98 -20.97 -41.95
CA GLU D 238 -24.32 -21.52 -41.75
C GLU D 238 -24.33 -23.03 -41.86
N ARG D 239 -23.26 -23.60 -42.40
CA ARG D 239 -23.19 -25.05 -42.58
C ARG D 239 -22.32 -25.72 -41.53
N MET D 240 -21.95 -24.98 -40.50
CA MET D 240 -21.17 -25.53 -39.39
C MET D 240 -22.05 -26.38 -38.49
N LYS D 241 -21.44 -27.33 -37.79
CA LYS D 241 -22.19 -28.12 -36.82
C LYS D 241 -22.67 -27.18 -35.70
N ARG D 242 -23.82 -27.51 -35.10
CA ARG D 242 -24.43 -26.60 -34.14
C ARG D 242 -23.52 -26.30 -32.95
N HIS D 243 -22.68 -27.27 -32.60
CA HIS D 243 -21.80 -27.14 -31.44
C HIS D 243 -20.41 -26.63 -31.81
N ALA D 244 -20.16 -26.46 -33.11
CA ALA D 244 -18.84 -26.02 -33.56
C ALA D 244 -18.57 -24.55 -33.23
N ILE D 245 -17.29 -24.20 -33.11
CA ILE D 245 -16.92 -22.82 -32.80
C ILE D 245 -15.94 -22.24 -33.82
N ILE D 246 -15.94 -20.91 -33.92
CA ILE D 246 -15.01 -20.21 -34.79
C ILE D 246 -13.89 -19.59 -33.95
N MET D 247 -12.65 -19.89 -34.31
CA MET D 247 -11.50 -19.30 -33.62
C MET D 247 -10.58 -18.57 -34.60
N HIS D 248 -9.75 -17.68 -34.06
CA HIS D 248 -8.86 -16.85 -34.85
C HIS D 248 -7.87 -16.21 -33.88
N PRO D 249 -6.57 -16.35 -34.15
CA PRO D 249 -5.59 -15.80 -33.21
C PRO D 249 -5.61 -14.28 -33.20
N ALA D 250 -6.20 -13.69 -34.23
CA ALA D 250 -6.26 -12.22 -34.38
C ALA D 250 -4.87 -11.62 -34.69
N PRO D 251 -4.83 -10.38 -35.17
CA PRO D 251 -5.99 -9.55 -35.51
C PRO D 251 -6.76 -10.12 -36.70
N VAL D 252 -8.05 -9.83 -36.74
CA VAL D 252 -8.89 -10.25 -37.85
C VAL D 252 -8.86 -9.22 -38.97
N ASN D 253 -8.75 -9.70 -40.21
CA ASN D 253 -8.94 -8.84 -41.37
C ASN D 253 -10.34 -9.02 -41.93
N ARG D 254 -11.27 -8.24 -41.41
CA ARG D 254 -12.67 -8.32 -41.83
C ARG D 254 -12.84 -8.19 -43.34
N GLY D 255 -13.49 -9.18 -43.95
CA GLY D 255 -13.75 -9.17 -45.37
C GLY D 255 -12.73 -9.95 -46.17
N VAL D 256 -11.70 -10.45 -45.49
CA VAL D 256 -10.68 -11.27 -46.14
C VAL D 256 -10.83 -12.74 -45.76
N GLU D 257 -10.34 -13.13 -44.60
CA GLU D 257 -10.43 -14.53 -44.19
C GLU D 257 -11.76 -14.86 -43.51
N ILE D 258 -12.53 -13.82 -43.16
CA ILE D 258 -13.81 -14.03 -42.48
C ILE D 258 -14.78 -12.89 -42.77
N ASP D 259 -16.05 -13.23 -42.94
CA ASP D 259 -17.05 -12.20 -43.20
C ASP D 259 -17.16 -11.29 -41.99
N ASP D 260 -17.43 -10.01 -42.25
CA ASP D 260 -17.52 -9.01 -41.19
C ASP D 260 -18.53 -9.36 -40.11
N SER D 261 -19.63 -9.99 -40.51
CA SER D 261 -20.73 -10.27 -39.59
C SER D 261 -20.46 -11.43 -38.65
N LEU D 262 -19.45 -12.24 -38.98
CA LEU D 262 -19.20 -13.47 -38.23
C LEU D 262 -18.27 -13.27 -37.03
N VAL D 263 -17.44 -12.24 -37.08
CA VAL D 263 -16.46 -12.00 -36.02
C VAL D 263 -17.07 -12.12 -34.62
N GLU D 264 -18.27 -11.56 -34.44
CA GLU D 264 -18.93 -11.62 -33.14
C GLU D 264 -20.27 -12.34 -33.18
N SER D 265 -20.34 -13.40 -33.98
CA SER D 265 -21.54 -14.23 -34.06
C SER D 265 -21.56 -15.28 -32.95
N GLU D 266 -22.66 -16.01 -32.85
CA GLU D 266 -22.88 -16.94 -31.75
C GLU D 266 -21.79 -18.01 -31.60
N LYS D 267 -21.24 -18.46 -32.71
CA LYS D 267 -20.25 -19.54 -32.69
C LYS D 267 -18.83 -19.04 -32.51
N SER D 268 -18.65 -17.72 -32.59
CA SER D 268 -17.33 -17.11 -32.43
C SER D 268 -16.80 -17.15 -30.99
N ARG D 269 -15.54 -17.56 -30.85
CA ARG D 269 -14.87 -17.57 -29.56
C ARG D 269 -13.60 -16.75 -29.69
N ILE D 270 -13.53 -15.98 -30.78
CA ILE D 270 -12.36 -15.15 -31.06
C ILE D 270 -11.96 -14.26 -29.87
N PHE D 271 -12.93 -13.55 -29.29
CA PHE D 271 -12.63 -12.66 -28.19
C PHE D 271 -12.45 -13.38 -26.86
N LYS D 272 -13.07 -14.55 -26.72
CA LYS D 272 -12.82 -15.39 -25.56
C LYS D 272 -11.36 -15.87 -25.56
N GLN D 273 -10.81 -16.09 -26.74
CA GLN D 273 -9.40 -16.46 -26.87
C GLN D 273 -8.52 -15.40 -26.24
N MET D 274 -8.86 -14.13 -26.50
CA MET D 274 -8.05 -13.03 -26.02
C MET D 274 -8.15 -12.94 -24.50
N LYS D 275 -9.34 -13.21 -24.00
CA LYS D 275 -9.58 -13.22 -22.56
C LYS D 275 -8.67 -14.26 -21.88
N ASN D 276 -8.67 -15.49 -22.39
CA ASN D 276 -7.89 -16.57 -21.80
C ASN D 276 -6.38 -16.32 -21.88
N GLY D 277 -5.95 -15.58 -22.90
CA GLY D 277 -4.55 -15.30 -23.12
C GLY D 277 -3.87 -14.75 -21.88
N VAL D 278 -4.59 -13.91 -21.14
CA VAL D 278 -4.02 -13.31 -19.94
C VAL D 278 -3.68 -14.37 -18.91
N PHE D 279 -4.66 -15.22 -18.60
CA PHE D 279 -4.47 -16.23 -17.57
C PHE D 279 -3.47 -17.30 -17.97
N ILE D 280 -3.50 -17.71 -19.24
CA ILE D 280 -2.50 -18.62 -19.76
C ILE D 280 -1.11 -18.02 -19.57
N ARG D 281 -0.99 -16.73 -19.86
CA ARG D 281 0.31 -16.07 -19.76
C ARG D 281 0.77 -15.90 -18.32
N MET D 282 -0.19 -15.69 -17.40
CA MET D 282 0.14 -15.70 -15.99
C MET D 282 0.71 -17.06 -15.60
N ALA D 283 0.00 -18.11 -16.01
CA ALA D 283 0.39 -19.48 -15.67
C ALA D 283 1.79 -19.78 -16.19
N VAL D 284 2.07 -19.34 -17.42
CA VAL D 284 3.36 -19.56 -18.05
C VAL D 284 4.48 -18.86 -17.29
N ILE D 285 4.20 -17.64 -16.82
CA ILE D 285 5.20 -16.90 -16.05
C ILE D 285 5.48 -17.56 -14.70
N GLN D 286 4.43 -18.06 -14.06
CA GLN D 286 4.58 -18.77 -12.80
C GLN D 286 5.42 -20.02 -12.99
N ARG D 287 5.17 -20.72 -14.09
CA ARG D 287 5.93 -21.92 -14.43
C ARG D 287 7.41 -21.59 -14.62
N ALA D 288 7.68 -20.47 -15.28
CA ALA D 288 9.06 -20.07 -15.57
C ALA D 288 9.84 -19.72 -14.30
N LEU D 289 9.14 -19.21 -13.29
CA LEU D 289 9.81 -18.68 -12.11
C LEU D 289 9.68 -19.54 -10.87
N GLN D 290 9.25 -20.79 -11.04
CA GLN D 290 9.17 -21.73 -9.93
C GLN D 290 10.55 -22.22 -9.50
N MET E 1 -20.83 3.98 -17.07
CA MET E 1 -20.07 4.32 -18.26
C MET E 1 -20.55 5.62 -18.89
N LYS E 2 -19.65 6.58 -18.99
CA LYS E 2 -19.92 7.80 -19.76
C LYS E 2 -18.73 8.11 -20.66
N HIS E 3 -18.95 8.08 -21.97
CA HIS E 3 -17.92 8.49 -22.91
C HIS E 3 -17.65 9.98 -22.80
N LEU E 4 -16.52 10.41 -23.36
CA LEU E 4 -16.25 11.84 -23.54
C LEU E 4 -15.67 12.03 -24.93
N THR E 5 -16.49 12.52 -25.85
CA THR E 5 -16.09 12.61 -27.25
C THR E 5 -16.04 14.05 -27.75
N THR E 6 -17.13 14.78 -27.57
CA THR E 6 -17.24 16.16 -28.04
C THR E 6 -17.85 17.06 -26.97
N MET E 7 -17.39 18.31 -26.90
CA MET E 7 -17.92 19.25 -25.92
C MET E 7 -19.39 19.55 -26.16
N SER E 8 -19.79 19.58 -27.43
CA SER E 8 -21.15 19.98 -27.78
C SER E 8 -22.21 19.06 -27.19
N GLU E 9 -21.80 17.85 -26.80
CA GLU E 9 -22.73 16.88 -26.21
C GLU E 9 -22.56 16.79 -24.70
N LEU E 10 -21.82 17.73 -24.14
CA LEU E 10 -21.61 17.80 -22.70
C LEU E 10 -22.42 18.95 -22.13
N SER E 11 -23.37 18.64 -21.25
CA SER E 11 -24.29 19.65 -20.72
C SER E 11 -23.58 20.60 -19.76
N THR E 12 -24.14 21.80 -19.62
CA THR E 12 -23.57 22.83 -18.75
C THR E 12 -23.45 22.34 -17.31
N GLU E 13 -24.44 21.56 -16.88
CA GLU E 13 -24.44 20.99 -15.53
C GLU E 13 -23.30 20.00 -15.37
N GLU E 14 -23.10 19.16 -16.39
CA GLU E 14 -22.00 18.19 -16.39
C GLU E 14 -20.65 18.90 -16.36
N ILE E 15 -20.55 20.01 -17.10
CA ILE E 15 -19.31 20.77 -17.16
C ILE E 15 -18.96 21.33 -15.79
N LYS E 16 -19.97 21.87 -15.12
CA LYS E 16 -19.77 22.47 -13.80
C LYS E 16 -19.43 21.42 -12.75
N ASP E 17 -20.00 20.22 -12.90
CA ASP E 17 -19.69 19.12 -12.00
C ASP E 17 -18.23 18.68 -12.12
N LEU E 18 -17.76 18.54 -13.35
CA LEU E 18 -16.37 18.15 -13.60
C LEU E 18 -15.40 19.19 -13.07
N LEU E 19 -15.70 20.46 -13.32
CA LEU E 19 -14.85 21.54 -12.83
C LEU E 19 -14.78 21.54 -11.30
N GLN E 20 -15.93 21.39 -10.67
CA GLN E 20 -15.98 21.32 -9.20
C GLN E 20 -15.16 20.12 -8.71
N THR E 21 -15.39 18.96 -9.31
CA THR E 21 -14.65 17.74 -8.95
C THR E 21 -13.14 17.93 -9.12
N ALA E 22 -12.76 18.60 -10.20
CA ALA E 22 -11.35 18.82 -10.50
C ALA E 22 -10.69 19.71 -9.46
N GLN E 23 -11.44 20.69 -8.96
CA GLN E 23 -10.95 21.58 -7.91
C GLN E 23 -10.67 20.82 -6.64
N GLU E 24 -11.56 19.90 -6.30
CA GLU E 24 -11.39 19.08 -5.11
C GLU E 24 -10.17 18.19 -5.28
N LEU E 25 -10.08 17.52 -6.43
CA LEU E 25 -8.92 16.69 -6.73
C LEU E 25 -7.64 17.53 -6.66
N LYS E 26 -7.68 18.74 -7.22
CA LYS E 26 -6.54 19.64 -7.18
C LYS E 26 -6.19 20.03 -5.73
N SER E 27 -7.18 20.00 -4.85
CA SER E 27 -6.98 20.31 -3.44
C SER E 27 -6.29 19.18 -2.70
N GLY E 28 -6.25 17.99 -3.32
CA GLY E 28 -5.58 16.86 -2.72
C GLY E 28 -6.50 15.70 -2.39
N LYS E 29 -7.80 15.93 -2.51
CA LYS E 29 -8.79 14.88 -2.26
C LYS E 29 -8.63 13.72 -3.25
N THR E 30 -8.77 12.50 -2.73
CA THR E 30 -8.72 11.30 -3.55
C THR E 30 -9.61 10.24 -2.93
N ASP E 31 -9.74 9.10 -3.61
CA ASP E 31 -10.40 7.93 -3.06
C ASP E 31 -9.82 6.68 -3.72
N ASN E 32 -10.19 5.51 -3.21
CA ASN E 32 -9.61 4.27 -3.71
C ASN E 32 -10.58 3.48 -4.59
N GLN E 33 -11.55 4.16 -5.16
CA GLN E 33 -12.59 3.50 -5.94
C GLN E 33 -12.03 2.78 -7.17
N LEU E 34 -10.93 3.31 -7.72
CA LEU E 34 -10.41 2.82 -9.00
C LEU E 34 -9.09 2.05 -8.87
N THR E 35 -8.62 1.89 -7.64
CA THR E 35 -7.37 1.18 -7.41
C THR E 35 -7.32 -0.19 -8.11
N GLY E 36 -6.26 -0.44 -8.85
CA GLY E 36 -6.06 -1.73 -9.49
C GLY E 36 -6.65 -1.87 -10.88
N LYS E 37 -7.60 -1.00 -11.21
CA LYS E 37 -8.23 -1.05 -12.53
C LYS E 37 -7.25 -0.67 -13.63
N PHE E 38 -7.55 -1.10 -14.86
CA PHE E 38 -6.66 -0.86 -16.00
C PHE E 38 -7.16 0.25 -16.92
N ALA E 39 -6.26 1.17 -17.24
CA ALA E 39 -6.53 2.19 -18.25
C ALA E 39 -5.58 1.99 -19.42
N ALA E 40 -6.05 2.25 -20.62
CA ALA E 40 -5.22 2.15 -21.81
C ALA E 40 -5.16 3.49 -22.54
N ASN E 41 -3.94 3.93 -22.85
CA ASN E 41 -3.75 5.15 -23.63
C ASN E 41 -3.33 4.84 -25.06
N LEU E 42 -4.25 4.97 -26.00
CA LEU E 42 -3.99 4.73 -27.41
C LEU E 42 -3.71 6.03 -28.15
N PHE E 43 -2.43 6.36 -28.33
CA PHE E 43 -2.06 7.61 -28.98
C PHE E 43 -1.44 7.39 -30.36
N PHE E 44 -2.19 7.78 -31.39
CA PHE E 44 -1.75 7.61 -32.77
C PHE E 44 -1.15 8.89 -33.34
N GLU E 45 -1.25 9.98 -32.58
CA GLU E 45 -0.62 11.25 -32.93
C GLU E 45 0.35 11.63 -31.83
N PRO E 46 1.31 12.51 -32.14
CA PRO E 46 2.25 12.94 -31.10
C PRO E 46 1.53 13.69 -29.99
N SER E 47 2.09 13.63 -28.79
CA SER E 47 1.47 14.27 -27.63
C SER E 47 2.42 14.26 -26.44
N THR E 48 2.43 15.36 -25.69
CA THR E 48 3.14 15.38 -24.41
C THR E 48 2.18 15.59 -23.25
N ARG E 49 1.52 16.76 -23.22
CA ARG E 49 0.59 17.08 -22.15
C ARG E 49 -0.54 16.07 -22.01
N THR E 50 -1.35 15.95 -23.05
CA THR E 50 -2.54 15.12 -22.96
C THR E 50 -2.19 13.67 -22.61
N ARG E 51 -1.27 13.09 -23.37
CA ARG E 51 -0.82 11.73 -23.15
C ARG E 51 -0.32 11.48 -21.71
N PHE E 52 0.59 12.32 -21.26
CA PHE E 52 1.25 12.10 -19.96
C PHE E 52 0.50 12.65 -18.75
N SER E 53 -0.30 13.69 -18.96
CA SER E 53 -1.16 14.15 -17.87
C SER E 53 -2.18 13.05 -17.57
N PHE E 54 -2.66 12.38 -18.62
CA PHE E 54 -3.57 11.26 -18.46
C PHE E 54 -2.92 10.10 -17.70
N GLU E 55 -1.66 9.80 -18.02
CA GLU E 55 -0.95 8.74 -17.32
C GLU E 55 -0.77 9.11 -15.85
N VAL E 56 -0.33 10.33 -15.59
CA VAL E 56 -0.22 10.80 -14.22
C VAL E 56 -1.57 10.69 -13.52
N ALA E 57 -2.61 11.17 -14.18
CA ALA E 57 -3.95 11.12 -13.61
C ALA E 57 -4.33 9.69 -13.25
N GLU E 58 -4.11 8.77 -14.18
CA GLU E 58 -4.45 7.37 -13.98
C GLU E 58 -3.72 6.78 -12.78
N LYS E 59 -2.42 7.06 -12.67
CA LYS E 59 -1.63 6.54 -11.57
C LYS E 59 -2.02 7.14 -10.22
N LYS E 60 -2.37 8.42 -10.22
CA LYS E 60 -2.83 9.07 -9.00
C LYS E 60 -4.16 8.49 -8.54
N LEU E 61 -4.89 7.87 -9.47
CA LEU E 61 -6.15 7.21 -9.14
C LEU E 61 -5.89 5.77 -8.72
N GLY E 62 -4.61 5.38 -8.72
CA GLY E 62 -4.22 4.04 -8.35
C GLY E 62 -4.50 2.98 -9.41
N MET E 63 -4.56 3.40 -10.68
CA MET E 63 -4.79 2.48 -11.78
C MET E 63 -3.50 1.97 -12.42
N ASN E 64 -3.60 0.81 -13.06
CA ASN E 64 -2.53 0.32 -13.91
C ASN E 64 -2.68 0.89 -15.30
N VAL E 65 -1.56 1.17 -15.96
CA VAL E 65 -1.60 1.82 -17.27
C VAL E 65 -1.00 0.96 -18.38
N LEU E 66 -1.72 0.89 -19.50
CA LEU E 66 -1.18 0.31 -20.71
C LEU E 66 -1.01 1.41 -21.74
N ASN E 67 0.19 1.50 -22.32
CA ASN E 67 0.49 2.56 -23.28
C ASN E 67 0.69 2.04 -24.70
N LEU E 68 -0.27 2.34 -25.57
CA LEU E 68 -0.25 1.88 -26.96
C LEU E 68 -0.05 3.00 -27.96
N ASP E 69 0.66 2.70 -29.06
CA ASP E 69 0.72 3.62 -30.20
C ASP E 69 0.19 2.94 -31.47
N GLY E 70 0.52 3.48 -32.63
CA GLY E 70 0.07 2.89 -33.87
C GLY E 70 1.17 2.15 -34.59
N THR E 71 2.41 2.46 -34.23
CA THR E 71 3.55 1.87 -34.91
C THR E 71 3.82 0.43 -34.49
N SER E 72 3.60 0.12 -33.21
CA SER E 72 4.01 -1.16 -32.67
C SER E 72 2.85 -2.11 -32.31
N THR E 73 1.61 -1.63 -32.41
CA THR E 73 0.46 -2.49 -32.17
C THR E 73 0.07 -3.28 -33.41
N SER E 74 -0.89 -4.18 -33.25
CA SER E 74 -1.36 -4.99 -34.37
C SER E 74 -2.27 -4.23 -35.31
N VAL E 75 -2.39 -2.93 -35.10
CA VAL E 75 -3.03 -2.06 -36.08
C VAL E 75 -2.20 -2.13 -37.36
N GLN E 76 -0.91 -2.42 -37.19
CA GLN E 76 0.02 -2.61 -38.31
C GLN E 76 -0.34 -3.83 -39.14
N LYS E 77 -1.08 -4.76 -38.54
CA LYS E 77 -1.50 -5.95 -39.26
C LYS E 77 -2.87 -5.73 -39.90
N GLY E 78 -3.36 -4.51 -39.80
CA GLY E 78 -4.62 -4.13 -40.42
C GLY E 78 -5.83 -4.14 -39.50
N GLU E 79 -5.58 -4.22 -38.19
CA GLU E 79 -6.67 -4.27 -37.22
C GLU E 79 -7.41 -2.94 -37.12
N THR E 80 -8.74 -3.02 -37.06
CA THR E 80 -9.56 -1.84 -36.88
C THR E 80 -9.47 -1.27 -35.47
N LEU E 81 -9.79 0.00 -35.34
CA LEU E 81 -9.83 0.64 -34.04
C LEU E 81 -10.84 -0.05 -33.14
N TYR E 82 -11.98 -0.45 -33.71
CA TYR E 82 -13.00 -1.15 -32.94
C TYR E 82 -12.51 -2.46 -32.34
N ASP E 83 -11.89 -3.30 -33.17
CA ASP E 83 -11.37 -4.58 -32.70
C ASP E 83 -10.25 -4.38 -31.68
N THR E 84 -9.55 -3.25 -31.78
CA THR E 84 -8.53 -2.90 -30.81
C THR E 84 -9.15 -2.62 -29.44
N ILE E 85 -10.23 -1.86 -29.43
CA ILE E 85 -10.93 -1.56 -28.18
C ILE E 85 -11.50 -2.83 -27.54
N ARG E 86 -12.18 -3.64 -28.35
CA ARG E 86 -12.76 -4.89 -27.87
C ARG E 86 -11.67 -5.82 -27.35
N THR E 87 -10.52 -5.81 -28.01
CA THR E 87 -9.37 -6.58 -27.58
C THR E 87 -8.93 -6.14 -26.19
N LEU E 88 -8.85 -4.82 -26.00
CA LEU E 88 -8.46 -4.28 -24.71
C LEU E 88 -9.47 -4.62 -23.61
N GLU E 89 -10.76 -4.51 -23.92
CA GLU E 89 -11.80 -4.95 -23.01
C GLU E 89 -11.54 -6.38 -22.55
N SER E 90 -11.23 -7.25 -23.50
CA SER E 90 -11.11 -8.68 -23.24
C SER E 90 -9.93 -9.01 -22.32
N ILE E 91 -8.86 -8.25 -22.41
CA ILE E 91 -7.69 -8.49 -21.56
C ILE E 91 -7.76 -7.71 -20.25
N GLY E 92 -8.89 -7.04 -20.02
CA GLY E 92 -9.15 -6.44 -18.72
C GLY E 92 -9.04 -4.92 -18.60
N VAL E 93 -9.02 -4.21 -19.72
CA VAL E 93 -8.97 -2.75 -19.67
C VAL E 93 -10.34 -2.17 -19.34
N ASP E 94 -10.37 -1.18 -18.46
CA ASP E 94 -11.64 -0.61 -17.99
C ASP E 94 -12.02 0.71 -18.66
N VAL E 95 -11.05 1.34 -19.33
CA VAL E 95 -11.26 2.62 -19.99
C VAL E 95 -10.15 2.92 -21.00
N CYS E 96 -10.52 3.48 -22.16
CA CYS E 96 -9.55 3.82 -23.19
C CYS E 96 -9.47 5.32 -23.47
N VAL E 97 -8.24 5.83 -23.52
CA VAL E 97 -8.01 7.21 -23.95
C VAL E 97 -7.43 7.15 -25.36
N ILE E 98 -8.02 7.91 -26.29
CA ILE E 98 -7.63 7.81 -27.69
C ILE E 98 -7.38 9.15 -28.37
N ARG E 99 -6.19 9.29 -28.98
CA ARG E 99 -5.92 10.38 -29.88
C ARG E 99 -5.64 9.81 -31.27
N HIS E 100 -6.44 10.25 -32.24
CA HIS E 100 -6.40 9.66 -33.57
C HIS E 100 -6.52 10.77 -34.62
N SER E 101 -6.02 10.50 -35.82
CA SER E 101 -6.00 11.51 -36.88
C SER E 101 -7.34 11.68 -37.60
N GLU E 102 -8.20 10.67 -37.49
CA GLU E 102 -9.47 10.67 -38.22
C GLU E 102 -10.56 11.41 -37.46
N ASP E 103 -11.02 12.52 -38.03
CA ASP E 103 -12.11 13.30 -37.44
C ASP E 103 -13.31 12.42 -37.15
N GLU E 104 -13.78 12.47 -35.91
CA GLU E 104 -14.97 11.73 -35.51
C GLU E 104 -14.81 10.22 -35.65
N TYR E 105 -13.61 9.72 -35.37
CA TYR E 105 -13.36 8.28 -35.34
C TYR E 105 -14.31 7.61 -34.34
N TYR E 106 -14.74 8.39 -33.35
CA TYR E 106 -15.46 7.84 -32.20
C TYR E 106 -16.93 7.56 -32.48
N GLU E 107 -17.47 8.13 -33.56
CA GLU E 107 -18.89 8.01 -33.85
C GLU E 107 -19.35 6.57 -34.02
N GLU E 108 -18.53 5.75 -34.66
CA GLU E 108 -18.82 4.33 -34.75
C GLU E 108 -18.73 3.69 -33.38
N LEU E 109 -17.57 3.86 -32.74
CA LEU E 109 -17.25 3.20 -31.48
C LEU E 109 -18.32 3.32 -30.39
N VAL E 110 -18.75 4.54 -30.10
CA VAL E 110 -19.59 4.82 -28.93
C VAL E 110 -20.84 3.94 -28.85
N SER E 111 -21.42 3.62 -30.00
CA SER E 111 -22.62 2.80 -30.04
C SER E 111 -22.33 1.30 -30.03
N GLN E 112 -21.05 0.94 -30.10
CA GLN E 112 -20.64 -0.46 -30.24
C GLN E 112 -19.86 -1.02 -29.05
N VAL E 113 -18.96 -0.22 -28.49
CA VAL E 113 -18.05 -0.71 -27.44
C VAL E 113 -18.71 -0.76 -26.06
N ASN E 114 -18.08 -1.49 -25.14
CA ASN E 114 -18.65 -1.74 -23.82
C ASN E 114 -17.87 -1.08 -22.68
N ILE E 115 -16.86 -0.29 -23.03
CA ILE E 115 -16.13 0.48 -22.03
C ILE E 115 -16.03 1.94 -22.46
N PRO E 116 -15.89 2.84 -21.48
CA PRO E 116 -15.79 4.28 -21.73
C PRO E 116 -14.62 4.66 -22.65
N ILE E 117 -14.91 5.50 -23.63
CA ILE E 117 -13.90 6.07 -24.50
C ILE E 117 -13.68 7.55 -24.17
N LEU E 118 -12.42 7.91 -23.93
CA LEU E 118 -12.08 9.31 -23.66
C LEU E 118 -11.26 9.85 -24.82
N ASN E 119 -11.87 10.76 -25.59
CA ASN E 119 -11.24 11.33 -26.77
C ASN E 119 -10.13 12.34 -26.46
N ALA E 120 -8.88 11.92 -26.66
CA ALA E 120 -7.75 12.80 -26.42
C ALA E 120 -7.44 13.68 -27.64
N GLY E 121 -8.33 13.64 -28.63
CA GLY E 121 -8.17 14.45 -29.83
C GLY E 121 -8.44 13.65 -31.10
N ASP E 122 -9.32 14.18 -31.95
CA ASP E 122 -9.68 13.50 -33.20
C ASP E 122 -9.47 14.41 -34.41
N GLY E 123 -8.27 14.35 -34.98
CA GLY E 123 -7.91 15.18 -36.11
C GLY E 123 -8.14 16.66 -35.86
N CYS E 124 -8.99 17.27 -36.68
CA CYS E 124 -9.33 18.68 -36.54
C CYS E 124 -10.66 18.85 -35.81
N GLY E 125 -11.16 17.76 -35.23
CA GLY E 125 -12.48 17.76 -34.61
C GLY E 125 -12.57 18.34 -33.21
N GLN E 126 -12.53 17.47 -32.21
CA GLN E 126 -12.76 17.88 -30.83
C GLN E 126 -11.60 17.56 -29.90
N HIS E 127 -11.52 18.29 -28.79
CA HIS E 127 -10.50 18.07 -27.78
C HIS E 127 -11.11 18.42 -26.41
N PRO E 128 -12.04 17.57 -25.94
CA PRO E 128 -12.88 17.80 -24.75
C PRO E 128 -12.10 18.12 -23.49
N THR E 129 -11.09 17.30 -23.16
CA THR E 129 -10.34 17.51 -21.92
C THR E 129 -9.52 18.79 -21.96
N GLN E 130 -9.06 19.17 -23.15
CA GLN E 130 -8.37 20.45 -23.31
C GLN E 130 -9.32 21.60 -23.05
N SER E 131 -10.52 21.48 -23.58
CA SER E 131 -11.56 22.48 -23.37
C SER E 131 -11.93 22.56 -21.89
N LEU E 132 -12.14 21.41 -21.27
CA LEU E 132 -12.49 21.36 -19.85
C LEU E 132 -11.42 22.04 -19.00
N LEU E 133 -10.16 21.78 -19.29
CA LEU E 133 -9.09 22.39 -18.51
C LEU E 133 -8.93 23.88 -18.80
N ASP E 134 -9.31 24.29 -20.02
CA ASP E 134 -9.31 25.71 -20.37
C ASP E 134 -10.38 26.45 -19.59
N LEU E 135 -11.56 25.83 -19.51
CA LEU E 135 -12.67 26.40 -18.75
C LEU E 135 -12.31 26.51 -17.29
N MET E 136 -11.74 25.45 -16.74
CA MET E 136 -11.30 25.45 -15.35
C MET E 136 -10.36 26.61 -15.08
N THR E 137 -9.36 26.76 -15.94
CA THR E 137 -8.35 27.80 -15.79
C THR E 137 -8.97 29.19 -15.89
N ILE E 138 -9.88 29.37 -16.84
CA ILE E 138 -10.59 30.62 -16.98
C ILE E 138 -11.45 30.93 -15.74
N TYR E 139 -12.10 29.89 -15.21
CA TYR E 139 -13.00 30.08 -14.07
C TYR E 139 -12.24 30.35 -12.76
N GLU E 140 -11.02 29.83 -12.67
CA GLU E 140 -10.18 30.10 -11.52
C GLU E 140 -9.74 31.57 -11.53
N GLU E 141 -9.70 32.16 -12.71
CA GLU E 141 -9.22 33.53 -12.87
C GLU E 141 -10.31 34.56 -12.60
N PHE E 142 -11.53 34.29 -13.08
CA PHE E 142 -12.59 35.29 -13.04
C PHE E 142 -13.84 34.85 -12.29
N ASN E 143 -13.92 33.56 -11.94
CA ASN E 143 -15.04 33.07 -11.14
C ASN E 143 -16.38 33.20 -11.85
N THR E 144 -16.34 33.30 -13.18
CA THR E 144 -17.56 33.38 -13.98
C THR E 144 -17.22 33.26 -15.47
N PHE E 145 -18.22 32.95 -16.27
CA PHE E 145 -18.04 32.88 -17.73
C PHE E 145 -18.85 33.99 -18.41
N LYS E 146 -20.00 34.31 -17.83
CA LYS E 146 -20.90 35.30 -18.40
C LYS E 146 -20.28 36.69 -18.43
N GLY E 147 -20.25 37.30 -19.60
CA GLY E 147 -19.72 38.65 -19.75
C GLY E 147 -18.26 38.70 -20.17
N LEU E 148 -17.58 37.56 -20.08
CA LEU E 148 -16.19 37.49 -20.51
C LEU E 148 -16.10 37.58 -22.02
N THR E 149 -15.05 38.25 -22.50
CA THR E 149 -14.72 38.23 -23.91
C THR E 149 -13.49 37.35 -24.09
N VAL E 150 -13.66 36.25 -24.82
CA VAL E 150 -12.56 35.33 -25.08
C VAL E 150 -12.22 35.33 -26.55
N SER E 151 -10.96 35.65 -26.88
CA SER E 151 -10.53 35.62 -28.27
C SER E 151 -9.58 34.45 -28.54
N ILE E 152 -9.80 33.79 -29.67
CA ILE E 152 -9.01 32.63 -30.08
C ILE E 152 -8.35 32.91 -31.42
N HIS E 153 -7.02 32.81 -31.47
CA HIS E 153 -6.24 33.36 -32.59
C HIS E 153 -5.46 32.33 -33.41
N GLY E 154 -5.41 32.55 -34.72
CA GLY E 154 -4.54 31.81 -35.61
C GLY E 154 -5.21 30.78 -36.50
N ASP E 155 -4.59 29.61 -36.58
CA ASP E 155 -5.03 28.54 -37.47
C ASP E 155 -6.30 27.89 -36.94
N ILE E 156 -7.43 28.56 -37.13
CA ILE E 156 -8.70 28.14 -36.55
C ILE E 156 -9.28 26.87 -37.21
N LYS E 157 -9.23 26.82 -38.53
CA LYS E 157 -9.92 25.75 -39.25
C LYS E 157 -9.33 24.36 -38.96
N HIS E 158 -8.05 24.32 -38.62
CA HIS E 158 -7.38 23.07 -38.32
C HIS E 158 -7.29 22.79 -36.82
N SER E 159 -8.06 23.51 -36.03
CA SER E 159 -7.93 23.40 -34.58
C SER E 159 -9.12 22.74 -33.88
N ARG E 160 -8.90 21.51 -33.40
CA ARG E 160 -9.90 20.83 -32.57
C ARG E 160 -10.10 21.58 -31.26
N VAL E 161 -9.08 22.34 -30.86
CA VAL E 161 -9.16 23.13 -29.63
C VAL E 161 -10.14 24.29 -29.81
N ALA E 162 -9.98 25.03 -30.91
CA ALA E 162 -10.89 26.12 -31.21
C ALA E 162 -12.31 25.59 -31.40
N ARG E 163 -12.43 24.44 -32.07
CA ARG E 163 -13.74 23.89 -32.35
C ARG E 163 -14.48 23.53 -31.06
N SER E 164 -13.76 23.02 -30.07
CA SER E 164 -14.36 22.67 -28.79
C SER E 164 -14.68 23.90 -27.95
N ASN E 165 -13.73 24.84 -27.91
CA ASN E 165 -13.87 26.00 -27.03
C ASN E 165 -14.91 27.03 -27.46
N ALA E 166 -15.00 27.27 -28.77
CA ALA E 166 -15.87 28.30 -29.31
C ALA E 166 -17.34 28.13 -28.92
N GLU E 167 -17.93 27.00 -29.28
CA GLU E 167 -19.34 26.78 -28.98
C GLU E 167 -19.61 26.76 -27.47
N VAL E 168 -18.78 26.03 -26.74
CA VAL E 168 -19.02 25.89 -25.30
C VAL E 168 -18.90 27.21 -24.55
N LEU E 169 -17.93 28.04 -24.94
CA LEU E 169 -17.76 29.35 -24.33
C LEU E 169 -19.00 30.25 -24.51
N THR E 170 -19.49 30.35 -25.75
CA THR E 170 -20.67 31.16 -26.01
C THR E 170 -21.85 30.57 -25.25
N ARG E 171 -21.96 29.25 -25.25
CA ARG E 171 -23.00 28.57 -24.50
C ARG E 171 -22.93 28.91 -23.00
N LEU E 172 -21.71 29.00 -22.48
CA LEU E 172 -21.52 29.37 -21.07
C LEU E 172 -21.75 30.86 -20.85
N GLY E 173 -22.01 31.58 -21.93
CA GLY E 173 -22.37 32.99 -21.82
C GLY E 173 -21.25 33.98 -22.07
N ALA E 174 -20.16 33.50 -22.67
CA ALA E 174 -19.04 34.38 -23.01
C ALA E 174 -19.13 34.83 -24.46
N ARG E 175 -18.41 35.90 -24.78
CA ARG E 175 -18.34 36.42 -26.13
C ARG E 175 -17.00 36.03 -26.75
N VAL E 176 -17.05 35.33 -27.88
CA VAL E 176 -15.84 34.80 -28.52
C VAL E 176 -15.43 35.56 -29.77
N LEU E 177 -14.16 35.93 -29.85
CA LEU E 177 -13.62 36.58 -31.03
C LEU E 177 -12.61 35.66 -31.73
N PHE E 178 -12.61 35.70 -33.05
CA PHE E 178 -11.63 34.97 -33.86
C PHE E 178 -10.69 35.94 -34.55
N SER E 179 -9.43 35.54 -34.70
CA SER E 179 -8.48 36.31 -35.48
C SER E 179 -7.49 35.37 -36.15
N GLY E 180 -6.59 35.92 -36.96
CA GLY E 180 -5.60 35.12 -37.67
C GLY E 180 -5.79 35.15 -39.17
N PRO E 181 -4.88 34.48 -39.91
CA PRO E 181 -4.95 34.45 -41.38
C PRO E 181 -6.35 34.12 -41.87
N SER E 182 -6.82 34.87 -42.86
CA SER E 182 -8.18 34.71 -43.36
C SER E 182 -8.40 33.38 -44.05
N GLU E 183 -7.32 32.80 -44.57
CA GLU E 183 -7.42 31.53 -45.27
C GLU E 183 -7.50 30.35 -44.29
N TRP E 184 -7.08 30.59 -43.04
CA TRP E 184 -7.12 29.56 -42.01
C TRP E 184 -8.35 29.70 -41.13
N GLN E 185 -9.33 30.46 -41.60
CA GLN E 185 -10.58 30.63 -40.86
C GLN E 185 -11.57 29.53 -41.16
N ASP E 186 -12.52 29.32 -40.25
CA ASP E 186 -13.44 28.20 -40.34
C ASP E 186 -14.88 28.68 -40.46
N GLU E 187 -15.53 28.35 -41.57
CA GLU E 187 -16.95 28.66 -41.73
C GLU E 187 -17.81 27.54 -41.13
N GLU E 188 -17.17 26.42 -40.82
CA GLU E 188 -17.83 25.32 -40.13
C GLU E 188 -17.85 25.58 -38.62
N ASN E 189 -17.08 26.57 -38.19
CA ASN E 189 -17.08 27.00 -36.81
C ASN E 189 -17.31 28.51 -36.70
N THR E 190 -18.58 28.91 -36.67
CA THR E 190 -18.92 30.33 -36.65
C THR E 190 -19.63 30.73 -35.36
N PHE E 191 -19.03 30.38 -34.23
CA PHE E 191 -19.56 30.79 -32.94
C PHE E 191 -18.83 32.02 -32.41
N GLY E 192 -17.98 32.59 -33.26
CA GLY E 192 -17.24 33.77 -32.88
C GLY E 192 -17.35 34.88 -33.90
N THR E 193 -16.75 36.02 -33.57
CA THR E 193 -16.71 37.14 -34.50
C THR E 193 -15.28 37.33 -34.97
N TYR E 194 -15.07 37.21 -36.28
CA TYR E 194 -13.75 37.46 -36.85
C TYR E 194 -13.38 38.94 -36.66
N VAL E 195 -12.19 39.17 -36.13
CA VAL E 195 -11.65 40.52 -35.99
C VAL E 195 -10.14 40.41 -36.16
N SER E 196 -9.43 41.52 -35.97
CA SER E 196 -7.98 41.52 -36.04
C SER E 196 -7.38 41.34 -34.65
N MET E 197 -6.18 40.77 -34.60
CA MET E 197 -5.49 40.58 -33.33
C MET E 197 -5.34 41.92 -32.59
N ASP E 198 -4.97 42.96 -33.32
CA ASP E 198 -4.74 44.27 -32.73
C ASP E 198 -5.97 44.83 -32.03
N GLU E 199 -7.14 44.52 -32.56
CA GLU E 199 -8.39 44.88 -31.92
C GLU E 199 -8.66 44.01 -30.70
N ALA E 200 -8.62 42.69 -30.91
CA ALA E 200 -9.03 41.73 -29.88
C ALA E 200 -8.19 41.79 -28.61
N VAL E 201 -6.91 42.11 -28.77
CA VAL E 201 -5.98 42.12 -27.64
C VAL E 201 -6.30 43.21 -26.63
N GLU E 202 -7.26 44.07 -26.96
CA GLU E 202 -7.64 45.16 -26.06
C GLU E 202 -9.03 44.97 -25.45
N SER E 203 -9.88 44.24 -26.16
CA SER E 203 -11.24 43.99 -25.68
C SER E 203 -11.36 42.63 -24.99
N SER E 204 -10.25 41.91 -24.91
CA SER E 204 -10.29 40.54 -24.40
C SER E 204 -9.92 40.38 -22.93
N ASP E 205 -10.72 39.58 -22.22
CA ASP E 205 -10.39 39.14 -20.88
C ASP E 205 -9.46 37.94 -20.97
N VAL E 206 -9.61 37.15 -22.02
CA VAL E 206 -8.75 36.01 -22.29
C VAL E 206 -8.25 36.04 -23.73
N VAL E 207 -6.94 35.99 -23.90
CA VAL E 207 -6.31 35.89 -25.21
C VAL E 207 -5.74 34.50 -25.41
N MET E 208 -6.45 33.66 -26.17
CA MET E 208 -6.03 32.28 -26.36
C MET E 208 -5.34 32.05 -27.70
N LEU E 209 -4.04 31.78 -27.64
CA LEU E 209 -3.24 31.55 -28.84
C LEU E 209 -3.22 30.09 -29.27
N LEU E 210 -3.19 29.86 -30.58
CA LEU E 210 -3.11 28.51 -31.13
C LEU E 210 -1.79 28.31 -31.88
N ARG E 211 -1.31 27.07 -31.89
CA ARG E 211 -0.16 26.69 -32.70
C ARG E 211 -0.62 26.46 -34.14
N ILE E 212 0.24 26.77 -35.11
CA ILE E 212 -0.05 26.45 -36.49
C ILE E 212 0.01 24.94 -36.71
N GLN E 213 -1.07 24.38 -37.22
CA GLN E 213 -1.17 22.93 -37.41
C GLN E 213 -0.45 22.51 -38.69
N ASN E 214 0.83 22.82 -38.79
CA ASN E 214 1.61 22.51 -39.99
C ASN E 214 1.40 21.08 -40.49
N GLU E 215 1.37 20.13 -39.56
CA GLU E 215 1.29 18.72 -39.94
C GLU E 215 -0.08 18.33 -40.49
N ARG E 216 -1.03 19.26 -40.45
CA ARG E 216 -2.39 18.97 -40.92
C ARG E 216 -2.77 19.73 -42.19
N HIS E 217 -1.86 20.54 -42.72
CA HIS E 217 -2.16 21.32 -43.92
C HIS E 217 -1.97 20.51 -45.18
N GLN E 218 -2.98 20.53 -46.05
CA GLN E 218 -2.87 19.86 -47.35
C GLN E 218 -1.65 20.39 -48.10
N SER E 219 -1.55 21.71 -48.20
CA SER E 219 -0.40 22.35 -48.82
C SER E 219 0.34 23.18 -47.79
N ALA E 220 1.66 23.15 -47.84
CA ALA E 220 2.48 24.02 -47.00
C ALA E 220 2.61 25.39 -47.64
N VAL E 221 2.42 26.43 -46.84
CA VAL E 221 2.57 27.79 -47.34
C VAL E 221 3.53 28.53 -46.42
N SER E 222 4.06 29.66 -46.91
CA SER E 222 4.98 30.45 -46.11
C SER E 222 4.29 31.04 -44.88
N GLN E 223 5.05 31.12 -43.80
CA GLN E 223 4.58 31.77 -42.58
C GLN E 223 5.66 32.74 -42.11
N GLU E 224 6.39 33.29 -43.07
CA GLU E 224 7.41 34.29 -42.78
C GLU E 224 6.76 35.52 -42.15
N GLY E 225 7.35 36.01 -41.07
CA GLY E 225 6.86 37.19 -40.38
C GLY E 225 5.52 36.98 -39.69
N TYR E 226 5.19 35.72 -39.39
CA TYR E 226 3.91 35.40 -38.78
C TYR E 226 3.70 36.13 -37.46
N LEU E 227 4.73 36.20 -36.65
CA LEU E 227 4.61 36.78 -35.32
C LEU E 227 4.10 38.22 -35.41
N ASN E 228 4.85 39.06 -36.11
CA ASN E 228 4.49 40.45 -36.29
C ASN E 228 3.10 40.63 -36.92
N LYS E 229 2.76 39.76 -37.86
CA LYS E 229 1.47 39.88 -38.56
C LYS E 229 0.28 39.41 -37.75
N TYR E 230 0.34 38.17 -37.25
CA TYR E 230 -0.82 37.53 -36.63
C TYR E 230 -0.61 37.15 -35.17
N GLY E 231 0.65 37.14 -34.73
CA GLY E 231 0.98 36.64 -33.41
C GLY E 231 0.82 37.61 -32.27
N LEU E 232 1.05 37.12 -31.06
CA LEU E 232 1.03 37.97 -29.88
C LEU E 232 2.41 38.54 -29.62
N THR E 233 2.66 39.74 -30.15
CA THR E 233 3.94 40.41 -29.95
C THR E 233 3.98 41.02 -28.56
N VAL E 234 5.17 41.44 -28.14
CA VAL E 234 5.30 42.11 -26.85
C VAL E 234 4.44 43.36 -26.85
N GLU E 235 4.56 44.12 -27.93
CA GLU E 235 3.81 45.35 -28.10
C GLU E 235 2.30 45.12 -28.00
N ARG E 236 1.83 44.02 -28.54
CA ARG E 236 0.41 43.70 -28.48
C ARG E 236 -0.02 43.29 -27.07
N ALA E 237 0.86 42.56 -26.37
CA ALA E 237 0.58 42.11 -25.02
C ALA E 237 0.57 43.27 -24.03
N GLU E 238 1.41 44.27 -24.30
CA GLU E 238 1.50 45.45 -23.46
C GLU E 238 0.18 46.23 -23.49
N ARG E 239 -0.65 45.96 -24.50
CA ARG E 239 -1.92 46.65 -24.65
C ARG E 239 -3.12 45.87 -24.11
N MET E 240 -2.86 44.75 -23.43
CA MET E 240 -3.93 43.93 -22.86
C MET E 240 -4.52 44.55 -21.60
N LYS E 241 -5.74 44.17 -21.25
CA LYS E 241 -6.36 44.62 -20.02
C LYS E 241 -5.54 44.18 -18.82
N ARG E 242 -5.54 44.99 -17.76
CA ARG E 242 -4.78 44.67 -16.55
C ARG E 242 -5.05 43.25 -16.04
N HIS E 243 -6.31 42.83 -16.12
CA HIS E 243 -6.75 41.57 -15.53
C HIS E 243 -6.79 40.43 -16.55
N ALA E 244 -6.46 40.72 -17.80
CA ALA E 244 -6.55 39.72 -18.86
C ALA E 244 -5.43 38.68 -18.75
N ILE E 245 -5.68 37.49 -19.28
CA ILE E 245 -4.68 36.43 -19.25
C ILE E 245 -4.37 35.88 -20.64
N ILE E 246 -3.19 35.28 -20.77
CA ILE E 246 -2.79 34.62 -22.01
C ILE E 246 -2.88 33.11 -21.84
N MET E 247 -3.55 32.45 -22.78
CA MET E 247 -3.67 31.00 -22.76
C MET E 247 -3.20 30.39 -24.07
N HIS E 248 -2.82 29.12 -24.02
CA HIS E 248 -2.29 28.42 -25.18
C HIS E 248 -2.28 26.93 -24.86
N PRO E 249 -2.91 26.12 -25.72
CA PRO E 249 -3.03 24.69 -25.43
C PRO E 249 -1.69 23.98 -25.47
N ALA E 250 -0.69 24.62 -26.08
CA ALA E 250 0.65 24.04 -26.16
C ALA E 250 0.69 22.84 -27.13
N PRO E 251 1.90 22.48 -27.59
CA PRO E 251 3.16 23.17 -27.28
C PRO E 251 3.23 24.53 -27.94
N VAL E 252 4.08 25.39 -27.41
CA VAL E 252 4.27 26.72 -27.98
C VAL E 252 5.36 26.70 -29.04
N ASN E 253 5.12 27.40 -30.14
CA ASN E 253 6.20 27.68 -31.09
C ASN E 253 6.71 29.10 -30.88
N ARG E 254 7.64 29.24 -29.94
CA ARG E 254 8.21 30.53 -29.60
C ARG E 254 8.71 31.27 -30.84
N GLY E 255 8.24 32.49 -31.04
CA GLY E 255 8.65 33.29 -32.17
C GLY E 255 7.70 33.22 -33.34
N VAL E 256 6.72 32.32 -33.26
CA VAL E 256 5.70 32.22 -34.28
C VAL E 256 4.41 32.90 -33.81
N GLU E 257 3.58 32.16 -33.08
CA GLU E 257 2.31 32.72 -32.62
C GLU E 257 2.45 33.56 -31.35
N ILE E 258 3.63 33.57 -30.76
CA ILE E 258 3.86 34.33 -29.54
C ILE E 258 5.34 34.64 -29.32
N ASP E 259 5.61 35.84 -28.80
CA ASP E 259 6.98 36.23 -28.53
C ASP E 259 7.58 35.38 -27.41
N ASP E 260 8.84 34.99 -27.59
CA ASP E 260 9.54 34.15 -26.63
C ASP E 260 9.43 34.65 -25.18
N SER E 261 9.45 35.97 -25.01
CA SER E 261 9.47 36.57 -23.68
C SER E 261 8.12 36.54 -22.97
N LEU E 262 7.06 36.22 -23.72
CA LEU E 262 5.71 36.28 -23.18
C LEU E 262 5.20 34.95 -22.61
N VAL E 263 5.83 33.85 -23.00
CA VAL E 263 5.35 32.52 -22.61
C VAL E 263 5.24 32.40 -21.09
N GLU E 264 6.19 32.96 -20.37
CA GLU E 264 6.18 32.88 -18.91
C GLU E 264 6.14 34.25 -18.25
N SER E 265 5.27 35.12 -18.76
CA SER E 265 5.13 36.47 -18.21
C SER E 265 3.93 36.56 -17.27
N GLU E 266 3.78 37.72 -16.62
CA GLU E 266 2.78 37.91 -15.57
C GLU E 266 1.37 37.49 -15.96
N LYS E 267 0.98 37.73 -17.21
CA LYS E 267 -0.39 37.44 -17.63
C LYS E 267 -0.55 36.03 -18.20
N SER E 268 0.55 35.29 -18.28
CA SER E 268 0.51 33.94 -18.84
C SER E 268 -0.04 32.91 -17.85
N ARG E 269 -0.99 32.11 -18.33
CA ARG E 269 -1.53 30.99 -17.55
C ARG E 269 -1.29 29.70 -18.31
N ILE E 270 -0.33 29.75 -19.23
CA ILE E 270 -0.05 28.62 -20.11
C ILE E 270 0.38 27.38 -19.34
N PHE E 271 1.30 27.55 -18.39
CA PHE E 271 1.77 26.41 -17.61
C PHE E 271 0.77 26.01 -16.52
N LYS E 272 -0.09 26.94 -16.14
CA LYS E 272 -1.13 26.62 -15.17
C LYS E 272 -2.20 25.74 -15.82
N GLN E 273 -2.44 25.94 -17.11
CA GLN E 273 -3.33 25.08 -17.87
C GLN E 273 -2.84 23.63 -17.78
N MET E 274 -1.54 23.45 -17.97
CA MET E 274 -0.96 22.12 -17.94
C MET E 274 -1.14 21.47 -16.56
N LYS E 275 -0.98 22.29 -15.53
CA LYS E 275 -1.16 21.83 -14.15
C LYS E 275 -2.59 21.30 -13.98
N ASN E 276 -3.58 22.09 -14.36
CA ASN E 276 -4.98 21.69 -14.20
C ASN E 276 -5.37 20.48 -15.05
N GLY E 277 -4.63 20.24 -16.12
CA GLY E 277 -4.95 19.16 -17.03
C GLY E 277 -5.02 17.80 -16.35
N VAL E 278 -4.14 17.58 -15.38
CA VAL E 278 -4.10 16.32 -14.65
C VAL E 278 -5.40 16.07 -13.89
N PHE E 279 -5.85 17.09 -13.15
CA PHE E 279 -7.02 16.94 -12.29
C PHE E 279 -8.31 16.90 -13.08
N ILE E 280 -8.37 17.69 -14.15
CA ILE E 280 -9.50 17.61 -15.07
C ILE E 280 -9.60 16.21 -15.66
N ARG E 281 -8.44 15.61 -15.94
CA ARG E 281 -8.41 14.27 -16.52
C ARG E 281 -8.69 13.18 -15.48
N MET E 282 -8.35 13.44 -14.23
CA MET E 282 -8.75 12.56 -13.14
C MET E 282 -10.28 12.56 -13.02
N ALA E 283 -10.86 13.76 -13.05
CA ALA E 283 -12.30 13.93 -12.92
C ALA E 283 -13.05 13.21 -14.02
N VAL E 284 -12.52 13.32 -15.24
CA VAL E 284 -13.16 12.73 -16.40
C VAL E 284 -13.14 11.20 -16.34
N ILE E 285 -12.06 10.66 -15.81
CA ILE E 285 -11.96 9.21 -15.62
C ILE E 285 -12.94 8.74 -14.54
N GLN E 286 -13.00 9.46 -13.43
CA GLN E 286 -14.00 9.17 -12.41
C GLN E 286 -15.40 9.19 -13.00
N ARG E 287 -15.68 10.19 -13.82
CA ARG E 287 -16.99 10.28 -14.47
C ARG E 287 -17.25 9.07 -15.37
N ALA E 288 -16.24 8.64 -16.11
CA ALA E 288 -16.38 7.55 -17.06
C ALA E 288 -16.68 6.22 -16.38
N LEU E 289 -16.11 6.02 -15.20
CA LEU E 289 -16.13 4.72 -14.54
C LEU E 289 -17.08 4.62 -13.36
N GLN E 290 -17.65 5.75 -12.94
CA GLN E 290 -18.49 5.75 -11.76
C GLN E 290 -19.89 6.27 -12.08
N MET F 1 17.23 19.57 -4.44
CA MET F 1 17.50 19.54 -5.87
C MET F 1 18.99 19.57 -6.18
N LYS F 2 19.48 18.53 -6.83
CA LYS F 2 20.86 18.50 -7.30
C LYS F 2 20.95 17.89 -8.69
N HIS F 3 21.22 18.72 -9.69
CA HIS F 3 21.42 18.23 -11.04
C HIS F 3 22.64 17.33 -11.10
N LEU F 4 22.71 16.52 -12.15
CA LEU F 4 23.93 15.79 -12.48
C LEU F 4 24.14 15.90 -13.97
N THR F 5 25.09 16.75 -14.38
CA THR F 5 25.26 17.06 -15.78
C THR F 5 26.64 16.63 -16.29
N THR F 6 27.67 17.15 -15.65
CA THR F 6 29.04 16.86 -16.04
C THR F 6 29.83 16.30 -14.86
N MET F 7 30.61 15.26 -15.10
CA MET F 7 31.46 14.68 -14.07
C MET F 7 32.48 15.72 -13.61
N SER F 8 32.84 16.62 -14.53
CA SER F 8 33.81 17.67 -14.27
C SER F 8 33.42 18.60 -13.11
N GLU F 9 32.11 18.80 -12.91
CA GLU F 9 31.63 19.71 -11.87
C GLU F 9 31.11 18.96 -10.65
N LEU F 10 31.63 17.76 -10.43
CA LEU F 10 31.20 16.94 -9.30
C LEU F 10 32.39 16.65 -8.39
N SER F 11 32.35 17.18 -7.17
CA SER F 11 33.48 17.09 -6.25
C SER F 11 33.81 15.65 -5.86
N THR F 12 35.07 15.43 -5.49
CA THR F 12 35.52 14.12 -5.05
C THR F 12 34.72 13.62 -3.85
N GLU F 13 34.30 14.55 -3.00
CA GLU F 13 33.54 14.20 -1.80
C GLU F 13 32.19 13.62 -2.18
N GLU F 14 31.51 14.27 -3.13
CA GLU F 14 30.21 13.79 -3.59
C GLU F 14 30.34 12.45 -4.31
N ILE F 15 31.45 12.29 -5.04
CA ILE F 15 31.72 11.04 -5.72
C ILE F 15 31.88 9.92 -4.71
N LYS F 16 32.66 10.17 -3.67
CA LYS F 16 32.86 9.19 -2.62
C LYS F 16 31.55 8.87 -1.90
N ASP F 17 30.75 9.90 -1.63
CA ASP F 17 29.46 9.70 -0.99
C ASP F 17 28.54 8.85 -1.84
N LEU F 18 28.49 9.19 -3.14
CA LEU F 18 27.65 8.46 -4.08
C LEU F 18 28.08 6.99 -4.17
N LEU F 19 29.39 6.75 -4.27
CA LEU F 19 29.88 5.38 -4.30
C LEU F 19 29.55 4.62 -3.03
N GLN F 20 29.71 5.28 -1.89
CA GLN F 20 29.40 4.67 -0.60
C GLN F 20 27.92 4.28 -0.53
N THR F 21 27.05 5.20 -0.93
CA THR F 21 25.62 4.97 -0.96
C THR F 21 25.26 3.79 -1.87
N ALA F 22 25.92 3.71 -3.02
CA ALA F 22 25.67 2.64 -3.98
C ALA F 22 26.06 1.28 -3.40
N GLN F 23 27.22 1.23 -2.75
CA GLN F 23 27.67 0.01 -2.08
C GLN F 23 26.60 -0.48 -1.13
N GLU F 24 26.11 0.43 -0.29
CA GLU F 24 25.10 0.11 0.70
C GLU F 24 23.83 -0.44 0.07
N LEU F 25 23.29 0.29 -0.91
CA LEU F 25 22.09 -0.16 -1.61
C LEU F 25 22.33 -1.53 -2.24
N LYS F 26 23.50 -1.71 -2.85
CA LYS F 26 23.86 -2.98 -3.45
C LYS F 26 23.89 -4.10 -2.40
N SER F 27 24.32 -3.76 -1.19
CA SER F 27 24.46 -4.75 -0.13
C SER F 27 23.14 -5.07 0.54
N GLY F 28 22.08 -4.37 0.16
CA GLY F 28 20.76 -4.71 0.67
C GLY F 28 19.98 -3.56 1.30
N LYS F 29 20.68 -2.50 1.69
CA LYS F 29 20.02 -1.35 2.29
C LYS F 29 18.78 -0.93 1.51
N THR F 30 17.69 -0.69 2.24
CA THR F 30 16.43 -0.29 1.61
C THR F 30 16.06 1.14 1.99
N ASP F 31 15.21 1.75 1.17
CA ASP F 31 14.79 3.13 1.37
C ASP F 31 13.78 3.47 0.30
N ASN F 32 12.61 3.96 0.73
CA ASN F 32 11.54 4.32 -0.19
C ASN F 32 10.87 5.62 0.21
N GLN F 33 11.64 6.57 0.75
CA GLN F 33 11.09 7.89 1.08
C GLN F 33 10.53 8.55 -0.17
N LEU F 34 10.83 7.95 -1.31
CA LEU F 34 10.46 8.52 -2.61
C LEU F 34 9.22 7.84 -3.21
N THR F 35 8.56 7.00 -2.44
CA THR F 35 7.36 6.31 -2.91
C THR F 35 6.29 7.30 -3.39
N GLY F 36 5.80 7.11 -4.62
CA GLY F 36 4.74 7.94 -5.15
C GLY F 36 5.23 9.12 -5.97
N LYS F 37 6.47 9.53 -5.76
CA LYS F 37 7.08 10.59 -6.55
C LYS F 37 7.13 10.15 -8.02
N PHE F 38 7.15 11.12 -8.93
CA PHE F 38 7.26 10.80 -10.34
C PHE F 38 8.64 11.09 -10.92
N ALA F 39 9.14 10.14 -11.71
CA ALA F 39 10.35 10.34 -12.49
C ALA F 39 10.00 10.28 -13.96
N ALA F 40 10.64 11.12 -14.77
CA ALA F 40 10.46 11.07 -16.21
C ALA F 40 11.77 10.71 -16.89
N ASN F 41 11.72 9.72 -17.79
CA ASN F 41 12.88 9.38 -18.59
C ASN F 41 12.68 9.85 -20.04
N LEU F 42 13.45 10.86 -20.42
CA LEU F 42 13.39 11.42 -21.76
C LEU F 42 14.59 10.96 -22.57
N PHE F 43 14.38 9.94 -23.39
CA PHE F 43 15.47 9.40 -24.20
C PHE F 43 15.30 9.69 -25.68
N PHE F 44 16.15 10.57 -26.20
CA PHE F 44 16.10 11.00 -27.58
C PHE F 44 17.15 10.26 -28.40
N GLU F 45 17.94 9.44 -27.72
CA GLU F 45 18.89 8.55 -28.38
C GLU F 45 18.62 7.11 -27.93
N PRO F 46 19.05 6.13 -28.74
CA PRO F 46 18.88 4.75 -28.31
C PRO F 46 19.61 4.46 -26.99
N SER F 47 19.09 3.50 -26.24
CA SER F 47 19.69 3.11 -24.98
C SER F 47 19.07 1.81 -24.48
N THR F 48 19.87 1.02 -23.77
CA THR F 48 19.34 -0.14 -23.05
C THR F 48 19.72 -0.07 -21.58
N ARG F 49 21.02 -0.15 -21.30
CA ARG F 49 21.52 -0.07 -19.92
C ARG F 49 21.04 1.18 -19.18
N THR F 50 21.46 2.34 -19.67
CA THR F 50 21.21 3.59 -18.97
C THR F 50 19.71 3.82 -18.76
N ARG F 51 18.94 3.74 -19.83
CA ARG F 51 17.51 3.95 -19.76
C ARG F 51 16.83 3.01 -18.76
N PHE F 52 17.02 1.70 -18.95
CA PHE F 52 16.31 0.70 -18.17
C PHE F 52 16.89 0.44 -16.79
N SER F 53 18.17 0.75 -16.61
CA SER F 53 18.73 0.69 -15.26
C SER F 53 18.10 1.81 -14.43
N PHE F 54 17.87 2.96 -15.07
CA PHE F 54 17.20 4.06 -14.40
C PHE F 54 15.78 3.69 -14.01
N GLU F 55 15.06 3.06 -14.92
CA GLU F 55 13.68 2.66 -14.63
C GLU F 55 13.64 1.68 -13.46
N VAL F 56 14.53 0.69 -13.50
CA VAL F 56 14.64 -0.25 -12.41
C VAL F 56 14.96 0.48 -11.10
N ALA F 57 15.91 1.39 -11.16
CA ALA F 57 16.31 2.18 -10.00
C ALA F 57 15.12 2.96 -9.44
N GLU F 58 14.40 3.61 -10.34
CA GLU F 58 13.23 4.41 -9.95
C GLU F 58 12.17 3.54 -9.27
N LYS F 59 11.84 2.41 -9.89
CA LYS F 59 10.84 1.52 -9.33
C LYS F 59 11.29 0.88 -8.03
N LYS F 60 12.59 0.63 -7.89
CA LYS F 60 13.12 0.11 -6.62
C LYS F 60 13.00 1.15 -5.52
N LEU F 61 13.01 2.42 -5.90
CA LEU F 61 12.82 3.52 -4.96
C LEU F 61 11.32 3.82 -4.76
N GLY F 62 10.47 3.03 -5.41
CA GLY F 62 9.04 3.15 -5.26
C GLY F 62 8.41 4.30 -6.02
N MET F 63 9.09 4.79 -7.03
CA MET F 63 8.61 5.92 -7.82
C MET F 63 7.73 5.50 -8.99
N ASN F 64 6.80 6.38 -9.36
CA ASN F 64 6.06 6.20 -10.60
C ASN F 64 6.94 6.69 -11.74
N VAL F 65 6.83 6.04 -12.89
CA VAL F 65 7.71 6.36 -14.01
C VAL F 65 6.96 6.74 -15.29
N LEU F 66 7.44 7.82 -15.92
CA LEU F 66 6.95 8.22 -17.23
C LEU F 66 8.09 8.08 -18.23
N ASN F 67 7.82 7.40 -19.34
CA ASN F 67 8.84 7.20 -20.36
C ASN F 67 8.55 7.97 -21.63
N LEU F 68 9.41 8.93 -21.95
CA LEU F 68 9.26 9.76 -23.13
C LEU F 68 10.39 9.53 -24.13
N ASP F 69 10.04 9.42 -25.41
CA ASP F 69 11.04 9.46 -26.47
C ASP F 69 10.81 10.73 -27.28
N GLY F 70 11.46 10.84 -28.43
CA GLY F 70 11.37 12.06 -29.22
C GLY F 70 10.41 12.00 -30.39
N THR F 71 10.03 10.80 -30.80
CA THR F 71 9.24 10.62 -32.01
C THR F 71 7.72 10.64 -31.76
N SER F 72 7.32 10.32 -30.52
CA SER F 72 5.91 10.25 -30.19
C SER F 72 5.48 11.39 -29.27
N THR F 73 6.45 12.16 -28.81
CA THR F 73 6.20 13.26 -27.90
C THR F 73 5.89 14.53 -28.71
N SER F 74 5.52 15.62 -28.04
CA SER F 74 5.17 16.84 -28.74
C SER F 74 6.39 17.67 -29.15
N VAL F 75 7.58 17.07 -29.02
CA VAL F 75 8.77 17.64 -29.62
C VAL F 75 8.59 17.60 -31.14
N GLN F 76 7.75 16.68 -31.59
CA GLN F 76 7.35 16.58 -33.00
C GLN F 76 6.59 17.81 -33.48
N LYS F 77 5.99 18.54 -32.56
CA LYS F 77 5.26 19.74 -32.93
C LYS F 77 6.14 20.98 -32.77
N GLY F 78 7.40 20.76 -32.46
CA GLY F 78 8.38 21.84 -32.35
C GLY F 78 8.65 22.33 -30.94
N GLU F 79 8.19 21.58 -29.94
CA GLU F 79 8.42 21.99 -28.55
C GLU F 79 9.90 21.86 -28.19
N THR F 80 10.41 22.86 -27.48
CA THR F 80 11.80 22.86 -27.04
C THR F 80 12.00 21.93 -25.85
N LEU F 81 13.25 21.57 -25.60
CA LEU F 81 13.60 20.75 -24.45
C LEU F 81 13.15 21.44 -23.16
N TYR F 82 13.38 22.74 -23.09
CA TYR F 82 13.02 23.51 -21.90
C TYR F 82 11.52 23.41 -21.60
N ASP F 83 10.70 23.66 -22.61
CA ASP F 83 9.26 23.61 -22.44
C ASP F 83 8.79 22.22 -22.05
N THR F 84 9.45 21.21 -22.57
CA THR F 84 9.14 19.84 -22.22
C THR F 84 9.34 19.63 -20.71
N ILE F 85 10.49 20.07 -20.21
CA ILE F 85 10.78 19.94 -18.78
C ILE F 85 9.77 20.71 -17.93
N ARG F 86 9.48 21.95 -18.31
CA ARG F 86 8.52 22.77 -17.56
C ARG F 86 7.14 22.14 -17.60
N THR F 87 6.79 21.56 -18.75
CA THR F 87 5.55 20.82 -18.90
C THR F 87 5.49 19.67 -17.90
N LEU F 88 6.58 18.92 -17.80
CA LEU F 88 6.63 17.79 -16.89
C LEU F 88 6.57 18.25 -15.43
N GLU F 89 7.23 19.36 -15.12
CA GLU F 89 7.09 19.95 -13.80
C GLU F 89 5.62 20.21 -13.50
N SER F 90 4.91 20.76 -14.47
CA SER F 90 3.53 21.18 -14.28
C SER F 90 2.58 20.02 -14.01
N ILE F 91 2.88 18.84 -14.55
CA ILE F 91 1.97 17.71 -14.38
C ILE F 91 2.36 16.84 -13.20
N GLY F 92 3.46 17.18 -12.53
CA GLY F 92 3.83 16.53 -11.27
C GLY F 92 5.16 15.80 -11.22
N VAL F 93 5.92 15.84 -12.31
CA VAL F 93 7.21 15.16 -12.33
C VAL F 93 8.20 15.79 -11.34
N ASP F 94 8.92 14.95 -10.61
CA ASP F 94 9.85 15.44 -9.58
C ASP F 94 11.30 15.42 -10.04
N VAL F 95 11.60 14.62 -11.06
CA VAL F 95 12.96 14.54 -11.59
C VAL F 95 12.95 14.05 -13.03
N CYS F 96 13.89 14.51 -13.84
CA CYS F 96 13.97 14.11 -15.25
C CYS F 96 15.32 13.51 -15.59
N VAL F 97 15.29 12.39 -16.30
CA VAL F 97 16.48 11.78 -16.83
C VAL F 97 16.47 12.05 -18.33
N ILE F 98 17.54 12.64 -18.85
CA ILE F 98 17.59 13.03 -20.26
C ILE F 98 18.83 12.53 -21.00
N ARG F 99 18.60 11.89 -22.14
CA ARG F 99 19.66 11.62 -23.09
C ARG F 99 19.33 12.35 -24.39
N HIS F 100 20.28 13.14 -24.89
CA HIS F 100 20.03 14.02 -26.03
C HIS F 100 21.28 14.12 -26.91
N SER F 101 21.07 14.35 -28.20
CA SER F 101 22.17 14.37 -29.17
C SER F 101 22.98 15.67 -29.11
N GLU F 102 22.36 16.73 -28.61
CA GLU F 102 23.03 18.02 -28.56
C GLU F 102 23.99 18.11 -27.37
N ASP F 103 25.28 18.28 -27.67
CA ASP F 103 26.27 18.47 -26.61
C ASP F 103 25.88 19.65 -25.73
N GLU F 104 25.88 19.41 -24.42
CA GLU F 104 25.64 20.45 -23.43
C GLU F 104 24.25 21.07 -23.50
N TYR F 105 23.26 20.25 -23.89
CA TYR F 105 21.87 20.69 -23.89
C TYR F 105 21.47 21.24 -22.52
N TYR F 106 22.06 20.67 -21.47
CA TYR F 106 21.69 20.98 -20.10
C TYR F 106 22.15 22.38 -19.68
N GLU F 107 23.06 22.97 -20.46
CA GLU F 107 23.65 24.25 -20.11
C GLU F 107 22.62 25.34 -19.84
N GLU F 108 21.61 25.43 -20.70
CA GLU F 108 20.56 26.43 -20.56
C GLU F 108 19.41 25.98 -19.65
N LEU F 109 19.31 24.68 -19.41
CA LEU F 109 18.25 24.15 -18.54
C LEU F 109 18.59 24.36 -17.07
N VAL F 110 19.82 24.02 -16.72
CA VAL F 110 20.22 23.95 -15.31
C VAL F 110 19.92 25.24 -14.54
N SER F 111 19.99 26.37 -15.23
CA SER F 111 19.77 27.66 -14.59
C SER F 111 18.30 28.10 -14.65
N GLN F 112 17.50 27.36 -15.40
CA GLN F 112 16.13 27.79 -15.68
C GLN F 112 15.04 26.91 -15.07
N VAL F 113 15.31 25.62 -14.94
CA VAL F 113 14.28 24.68 -14.48
C VAL F 113 14.25 24.52 -12.97
N ASN F 114 13.16 23.96 -12.46
CA ASN F 114 12.92 23.92 -11.03
C ASN F 114 12.98 22.51 -10.44
N ILE F 115 13.23 21.52 -11.29
CA ILE F 115 13.41 20.16 -10.82
C ILE F 115 14.77 19.64 -11.26
N PRO F 116 15.31 18.66 -10.53
CA PRO F 116 16.63 18.07 -10.80
C PRO F 116 16.70 17.42 -12.18
N ILE F 117 17.77 17.70 -12.90
CA ILE F 117 18.01 17.11 -14.21
C ILE F 117 19.19 16.14 -14.13
N LEU F 118 18.97 14.93 -14.61
CA LEU F 118 20.02 13.91 -14.60
C LEU F 118 20.43 13.60 -16.03
N ASN F 119 21.68 13.90 -16.36
CA ASN F 119 22.18 13.72 -17.71
C ASN F 119 22.53 12.27 -17.98
N ALA F 120 21.75 11.63 -18.85
CA ALA F 120 22.02 10.25 -19.25
C ALA F 120 22.86 10.21 -20.53
N GLY F 121 23.42 11.36 -20.88
CA GLY F 121 24.27 11.47 -22.05
C GLY F 121 23.92 12.66 -22.93
N ASP F 122 24.93 13.46 -23.29
CA ASP F 122 24.73 14.59 -24.18
C ASP F 122 25.70 14.56 -25.35
N GLY F 123 25.25 14.00 -26.47
CA GLY F 123 26.08 13.88 -27.65
C GLY F 123 27.41 13.23 -27.34
N CYS F 124 28.50 13.91 -27.71
CA CYS F 124 29.85 13.43 -27.43
C CYS F 124 30.38 14.11 -26.17
N GLY F 125 29.48 14.63 -25.34
CA GLY F 125 29.86 15.45 -24.20
C GLY F 125 30.17 14.71 -22.92
N GLN F 126 29.18 14.57 -22.06
CA GLN F 126 29.37 13.94 -20.75
C GLN F 126 28.46 12.73 -20.56
N HIS F 127 28.86 11.86 -19.63
CA HIS F 127 28.04 10.72 -19.26
C HIS F 127 28.32 10.34 -17.80
N PRO F 128 27.77 11.14 -16.88
CA PRO F 128 28.10 11.09 -15.45
C PRO F 128 27.83 9.76 -14.75
N THR F 129 26.64 9.19 -14.96
CA THR F 129 26.31 7.96 -14.25
C THR F 129 27.12 6.78 -14.76
N GLN F 130 27.52 6.83 -16.03
CA GLN F 130 28.42 5.81 -16.58
C GLN F 130 29.77 5.89 -15.89
N SER F 131 30.26 7.11 -15.73
CA SER F 131 31.53 7.37 -15.06
C SER F 131 31.48 6.93 -13.60
N LEU F 132 30.39 7.29 -12.91
CA LEU F 132 30.20 6.90 -11.52
C LEU F 132 30.21 5.39 -11.31
N LEU F 133 29.48 4.66 -12.15
CA LEU F 133 29.45 3.20 -12.04
C LEU F 133 30.78 2.61 -12.50
N ASP F 134 31.51 3.36 -13.31
CA ASP F 134 32.84 2.93 -13.74
C ASP F 134 33.79 3.02 -12.57
N LEU F 135 33.69 4.10 -11.80
CA LEU F 135 34.53 4.29 -10.63
C LEU F 135 34.20 3.26 -9.58
N MET F 136 32.90 3.05 -9.35
CA MET F 136 32.44 2.05 -8.40
C MET F 136 33.04 0.69 -8.71
N THR F 137 32.96 0.30 -9.98
CA THR F 137 33.45 -1.01 -10.41
C THR F 137 34.95 -1.11 -10.21
N ILE F 138 35.67 -0.04 -10.56
CA ILE F 138 37.12 -0.01 -10.36
C ILE F 138 37.47 -0.09 -8.87
N TYR F 139 36.76 0.68 -8.05
CA TYR F 139 37.05 0.73 -6.61
C TYR F 139 36.74 -0.60 -5.93
N GLU F 140 35.73 -1.31 -6.41
CA GLU F 140 35.40 -2.61 -5.85
C GLU F 140 36.52 -3.59 -6.15
N GLU F 141 37.27 -3.34 -7.22
CA GLU F 141 38.32 -4.24 -7.65
C GLU F 141 39.63 -4.00 -6.91
N PHE F 142 40.01 -2.74 -6.76
CA PHE F 142 41.33 -2.41 -6.22
C PHE F 142 41.26 -1.62 -4.93
N ASN F 143 40.06 -1.23 -4.52
CA ASN F 143 39.87 -0.52 -3.26
C ASN F 143 40.73 0.75 -3.16
N THR F 144 41.03 1.34 -4.32
CA THR F 144 41.78 2.59 -4.37
C THR F 144 41.89 3.08 -5.82
N PHE F 145 42.12 4.38 -5.99
CA PHE F 145 42.32 4.95 -7.33
C PHE F 145 43.77 5.39 -7.51
N LYS F 146 44.37 5.87 -6.43
CA LYS F 146 45.74 6.37 -6.44
C LYS F 146 46.71 5.32 -6.95
N GLY F 147 47.46 5.66 -8.01
CA GLY F 147 48.49 4.78 -8.51
C GLY F 147 48.03 3.85 -9.63
N LEU F 148 46.72 3.75 -9.82
CA LEU F 148 46.18 2.90 -10.87
C LEU F 148 46.54 3.43 -12.24
N THR F 149 46.73 2.52 -13.18
CA THR F 149 46.90 2.90 -14.57
C THR F 149 45.67 2.44 -15.33
N VAL F 150 44.94 3.40 -15.87
CA VAL F 150 43.73 3.10 -16.62
C VAL F 150 43.92 3.51 -18.07
N SER F 151 43.70 2.57 -19.00
CA SER F 151 43.83 2.88 -20.41
C SER F 151 42.47 2.86 -21.11
N ILE F 152 42.19 3.93 -21.85
CA ILE F 152 40.93 4.10 -22.57
C ILE F 152 41.18 4.07 -24.08
N HIS F 153 40.57 3.09 -24.76
CA HIS F 153 40.93 2.78 -26.14
C HIS F 153 39.82 2.99 -27.17
N GLY F 154 40.22 3.46 -28.35
CA GLY F 154 39.33 3.49 -29.49
C GLY F 154 38.88 4.87 -29.94
N ASP F 155 37.60 4.98 -30.25
CA ASP F 155 37.00 6.22 -30.70
C ASP F 155 36.84 7.20 -29.55
N ILE F 156 37.92 7.90 -29.21
CA ILE F 156 37.91 8.82 -28.08
C ILE F 156 37.15 10.10 -28.41
N LYS F 157 37.41 10.64 -29.59
CA LYS F 157 36.87 11.94 -30.00
C LYS F 157 35.36 12.07 -29.83
N HIS F 158 34.63 11.00 -30.14
CA HIS F 158 33.17 11.03 -30.08
C HIS F 158 32.61 10.40 -28.81
N SER F 159 33.44 10.26 -27.78
CA SER F 159 33.02 9.51 -26.58
C SER F 159 32.77 10.38 -25.35
N ARG F 160 31.51 10.43 -24.92
CA ARG F 160 31.16 11.11 -23.68
C ARG F 160 31.62 10.30 -22.47
N VAL F 161 31.79 8.99 -22.68
CA VAL F 161 32.31 8.11 -21.65
C VAL F 161 33.77 8.43 -21.36
N ALA F 162 34.57 8.53 -22.42
CA ALA F 162 35.99 8.85 -22.29
C ALA F 162 36.19 10.26 -21.74
N ARG F 163 35.40 11.20 -22.23
CA ARG F 163 35.53 12.59 -21.79
C ARG F 163 35.27 12.71 -20.29
N SER F 164 34.28 11.97 -19.80
CA SER F 164 33.97 11.98 -18.38
C SER F 164 35.02 11.25 -17.56
N ASN F 165 35.45 10.08 -18.03
CA ASN F 165 36.36 9.24 -17.26
C ASN F 165 37.80 9.76 -17.13
N ALA F 166 38.30 10.40 -18.19
CA ALA F 166 39.70 10.83 -18.22
C ALA F 166 40.04 11.89 -17.18
N GLU F 167 39.23 12.94 -17.09
CA GLU F 167 39.48 14.00 -16.12
C GLU F 167 39.34 13.50 -14.68
N VAL F 168 38.25 12.79 -14.40
CA VAL F 168 37.98 12.39 -13.03
C VAL F 168 38.95 11.31 -12.52
N LEU F 169 39.37 10.40 -13.40
CA LEU F 169 40.35 9.40 -13.02
C LEU F 169 41.67 10.07 -12.65
N THR F 170 42.05 11.05 -13.46
CA THR F 170 43.24 11.85 -13.18
C THR F 170 43.09 12.55 -11.84
N ARG F 171 41.99 13.27 -11.68
CA ARG F 171 41.72 14.01 -10.45
C ARG F 171 41.76 13.11 -9.20
N LEU F 172 41.51 11.82 -9.39
CA LEU F 172 41.51 10.88 -8.26
C LEU F 172 42.87 10.21 -8.03
N GLY F 173 43.83 10.49 -8.91
CA GLY F 173 45.19 10.04 -8.71
C GLY F 173 45.61 8.81 -9.51
N ALA F 174 44.93 8.59 -10.63
CA ALA F 174 45.29 7.50 -11.52
C ALA F 174 45.91 8.05 -12.79
N ARG F 175 46.81 7.28 -13.40
CA ARG F 175 47.36 7.67 -14.70
C ARG F 175 46.47 7.14 -15.82
N VAL F 176 46.15 8.01 -16.77
CA VAL F 176 45.27 7.65 -17.87
C VAL F 176 46.04 7.52 -19.18
N LEU F 177 45.75 6.45 -19.92
CA LEU F 177 46.37 6.22 -21.22
C LEU F 177 45.31 6.14 -22.31
N PHE F 178 45.61 6.72 -23.48
CA PHE F 178 44.74 6.63 -24.64
C PHE F 178 45.39 5.79 -25.72
N SER F 179 44.56 5.11 -26.51
CA SER F 179 45.04 4.43 -27.71
C SER F 179 43.96 4.47 -28.78
N GLY F 180 44.27 3.93 -29.96
CA GLY F 180 43.31 3.88 -31.05
C GLY F 180 43.69 4.75 -32.22
N PRO F 181 42.87 4.74 -33.28
CA PRO F 181 43.09 5.52 -34.51
C PRO F 181 43.46 6.97 -34.21
N SER F 182 44.56 7.43 -34.78
CA SER F 182 45.05 8.77 -34.52
C SER F 182 44.03 9.84 -34.89
N GLU F 183 43.27 9.60 -35.95
CA GLU F 183 42.29 10.57 -36.41
C GLU F 183 41.08 10.66 -35.49
N TRP F 184 40.91 9.67 -34.61
CA TRP F 184 39.80 9.67 -33.66
C TRP F 184 40.23 10.10 -32.27
N GLN F 185 41.43 10.67 -32.17
CA GLN F 185 41.91 11.18 -30.88
C GLN F 185 41.36 12.57 -30.64
N ASP F 186 41.32 12.97 -29.38
CA ASP F 186 40.65 14.20 -28.99
C ASP F 186 41.62 15.30 -28.56
N GLU F 187 41.46 16.49 -29.13
CA GLU F 187 42.25 17.64 -28.73
C GLU F 187 41.67 18.26 -27.46
N GLU F 188 40.36 18.11 -27.30
CA GLU F 188 39.68 18.68 -26.14
C GLU F 188 39.71 17.71 -24.96
N ASN F 189 40.63 16.75 -25.02
CA ASN F 189 40.80 15.79 -23.93
C ASN F 189 42.26 15.41 -23.74
N THR F 190 42.97 16.22 -22.97
CA THR F 190 44.40 16.04 -22.77
C THR F 190 44.72 15.48 -21.38
N PHE F 191 43.82 14.68 -20.84
CA PHE F 191 43.99 14.11 -19.52
C PHE F 191 44.58 12.71 -19.58
N GLY F 192 45.23 12.38 -20.67
CA GLY F 192 45.83 11.08 -20.84
C GLY F 192 46.95 11.10 -21.86
N THR F 193 47.78 10.08 -21.84
CA THR F 193 48.88 9.96 -22.78
C THR F 193 48.49 9.00 -23.89
N TYR F 194 48.69 9.44 -25.13
CA TYR F 194 48.42 8.61 -26.28
C TYR F 194 49.52 7.58 -26.48
N VAL F 195 49.14 6.31 -26.53
CA VAL F 195 50.08 5.22 -26.80
C VAL F 195 49.39 4.17 -27.65
N SER F 196 50.07 3.07 -27.90
CA SER F 196 49.48 1.99 -28.68
C SER F 196 48.81 0.99 -27.75
N MET F 197 47.82 0.27 -28.27
CA MET F 197 47.12 -0.74 -27.50
C MET F 197 48.09 -1.76 -26.93
N ASP F 198 49.11 -2.12 -27.71
CA ASP F 198 50.08 -3.12 -27.30
C ASP F 198 50.91 -2.67 -26.10
N GLU F 199 51.25 -1.38 -26.06
CA GLU F 199 52.00 -0.83 -24.94
C GLU F 199 51.14 -0.74 -23.68
N ALA F 200 49.93 -0.22 -23.83
CA ALA F 200 49.04 0.01 -22.70
C ALA F 200 48.53 -1.27 -22.03
N VAL F 201 48.25 -2.29 -22.83
CA VAL F 201 47.65 -3.52 -22.32
C VAL F 201 48.55 -4.29 -21.33
N GLU F 202 49.80 -3.83 -21.17
CA GLU F 202 50.72 -4.49 -20.24
C GLU F 202 50.96 -3.64 -19.00
N SER F 203 50.80 -2.34 -19.14
CA SER F 203 51.05 -1.41 -18.04
C SER F 203 49.76 -1.00 -17.34
N SER F 204 48.63 -1.49 -17.83
CA SER F 204 47.33 -1.07 -17.31
C SER F 204 46.78 -1.98 -16.22
N ASP F 205 46.10 -1.37 -15.26
CA ASP F 205 45.38 -2.12 -14.26
C ASP F 205 43.94 -2.25 -14.72
N VAL F 206 43.50 -1.26 -15.48
CA VAL F 206 42.17 -1.29 -16.08
C VAL F 206 42.26 -0.98 -17.57
N VAL F 207 41.75 -1.90 -18.38
CA VAL F 207 41.70 -1.70 -19.83
C VAL F 207 40.26 -1.42 -20.24
N MET F 208 39.97 -0.17 -20.56
CA MET F 208 38.60 0.23 -20.88
C MET F 208 38.39 0.36 -22.39
N LEU F 209 37.60 -0.56 -22.95
CA LEU F 209 37.28 -0.55 -24.36
C LEU F 209 36.08 0.35 -24.66
N LEU F 210 36.07 0.95 -25.85
CA LEU F 210 34.97 1.78 -26.29
C LEU F 210 34.42 1.29 -27.61
N ARG F 211 33.11 1.44 -27.78
CA ARG F 211 32.45 1.15 -29.05
C ARG F 211 32.76 2.28 -30.03
N ILE F 212 32.87 1.93 -31.31
CA ILE F 212 33.01 2.96 -32.34
C ILE F 212 31.68 3.67 -32.47
N GLN F 213 31.69 4.99 -32.32
CA GLN F 213 30.49 5.79 -32.40
C GLN F 213 30.05 6.03 -33.84
N ASN F 214 29.84 4.96 -34.59
CA ASN F 214 29.51 5.08 -36.01
C ASN F 214 28.45 6.12 -36.29
N GLU F 215 27.41 6.14 -35.47
CA GLU F 215 26.27 7.03 -35.71
C GLU F 215 26.60 8.51 -35.48
N ARG F 216 27.78 8.80 -34.96
CA ARG F 216 28.17 10.18 -34.68
C ARG F 216 29.23 10.72 -35.65
N HIS F 217 29.78 9.86 -36.49
CA HIS F 217 30.81 10.27 -37.45
C HIS F 217 30.22 11.13 -38.56
N GLN F 218 30.80 12.30 -38.80
CA GLN F 218 30.33 13.18 -39.86
C GLN F 218 30.39 12.48 -41.22
N SER F 219 31.34 11.56 -41.36
CA SER F 219 31.45 10.76 -42.57
C SER F 219 31.92 9.36 -42.25
N ALA F 220 31.29 8.36 -42.85
CA ALA F 220 31.64 6.97 -42.61
C ALA F 220 33.02 6.64 -43.18
N VAL F 221 33.79 5.86 -42.44
CA VAL F 221 35.10 5.42 -42.90
C VAL F 221 35.23 3.93 -42.67
N SER F 222 36.02 3.26 -43.51
CA SER F 222 36.24 1.83 -43.36
C SER F 222 36.77 1.48 -41.98
N GLN F 223 36.42 0.31 -41.50
CA GLN F 223 36.93 -0.17 -40.22
C GLN F 223 37.34 -1.63 -40.32
N GLU F 224 37.71 -2.05 -41.53
CA GLU F 224 38.20 -3.41 -41.75
C GLU F 224 39.44 -3.70 -40.91
N GLY F 225 39.48 -4.88 -40.33
CA GLY F 225 40.60 -5.31 -39.50
C GLY F 225 40.81 -4.45 -38.28
N TYR F 226 39.75 -3.81 -37.79
CA TYR F 226 39.86 -2.96 -36.61
C TYR F 226 40.31 -3.74 -35.40
N LEU F 227 39.81 -4.97 -35.27
CA LEU F 227 40.16 -5.80 -34.13
C LEU F 227 41.66 -6.02 -34.03
N ASN F 228 42.25 -6.57 -35.09
CA ASN F 228 43.69 -6.81 -35.12
C ASN F 228 44.51 -5.53 -34.90
N LYS F 229 44.07 -4.44 -35.50
CA LYS F 229 44.81 -3.18 -35.41
C LYS F 229 44.68 -2.47 -34.07
N TYR F 230 43.45 -2.18 -33.66
CA TYR F 230 43.21 -1.34 -32.48
C TYR F 230 42.48 -2.05 -31.34
N GLY F 231 41.99 -3.26 -31.61
CA GLY F 231 41.12 -3.93 -30.66
C GLY F 231 41.80 -4.73 -29.57
N LEU F 232 41.00 -5.27 -28.66
CA LEU F 232 41.50 -6.19 -27.65
C LEU F 232 41.41 -7.61 -28.17
N THR F 233 42.47 -8.05 -28.84
CA THR F 233 42.54 -9.41 -29.36
C THR F 233 42.80 -10.38 -28.22
N VAL F 234 42.63 -11.67 -28.50
CA VAL F 234 42.94 -12.69 -27.50
C VAL F 234 44.41 -12.61 -27.09
N GLU F 235 45.26 -12.38 -28.08
CA GLU F 235 46.70 -12.29 -27.86
C GLU F 235 47.05 -11.14 -26.92
N ARG F 236 46.47 -9.97 -27.16
CA ARG F 236 46.72 -8.81 -26.30
C ARG F 236 46.19 -9.01 -24.87
N ALA F 237 45.06 -9.70 -24.76
CA ALA F 237 44.45 -9.95 -23.45
C ALA F 237 45.36 -10.86 -22.61
N GLU F 238 45.98 -11.83 -23.24
CA GLU F 238 46.85 -12.76 -22.53
C GLU F 238 48.08 -12.07 -21.97
N ARG F 239 48.32 -10.84 -22.41
CA ARG F 239 49.48 -10.09 -21.92
C ARG F 239 49.11 -9.06 -20.87
N MET F 240 47.86 -9.09 -20.41
CA MET F 240 47.41 -8.20 -19.35
C MET F 240 47.95 -8.65 -18.00
N LYS F 241 48.06 -7.72 -17.06
CA LYS F 241 48.48 -8.06 -15.71
C LYS F 241 47.53 -9.08 -15.10
N ARG F 242 48.05 -9.88 -14.18
CA ARG F 242 47.26 -10.91 -13.51
C ARG F 242 45.98 -10.33 -12.90
N HIS F 243 46.10 -9.12 -12.36
CA HIS F 243 45.03 -8.50 -11.57
C HIS F 243 44.25 -7.46 -12.37
N ALA F 244 44.66 -7.22 -13.62
CA ALA F 244 44.00 -6.23 -14.45
C ALA F 244 42.60 -6.68 -14.86
N ILE F 245 41.73 -5.73 -15.15
CA ILE F 245 40.36 -6.04 -15.56
C ILE F 245 39.98 -5.37 -16.88
N ILE F 246 39.04 -5.99 -17.57
CA ILE F 246 38.50 -5.45 -18.82
C ILE F 246 37.16 -4.76 -18.55
N MET F 247 37.01 -3.54 -19.04
CA MET F 247 35.74 -2.82 -18.92
C MET F 247 35.28 -2.30 -20.26
N HIS F 248 34.00 -1.94 -20.34
CA HIS F 248 33.38 -1.50 -21.59
C HIS F 248 31.97 -1.02 -21.25
N PRO F 249 31.66 0.24 -21.62
CA PRO F 249 30.37 0.84 -21.25
C PRO F 249 29.21 0.11 -21.91
N ALA F 250 29.49 -0.61 -22.99
CA ALA F 250 28.46 -1.32 -23.75
C ALA F 250 27.55 -0.36 -24.53
N PRO F 251 26.85 -0.88 -25.56
CA PRO F 251 26.90 -2.28 -25.97
C PRO F 251 28.23 -2.61 -26.64
N VAL F 252 28.64 -3.87 -26.54
CA VAL F 252 29.84 -4.33 -27.18
C VAL F 252 29.56 -4.67 -28.65
N ASN F 253 30.47 -4.28 -29.53
CA ASN F 253 30.45 -4.77 -30.90
C ASN F 253 31.47 -5.89 -31.04
N ARG F 254 31.04 -7.10 -30.71
CA ARG F 254 31.91 -8.27 -30.72
C ARG F 254 32.57 -8.45 -32.09
N GLY F 255 33.89 -8.67 -32.08
CA GLY F 255 34.63 -8.81 -33.32
C GLY F 255 35.19 -7.49 -33.82
N VAL F 256 34.77 -6.40 -33.20
CA VAL F 256 35.29 -5.08 -33.56
C VAL F 256 36.34 -4.62 -32.54
N GLU F 257 35.89 -3.99 -31.46
CA GLU F 257 36.81 -3.46 -30.46
C GLU F 257 37.25 -4.52 -29.44
N ILE F 258 36.64 -5.70 -29.51
CA ILE F 258 37.00 -6.77 -28.60
C ILE F 258 36.69 -8.14 -29.19
N ASP F 259 37.57 -9.11 -28.98
CA ASP F 259 37.34 -10.47 -29.43
C ASP F 259 36.10 -11.07 -28.75
N ASP F 260 35.33 -11.83 -29.51
CA ASP F 260 34.08 -12.40 -29.03
C ASP F 260 34.24 -13.25 -27.78
N SER F 261 35.42 -13.86 -27.62
CA SER F 261 35.65 -14.78 -26.52
C SER F 261 35.99 -14.07 -25.21
N LEU F 262 36.27 -12.77 -25.28
CA LEU F 262 36.76 -12.04 -24.13
C LEU F 262 35.65 -11.36 -23.34
N VAL F 263 34.52 -11.09 -23.99
CA VAL F 263 33.42 -10.38 -23.36
C VAL F 263 33.10 -10.94 -21.97
N GLU F 264 33.00 -12.26 -21.88
CA GLU F 264 32.70 -12.90 -20.60
C GLU F 264 33.84 -13.77 -20.11
N SER F 265 35.06 -13.27 -20.26
CA SER F 265 36.25 -13.98 -19.81
C SER F 265 36.59 -13.62 -18.36
N GLU F 266 37.57 -14.32 -17.80
CA GLU F 266 37.95 -14.18 -16.40
C GLU F 266 38.15 -12.73 -15.93
N LYS F 267 38.88 -11.95 -16.71
CA LYS F 267 39.25 -10.59 -16.31
C LYS F 267 38.19 -9.56 -16.68
N SER F 268 37.10 -10.00 -17.30
CA SER F 268 36.06 -9.08 -17.72
C SER F 268 35.15 -8.64 -16.57
N ARG F 269 34.86 -7.34 -16.53
CA ARG F 269 33.93 -6.79 -15.54
C ARG F 269 32.81 -6.04 -16.25
N ILE F 270 32.62 -6.34 -17.54
CA ILE F 270 31.65 -5.61 -18.35
C ILE F 270 30.22 -5.75 -17.81
N PHE F 271 29.79 -6.97 -17.52
CA PHE F 271 28.44 -7.15 -16.98
C PHE F 271 28.30 -6.71 -15.53
N LYS F 272 29.40 -6.76 -14.77
CA LYS F 272 29.39 -6.23 -13.41
C LYS F 272 29.09 -4.75 -13.43
N GLN F 273 29.65 -4.04 -14.41
CA GLN F 273 29.38 -2.63 -14.59
C GLN F 273 27.88 -2.38 -14.69
N MET F 274 27.21 -3.16 -15.52
CA MET F 274 25.78 -3.01 -15.74
C MET F 274 25.00 -3.26 -14.46
N LYS F 275 25.48 -4.19 -13.65
CA LYS F 275 24.86 -4.47 -12.37
C LYS F 275 24.96 -3.24 -11.47
N ASN F 276 26.16 -2.68 -11.36
CA ASN F 276 26.37 -1.50 -10.50
C ASN F 276 25.56 -0.28 -10.94
N GLY F 277 25.33 -0.18 -12.25
CA GLY F 277 24.60 0.95 -12.81
C GLY F 277 23.32 1.22 -12.05
N VAL F 278 22.55 0.17 -11.78
CA VAL F 278 21.27 0.31 -11.10
C VAL F 278 21.44 1.03 -9.78
N PHE F 279 22.42 0.59 -9.00
CA PHE F 279 22.63 1.13 -7.66
C PHE F 279 23.22 2.55 -7.69
N ILE F 280 24.14 2.79 -8.63
CA ILE F 280 24.68 4.13 -8.81
C ILE F 280 23.54 5.11 -9.10
N ARG F 281 22.57 4.65 -9.88
CA ARG F 281 21.51 5.55 -10.33
C ARG F 281 20.42 5.74 -9.27
N MET F 282 20.23 4.73 -8.42
CA MET F 282 19.39 4.93 -7.24
C MET F 282 20.00 6.03 -6.37
N ALA F 283 21.30 5.89 -6.09
CA ALA F 283 22.02 6.87 -5.29
C ALA F 283 21.93 8.27 -5.88
N VAL F 284 22.07 8.37 -7.20
CA VAL F 284 22.04 9.65 -7.88
C VAL F 284 20.64 10.29 -7.83
N ILE F 285 19.60 9.47 -7.91
CA ILE F 285 18.24 9.99 -7.78
C ILE F 285 17.98 10.49 -6.36
N GLN F 286 18.48 9.76 -5.37
CA GLN F 286 18.35 10.18 -3.97
C GLN F 286 19.06 11.50 -3.73
N ARG F 287 20.27 11.63 -4.28
CA ARG F 287 21.01 12.88 -4.20
C ARG F 287 20.19 14.02 -4.80
N ALA F 288 19.52 13.75 -5.92
CA ALA F 288 18.74 14.77 -6.62
C ALA F 288 17.53 15.25 -5.82
N LEU F 289 16.88 14.35 -5.10
CA LEU F 289 15.64 14.67 -4.41
C LEU F 289 15.81 14.89 -2.91
N GLN F 290 16.89 15.57 -2.52
CA GLN F 290 17.10 15.99 -1.14
C GLN F 290 18.42 16.72 -0.98
#